data_8PR6
# 
_entry.id   8PR6 
# 
_audit_conform.dict_name       mmcif_pdbx.dic 
_audit_conform.dict_version    5.399 
_audit_conform.dict_location   http://mmcif.pdb.org/dictionaries/ascii/mmcif_pdbx.dic 
# 
loop_
_database_2.database_id 
_database_2.database_code 
_database_2.pdbx_database_accession 
_database_2.pdbx_DOI 
PDB   8PR6         pdb_00008pr6 10.2210/pdb8pr6/pdb 
WWPDB D_1292131748 ?            ?                   
# 
loop_
_pdbx_audit_revision_history.ordinal 
_pdbx_audit_revision_history.data_content_type 
_pdbx_audit_revision_history.major_revision 
_pdbx_audit_revision_history.minor_revision 
_pdbx_audit_revision_history.revision_date 
1 'Structure model' 1 0 2023-10-25 
2 'Structure model' 1 1 2024-11-20 
# 
_pdbx_audit_revision_details.ordinal             1 
_pdbx_audit_revision_details.revision_ordinal    1 
_pdbx_audit_revision_details.data_content_type   'Structure model' 
_pdbx_audit_revision_details.provider            repository 
_pdbx_audit_revision_details.type                'Initial release' 
_pdbx_audit_revision_details.description         ? 
_pdbx_audit_revision_details.details             ? 
# 
loop_
_pdbx_audit_revision_group.ordinal 
_pdbx_audit_revision_group.revision_ordinal 
_pdbx_audit_revision_group.data_content_type 
_pdbx_audit_revision_group.group 
1 2 'Structure model' 'Database references' 
2 2 'Structure model' 'Structure summary'   
# 
loop_
_pdbx_audit_revision_category.ordinal 
_pdbx_audit_revision_category.revision_ordinal 
_pdbx_audit_revision_category.data_content_type 
_pdbx_audit_revision_category.category 
1 2 'Structure model' citation                  
2 2 'Structure model' pdbx_entry_details        
3 2 'Structure model' pdbx_modification_feature 
# 
loop_
_pdbx_audit_revision_item.ordinal 
_pdbx_audit_revision_item.revision_ordinal 
_pdbx_audit_revision_item.data_content_type 
_pdbx_audit_revision_item.item 
1 2 'Structure model' '_citation.country'         
2 2 'Structure model' '_citation.journal_id_ISSN' 
# 
_pdbx_database_status.status_code                     REL 
_pdbx_database_status.status_code_sf                  REL 
_pdbx_database_status.status_code_mr                  ? 
_pdbx_database_status.entry_id                        8PR6 
_pdbx_database_status.recvd_initial_deposition_date   2023-07-12 
_pdbx_database_status.SG_entry                        N 
_pdbx_database_status.deposit_site                    PDBE 
_pdbx_database_status.process_site                    PDBE 
_pdbx_database_status.status_code_cs                  ? 
_pdbx_database_status.status_code_nmr_data            ? 
_pdbx_database_status.methods_development_category    ? 
_pdbx_database_status.pdb_format_compatible           Y 
# 
_pdbx_contact_author.id                 2 
_pdbx_contact_author.email              joris.messens@vub.be 
_pdbx_contact_author.name_first         Joris 
_pdbx_contact_author.name_last          Messens 
_pdbx_contact_author.name_mi            ? 
_pdbx_contact_author.role               'principal investigator/group leader' 
_pdbx_contact_author.identifier_ORCID   0000-0002-2128-8264 
# 
loop_
_audit_author.name 
_audit_author.pdbx_ordinal 
_audit_author.identifier_ORCID 
'Baranova, E.V.' 1 0000-0003-3211-7134 
'Wahni, K.'      2 0000-0003-0591-2378 
'Ezerina, D.'    3 0000-0002-3104-7093 
'Messens, J.'    4 0000-0002-2128-8264 
# 
_citation.abstract                  ? 
_citation.abstract_id_CAS           ? 
_citation.book_id_ISBN              ? 
_citation.book_publisher            ? 
_citation.book_publisher_city       ? 
_citation.book_title                ? 
_citation.coordinate_linkage        ? 
_citation.country                   NE 
_citation.database_id_Medline       ? 
_citation.details                   ? 
_citation.id                        primary 
_citation.journal_abbrev            'Redox Biochem. Chem.' 
_citation.journal_id_ASTM           ? 
_citation.journal_id_CSD            ? 
_citation.journal_id_ISSN           2773-1766 
_citation.journal_full              ? 
_citation.journal_issue             ? 
_citation.journal_volume            5-6 
_citation.language                  ? 
_citation.page_first                100014 
_citation.page_last                 ? 
_citation.title                     
;Unveiling the enigmatic traits of Corynebacterium glutamicum mycoredoxin-3: A tiny redox protein displaying swapped homodimer formation and DsbA-like oxidase activity
;
_citation.year                      2023 
_citation.database_id_CSD           ? 
_citation.pdbx_database_id_DOI      10.1016/j.rbc.2023.100014 
_citation.pdbx_database_id_PubMed   ? 
_citation.pdbx_database_id_patent   ? 
_citation.unpublished_flag          ? 
# 
loop_
_citation_author.citation_id 
_citation_author.name 
_citation_author.ordinal 
_citation_author.identifier_ORCID 
primary 'Wahni, K.'     1 ? 
primary 'Baranova, E.'  2 ? 
primary 'Ezerina, D.'   3 ? 
primary 'Van Molle, I.' 4 ? 
primary 'Van Laer, K.'  5 ? 
primary 'Messens, J.'   6 ? 
# 
loop_
_entity.id 
_entity.type 
_entity.src_method 
_entity.pdbx_description 
_entity.formula_weight 
_entity.pdbx_number_of_molecules 
_entity.pdbx_ec 
_entity.pdbx_mutation 
_entity.pdbx_fragment 
_entity.details 
1 polymer man 'Thioredoxin family protein' 9557.730 2   ? ? ? ? 
2 water   nat water                        18.015   105 ? ? ? ? 
# 
_entity_name_com.entity_id   1 
_entity_name_com.name        Mrx3 
# 
_entity_poly.entity_id                      1 
_entity_poly.type                           'polypeptide(L)' 
_entity_poly.nstd_linkage                   no 
_entity_poly.nstd_monomer                   no 
_entity_poly.pdbx_seq_one_letter_code       
;GHSVEIIVRDNCGSCVRVKAQILPIVEAAGIKLTERNVDQDASLKLEFGDRVPVILVDDEEFACWEVDNDELANALLLEH
HHHHH
;
_entity_poly.pdbx_seq_one_letter_code_can   
;GHSVEIIVRDNCGSCVRVKAQILPIVEAAGIKLTERNVDQDASLKLEFGDRVPVILVDDEEFACWEVDNDELANALLLEH
HHHHH
;
_entity_poly.pdbx_strand_id                 A,B 
_entity_poly.pdbx_target_identifier         ? 
# 
_pdbx_entity_nonpoly.entity_id   2 
_pdbx_entity_nonpoly.name        water 
_pdbx_entity_nonpoly.comp_id     HOH 
# 
loop_
_entity_poly_seq.entity_id 
_entity_poly_seq.num 
_entity_poly_seq.mon_id 
_entity_poly_seq.hetero 
1 1  GLY n 
1 2  HIS n 
1 3  SER n 
1 4  VAL n 
1 5  GLU n 
1 6  ILE n 
1 7  ILE n 
1 8  VAL n 
1 9  ARG n 
1 10 ASP n 
1 11 ASN n 
1 12 CYS n 
1 13 GLY n 
1 14 SER n 
1 15 CYS n 
1 16 VAL n 
1 17 ARG n 
1 18 VAL n 
1 19 LYS n 
1 20 ALA n 
1 21 GLN n 
1 22 ILE n 
1 23 LEU n 
1 24 PRO n 
1 25 ILE n 
1 26 VAL n 
1 27 GLU n 
1 28 ALA n 
1 29 ALA n 
1 30 GLY n 
1 31 ILE n 
1 32 LYS n 
1 33 LEU n 
1 34 THR n 
1 35 GLU n 
1 36 ARG n 
1 37 ASN n 
1 38 VAL n 
1 39 ASP n 
1 40 GLN n 
1 41 ASP n 
1 42 ALA n 
1 43 SER n 
1 44 LEU n 
1 45 LYS n 
1 46 LEU n 
1 47 GLU n 
1 48 PHE n 
1 49 GLY n 
1 50 ASP n 
1 51 ARG n 
1 52 VAL n 
1 53 PRO n 
1 54 VAL n 
1 55 ILE n 
1 56 LEU n 
1 57 VAL n 
1 58 ASP n 
1 59 ASP n 
1 60 GLU n 
1 61 GLU n 
1 62 PHE n 
1 63 ALA n 
1 64 CYS n 
1 65 TRP n 
1 66 GLU n 
1 67 VAL n 
1 68 ASP n 
1 69 ASN n 
1 70 ASP n 
1 71 GLU n 
1 72 LEU n 
1 73 ALA n 
1 74 ASN n 
1 75 ALA n 
1 76 LEU n 
1 77 LEU n 
1 78 LEU n 
1 79 GLU n 
1 80 HIS n 
1 81 HIS n 
1 82 HIS n 
1 83 HIS n 
1 84 HIS n 
1 85 HIS n 
# 
_entity_src_gen.entity_id                          1 
_entity_src_gen.pdbx_src_id                        1 
_entity_src_gen.pdbx_alt_source_flag               sample 
_entity_src_gen.pdbx_seq_type                      'Biological sequence' 
_entity_src_gen.pdbx_beg_seq_num                   1 
_entity_src_gen.pdbx_end_seq_num                   85 
_entity_src_gen.gene_src_common_name               ? 
_entity_src_gen.gene_src_genus                     ? 
_entity_src_gen.pdbx_gene_src_gene                 AUO95_11055 
_entity_src_gen.gene_src_species                   ? 
_entity_src_gen.gene_src_strain                    ? 
_entity_src_gen.gene_src_tissue                    ? 
_entity_src_gen.gene_src_tissue_fraction           ? 
_entity_src_gen.gene_src_details                   ? 
_entity_src_gen.pdbx_gene_src_fragment             ? 
_entity_src_gen.pdbx_gene_src_scientific_name      'Corynebacterium glutamicum' 
_entity_src_gen.pdbx_gene_src_ncbi_taxonomy_id     1718 
_entity_src_gen.pdbx_gene_src_variant              ? 
_entity_src_gen.pdbx_gene_src_cell_line            ? 
_entity_src_gen.pdbx_gene_src_atcc                 ? 
_entity_src_gen.pdbx_gene_src_organ                ? 
_entity_src_gen.pdbx_gene_src_organelle            ? 
_entity_src_gen.pdbx_gene_src_cell                 ? 
_entity_src_gen.pdbx_gene_src_cellular_location    ? 
_entity_src_gen.host_org_common_name               ? 
_entity_src_gen.pdbx_host_org_scientific_name      'Escherichia coli BL21(DE3)' 
_entity_src_gen.pdbx_host_org_ncbi_taxonomy_id     469008 
_entity_src_gen.host_org_genus                     ? 
_entity_src_gen.pdbx_host_org_gene                 ? 
_entity_src_gen.pdbx_host_org_organ                ? 
_entity_src_gen.host_org_species                   ? 
_entity_src_gen.pdbx_host_org_tissue               ? 
_entity_src_gen.pdbx_host_org_tissue_fraction      ? 
_entity_src_gen.pdbx_host_org_strain               ? 
_entity_src_gen.pdbx_host_org_variant              ? 
_entity_src_gen.pdbx_host_org_cell_line            ? 
_entity_src_gen.pdbx_host_org_atcc                 ? 
_entity_src_gen.pdbx_host_org_culture_collection   ? 
_entity_src_gen.pdbx_host_org_cell                 ? 
_entity_src_gen.pdbx_host_org_organelle            ? 
_entity_src_gen.pdbx_host_org_cellular_location    ? 
_entity_src_gen.pdbx_host_org_vector_type          ? 
_entity_src_gen.pdbx_host_org_vector               ? 
_entity_src_gen.host_org_details                   ? 
_entity_src_gen.expression_system_id               ? 
_entity_src_gen.plasmid_name                       ? 
_entity_src_gen.plasmid_details                    ? 
_entity_src_gen.pdbx_description                   ? 
# 
loop_
_chem_comp.id 
_chem_comp.type 
_chem_comp.mon_nstd_flag 
_chem_comp.name 
_chem_comp.pdbx_synonyms 
_chem_comp.formula 
_chem_comp.formula_weight 
ALA 'L-peptide linking' y ALANINE         ? 'C3 H7 N O2'     89.093  
ARG 'L-peptide linking' y ARGININE        ? 'C6 H15 N4 O2 1' 175.209 
ASN 'L-peptide linking' y ASPARAGINE      ? 'C4 H8 N2 O3'    132.118 
ASP 'L-peptide linking' y 'ASPARTIC ACID' ? 'C4 H7 N O4'     133.103 
CYS 'L-peptide linking' y CYSTEINE        ? 'C3 H7 N O2 S'   121.158 
GLN 'L-peptide linking' y GLUTAMINE       ? 'C5 H10 N2 O3'   146.144 
GLU 'L-peptide linking' y 'GLUTAMIC ACID' ? 'C5 H9 N O4'     147.129 
GLY 'peptide linking'   y GLYCINE         ? 'C2 H5 N O2'     75.067  
HIS 'L-peptide linking' y HISTIDINE       ? 'C6 H10 N3 O2 1' 156.162 
HOH non-polymer         . WATER           ? 'H2 O'           18.015  
ILE 'L-peptide linking' y ISOLEUCINE      ? 'C6 H13 N O2'    131.173 
LEU 'L-peptide linking' y LEUCINE         ? 'C6 H13 N O2'    131.173 
LYS 'L-peptide linking' y LYSINE          ? 'C6 H15 N2 O2 1' 147.195 
PHE 'L-peptide linking' y PHENYLALANINE   ? 'C9 H11 N O2'    165.189 
PRO 'L-peptide linking' y PROLINE         ? 'C5 H9 N O2'     115.130 
SER 'L-peptide linking' y SERINE          ? 'C3 H7 N O3'     105.093 
THR 'L-peptide linking' y THREONINE       ? 'C4 H9 N O3'     119.119 
TRP 'L-peptide linking' y TRYPTOPHAN      ? 'C11 H12 N2 O2'  204.225 
VAL 'L-peptide linking' y VALINE          ? 'C5 H11 N O2'    117.146 
# 
loop_
_pdbx_poly_seq_scheme.asym_id 
_pdbx_poly_seq_scheme.entity_id 
_pdbx_poly_seq_scheme.seq_id 
_pdbx_poly_seq_scheme.mon_id 
_pdbx_poly_seq_scheme.ndb_seq_num 
_pdbx_poly_seq_scheme.pdb_seq_num 
_pdbx_poly_seq_scheme.auth_seq_num 
_pdbx_poly_seq_scheme.pdb_mon_id 
_pdbx_poly_seq_scheme.auth_mon_id 
_pdbx_poly_seq_scheme.pdb_strand_id 
_pdbx_poly_seq_scheme.pdb_ins_code 
_pdbx_poly_seq_scheme.hetero 
A 1 1  GLY 1  1  1  GLY GLY A . n 
A 1 2  HIS 2  2  2  HIS HIS A . n 
A 1 3  SER 3  3  3  SER SER A . n 
A 1 4  VAL 4  4  4  VAL VAL A . n 
A 1 5  GLU 5  5  5  GLU GLU A . n 
A 1 6  ILE 6  6  6  ILE ILE A . n 
A 1 7  ILE 7  7  7  ILE ILE A . n 
A 1 8  VAL 8  8  8  VAL VAL A . n 
A 1 9  ARG 9  9  9  ARG ARG A . n 
A 1 10 ASP 10 10 10 ASP ASP A . n 
A 1 11 ASN 11 11 11 ASN ASN A . n 
A 1 12 CYS 12 12 12 CYS CYS A . n 
A 1 13 GLY 13 13 13 GLY GLY A . n 
A 1 14 SER 14 14 14 SER SER A . n 
A 1 15 CYS 15 15 15 CYS CYS A . n 
A 1 16 VAL 16 16 16 VAL VAL A . n 
A 1 17 ARG 17 17 17 ARG ARG A . n 
A 1 18 VAL 18 18 18 VAL VAL A . n 
A 1 19 LYS 19 19 19 LYS LYS A . n 
A 1 20 ALA 20 20 20 ALA ALA A . n 
A 1 21 GLN 21 21 21 GLN GLN A . n 
A 1 22 ILE 22 22 22 ILE ILE A . n 
A 1 23 LEU 23 23 23 LEU LEU A . n 
A 1 24 PRO 24 24 24 PRO PRO A . n 
A 1 25 ILE 25 25 25 ILE ILE A . n 
A 1 26 VAL 26 26 26 VAL VAL A . n 
A 1 27 GLU 27 27 27 GLU GLU A . n 
A 1 28 ALA 28 28 28 ALA ALA A . n 
A 1 29 ALA 29 29 29 ALA ALA A . n 
A 1 30 GLY 30 30 30 GLY GLY A . n 
A 1 31 ILE 31 31 31 ILE ILE A . n 
A 1 32 LYS 32 32 32 LYS LYS A . n 
A 1 33 LEU 33 33 33 LEU LEU A . n 
A 1 34 THR 34 34 34 THR THR A . n 
A 1 35 GLU 35 35 35 GLU GLU A . n 
A 1 36 ARG 36 36 36 ARG ARG A . n 
A 1 37 ASN 37 37 37 ASN ASN A . n 
A 1 38 VAL 38 38 38 VAL VAL A . n 
A 1 39 ASP 39 39 39 ASP ASP A . n 
A 1 40 GLN 40 40 40 GLN GLN A . n 
A 1 41 ASP 41 41 41 ASP ASP A . n 
A 1 42 ALA 42 42 42 ALA ALA A . n 
A 1 43 SER 43 43 43 SER SER A . n 
A 1 44 LEU 44 44 44 LEU LEU A . n 
A 1 45 LYS 45 45 45 LYS LYS A . n 
A 1 46 LEU 46 46 46 LEU LEU A . n 
A 1 47 GLU 47 47 47 GLU GLU A . n 
A 1 48 PHE 48 48 48 PHE PHE A . n 
A 1 49 GLY 49 49 49 GLY GLY A . n 
A 1 50 ASP 50 50 50 ASP ASP A . n 
A 1 51 ARG 51 51 51 ARG ARG A . n 
A 1 52 VAL 52 52 52 VAL VAL A . n 
A 1 53 PRO 53 53 53 PRO PRO A . n 
A 1 54 VAL 54 54 54 VAL VAL A . n 
A 1 55 ILE 55 55 55 ILE ILE A . n 
A 1 56 LEU 56 56 56 LEU LEU A . n 
A 1 57 VAL 57 57 57 VAL VAL A . n 
A 1 58 ASP 58 58 58 ASP ASP A . n 
A 1 59 ASP 59 59 59 ASP ASP A . n 
A 1 60 GLU 60 60 60 GLU GLU A . n 
A 1 61 GLU 61 61 61 GLU GLU A . n 
A 1 62 PHE 62 62 62 PHE PHE A . n 
A 1 63 ALA 63 63 63 ALA ALA A . n 
A 1 64 CYS 64 64 64 CYS CYS A . n 
A 1 65 TRP 65 65 65 TRP TRP A . n 
A 1 66 GLU 66 66 66 GLU GLU A . n 
A 1 67 VAL 67 67 67 VAL VAL A . n 
A 1 68 ASP 68 68 68 ASP ASP A . n 
A 1 69 ASN 69 69 69 ASN ASN A . n 
A 1 70 ASP 70 70 70 ASP ASP A . n 
A 1 71 GLU 71 71 71 GLU GLU A . n 
A 1 72 LEU 72 72 72 LEU LEU A . n 
A 1 73 ALA 73 73 73 ALA ALA A . n 
A 1 74 ASN 74 74 74 ASN ASN A . n 
A 1 75 ALA 75 75 75 ALA ALA A . n 
A 1 76 LEU 76 76 76 LEU LEU A . n 
A 1 77 LEU 77 77 77 LEU LEU A . n 
A 1 78 LEU 78 78 78 LEU LEU A . n 
A 1 79 GLU 79 79 ?  ?   ?   A . n 
A 1 80 HIS 80 80 ?  ?   ?   A . n 
A 1 81 HIS 81 81 ?  ?   ?   A . n 
A 1 82 HIS 82 82 ?  ?   ?   A . n 
A 1 83 HIS 83 83 ?  ?   ?   A . n 
A 1 84 HIS 84 84 ?  ?   ?   A . n 
A 1 85 HIS 85 85 ?  ?   ?   A . n 
B 1 1  GLY 1  1  1  GLY GLY B . n 
B 1 2  HIS 2  2  2  HIS HIS B . n 
B 1 3  SER 3  3  3  SER SER B . n 
B 1 4  VAL 4  4  4  VAL VAL B . n 
B 1 5  GLU 5  5  5  GLU GLU B . n 
B 1 6  ILE 6  6  6  ILE ILE B . n 
B 1 7  ILE 7  7  7  ILE ILE B . n 
B 1 8  VAL 8  8  8  VAL VAL B . n 
B 1 9  ARG 9  9  9  ARG ARG B . n 
B 1 10 ASP 10 10 10 ASP ASP B . n 
B 1 11 ASN 11 11 11 ASN ASN B . n 
B 1 12 CYS 12 12 12 CYS CYS B . n 
B 1 13 GLY 13 13 13 GLY GLY B . n 
B 1 14 SER 14 14 14 SER SER B . n 
B 1 15 CYS 15 15 15 CYS CYS B . n 
B 1 16 VAL 16 16 16 VAL VAL B . n 
B 1 17 ARG 17 17 17 ARG ARG B . n 
B 1 18 VAL 18 18 18 VAL VAL B . n 
B 1 19 LYS 19 19 19 LYS LYS B . n 
B 1 20 ALA 20 20 20 ALA ALA B . n 
B 1 21 GLN 21 21 21 GLN GLN B . n 
B 1 22 ILE 22 22 22 ILE ILE B . n 
B 1 23 LEU 23 23 23 LEU LEU B . n 
B 1 24 PRO 24 24 24 PRO PRO B . n 
B 1 25 ILE 25 25 25 ILE ILE B . n 
B 1 26 VAL 26 26 26 VAL VAL B . n 
B 1 27 GLU 27 27 27 GLU GLU B . n 
B 1 28 ALA 28 28 28 ALA ALA B . n 
B 1 29 ALA 29 29 29 ALA ALA B . n 
B 1 30 GLY 30 30 30 GLY GLY B . n 
B 1 31 ILE 31 31 31 ILE ILE B . n 
B 1 32 LYS 32 32 32 LYS LYS B . n 
B 1 33 LEU 33 33 33 LEU LEU B . n 
B 1 34 THR 34 34 34 THR THR B . n 
B 1 35 GLU 35 35 35 GLU GLU B . n 
B 1 36 ARG 36 36 36 ARG ARG B . n 
B 1 37 ASN 37 37 37 ASN ASN B . n 
B 1 38 VAL 38 38 38 VAL VAL B . n 
B 1 39 ASP 39 39 39 ASP ASP B . n 
B 1 40 GLN 40 40 40 GLN GLN B . n 
B 1 41 ASP 41 41 41 ASP ASP B . n 
B 1 42 ALA 42 42 42 ALA ALA B . n 
B 1 43 SER 43 43 43 SER SER B . n 
B 1 44 LEU 44 44 44 LEU LEU B . n 
B 1 45 LYS 45 45 45 LYS LYS B . n 
B 1 46 LEU 46 46 46 LEU LEU B . n 
B 1 47 GLU 47 47 47 GLU GLU B . n 
B 1 48 PHE 48 48 48 PHE PHE B . n 
B 1 49 GLY 49 49 49 GLY GLY B . n 
B 1 50 ASP 50 50 50 ASP ASP B . n 
B 1 51 ARG 51 51 51 ARG ARG B . n 
B 1 52 VAL 52 52 52 VAL VAL B . n 
B 1 53 PRO 53 53 53 PRO PRO B . n 
B 1 54 VAL 54 54 54 VAL VAL B . n 
B 1 55 ILE 55 55 55 ILE ILE B . n 
B 1 56 LEU 56 56 56 LEU LEU B . n 
B 1 57 VAL 57 57 57 VAL VAL B . n 
B 1 58 ASP 58 58 58 ASP ASP B . n 
B 1 59 ASP 59 59 59 ASP ASP B . n 
B 1 60 GLU 60 60 60 GLU GLU B . n 
B 1 61 GLU 61 61 61 GLU GLU B . n 
B 1 62 PHE 62 62 62 PHE PHE B . n 
B 1 63 ALA 63 63 63 ALA ALA B . n 
B 1 64 CYS 64 64 64 CYS CYS B . n 
B 1 65 TRP 65 65 65 TRP TRP B . n 
B 1 66 GLU 66 66 66 GLU GLU B . n 
B 1 67 VAL 67 67 67 VAL VAL B . n 
B 1 68 ASP 68 68 68 ASP ASP B . n 
B 1 69 ASN 69 69 69 ASN ASN B . n 
B 1 70 ASP 70 70 70 ASP ASP B . n 
B 1 71 GLU 71 71 71 GLU GLU B . n 
B 1 72 LEU 72 72 72 LEU LEU B . n 
B 1 73 ALA 73 73 73 ALA ALA B . n 
B 1 74 ASN 74 74 74 ASN ASN B . n 
B 1 75 ALA 75 75 75 ALA ALA B . n 
B 1 76 LEU 76 76 76 LEU LEU B . n 
B 1 77 LEU 77 77 77 LEU LEU B . n 
B 1 78 LEU 78 78 78 LEU LEU B . n 
B 1 79 GLU 79 79 79 GLU GLU B . n 
B 1 80 HIS 80 80 ?  ?   ?   B . n 
B 1 81 HIS 81 81 ?  ?   ?   B . n 
B 1 82 HIS 82 82 ?  ?   ?   B . n 
B 1 83 HIS 83 83 ?  ?   ?   B . n 
B 1 84 HIS 84 84 ?  ?   ?   B . n 
B 1 85 HIS 85 85 ?  ?   ?   B . n 
# 
loop_
_pdbx_nonpoly_scheme.asym_id 
_pdbx_nonpoly_scheme.entity_id 
_pdbx_nonpoly_scheme.mon_id 
_pdbx_nonpoly_scheme.ndb_seq_num 
_pdbx_nonpoly_scheme.pdb_seq_num 
_pdbx_nonpoly_scheme.auth_seq_num 
_pdbx_nonpoly_scheme.pdb_mon_id 
_pdbx_nonpoly_scheme.auth_mon_id 
_pdbx_nonpoly_scheme.pdb_strand_id 
_pdbx_nonpoly_scheme.pdb_ins_code 
C 2 HOH 1  101 104 HOH HOH A . 
C 2 HOH 2  102 119 HOH HOH A . 
C 2 HOH 3  103 77  HOH HOH A . 
C 2 HOH 4  104 20  HOH HOH A . 
C 2 HOH 5  105 108 HOH HOH A . 
C 2 HOH 6  106 103 HOH HOH A . 
C 2 HOH 7  107 17  HOH HOH A . 
C 2 HOH 8  108 106 HOH HOH A . 
C 2 HOH 9  109 44  HOH HOH A . 
C 2 HOH 10 110 15  HOH HOH A . 
C 2 HOH 11 111 91  HOH HOH A . 
C 2 HOH 12 112 43  HOH HOH A . 
C 2 HOH 13 113 5   HOH HOH A . 
C 2 HOH 14 114 25  HOH HOH A . 
C 2 HOH 15 115 39  HOH HOH A . 
C 2 HOH 16 116 46  HOH HOH A . 
C 2 HOH 17 117 79  HOH HOH A . 
C 2 HOH 18 118 3   HOH HOH A . 
C 2 HOH 19 119 28  HOH HOH A . 
C 2 HOH 20 120 80  HOH HOH A . 
C 2 HOH 21 121 21  HOH HOH A . 
C 2 HOH 22 122 47  HOH HOH A . 
C 2 HOH 23 123 30  HOH HOH A . 
C 2 HOH 24 124 14  HOH HOH A . 
C 2 HOH 25 125 64  HOH HOH A . 
C 2 HOH 26 126 78  HOH HOH A . 
C 2 HOH 27 127 72  HOH HOH A . 
C 2 HOH 28 128 31  HOH HOH A . 
C 2 HOH 29 129 49  HOH HOH A . 
C 2 HOH 30 130 18  HOH HOH A . 
C 2 HOH 31 131 23  HOH HOH A . 
C 2 HOH 32 132 22  HOH HOH A . 
C 2 HOH 33 133 48  HOH HOH A . 
C 2 HOH 34 134 19  HOH HOH A . 
C 2 HOH 35 135 42  HOH HOH A . 
C 2 HOH 36 136 66  HOH HOH A . 
C 2 HOH 37 137 101 HOH HOH A . 
C 2 HOH 38 138 27  HOH HOH A . 
C 2 HOH 39 139 45  HOH HOH A . 
C 2 HOH 40 140 84  HOH HOH A . 
C 2 HOH 41 141 26  HOH HOH A . 
C 2 HOH 42 142 51  HOH HOH A . 
C 2 HOH 43 143 81  HOH HOH A . 
C 2 HOH 44 144 92  HOH HOH A . 
C 2 HOH 45 145 41  HOH HOH A . 
C 2 HOH 46 146 71  HOH HOH A . 
C 2 HOH 47 147 73  HOH HOH A . 
C 2 HOH 48 148 118 HOH HOH A . 
D 2 HOH 1  101 13  HOH HOH B . 
D 2 HOH 2  102 68  HOH HOH B . 
D 2 HOH 3  103 65  HOH HOH B . 
D 2 HOH 4  104 116 HOH HOH B . 
D 2 HOH 5  105 111 HOH HOH B . 
D 2 HOH 6  106 102 HOH HOH B . 
D 2 HOH 7  107 63  HOH HOH B . 
D 2 HOH 8  108 96  HOH HOH B . 
D 2 HOH 9  109 29  HOH HOH B . 
D 2 HOH 10 110 4   HOH HOH B . 
D 2 HOH 11 111 7   HOH HOH B . 
D 2 HOH 12 112 40  HOH HOH B . 
D 2 HOH 13 113 109 HOH HOH B . 
D 2 HOH 14 114 57  HOH HOH B . 
D 2 HOH 15 115 69  HOH HOH B . 
D 2 HOH 16 116 70  HOH HOH B . 
D 2 HOH 17 117 54  HOH HOH B . 
D 2 HOH 18 118 97  HOH HOH B . 
D 2 HOH 19 119 59  HOH HOH B . 
D 2 HOH 20 120 34  HOH HOH B . 
D 2 HOH 21 121 32  HOH HOH B . 
D 2 HOH 22 122 83  HOH HOH B . 
D 2 HOH 23 123 6   HOH HOH B . 
D 2 HOH 24 124 86  HOH HOH B . 
D 2 HOH 25 125 12  HOH HOH B . 
D 2 HOH 26 126 37  HOH HOH B . 
D 2 HOH 27 127 62  HOH HOH B . 
D 2 HOH 28 128 58  HOH HOH B . 
D 2 HOH 29 129 38  HOH HOH B . 
D 2 HOH 30 130 110 HOH HOH B . 
D 2 HOH 31 131 36  HOH HOH B . 
D 2 HOH 32 132 94  HOH HOH B . 
D 2 HOH 33 133 8   HOH HOH B . 
D 2 HOH 34 134 33  HOH HOH B . 
D 2 HOH 35 135 113 HOH HOH B . 
D 2 HOH 36 136 35  HOH HOH B . 
D 2 HOH 37 137 100 HOH HOH B . 
D 2 HOH 38 138 82  HOH HOH B . 
D 2 HOH 39 139 61  HOH HOH B . 
D 2 HOH 40 140 60  HOH HOH B . 
D 2 HOH 41 141 114 HOH HOH B . 
D 2 HOH 42 142 53  HOH HOH B . 
D 2 HOH 43 143 112 HOH HOH B . 
D 2 HOH 44 144 52  HOH HOH B . 
D 2 HOH 45 145 98  HOH HOH B . 
D 2 HOH 46 146 9   HOH HOH B . 
D 2 HOH 47 147 99  HOH HOH B . 
D 2 HOH 48 148 107 HOH HOH B . 
D 2 HOH 49 149 93  HOH HOH B . 
D 2 HOH 50 150 75  HOH HOH B . 
D 2 HOH 51 151 55  HOH HOH B . 
D 2 HOH 52 152 105 HOH HOH B . 
D 2 HOH 53 153 76  HOH HOH B . 
D 2 HOH 54 154 67  HOH HOH B . 
D 2 HOH 55 155 115 HOH HOH B . 
D 2 HOH 56 156 88  HOH HOH B . 
D 2 HOH 57 157 87  HOH HOH B . 
# 
loop_
_pdbx_unobs_or_zero_occ_atoms.id 
_pdbx_unobs_or_zero_occ_atoms.PDB_model_num 
_pdbx_unobs_or_zero_occ_atoms.polymer_flag 
_pdbx_unobs_or_zero_occ_atoms.occupancy_flag 
_pdbx_unobs_or_zero_occ_atoms.auth_asym_id 
_pdbx_unobs_or_zero_occ_atoms.auth_comp_id 
_pdbx_unobs_or_zero_occ_atoms.auth_seq_id 
_pdbx_unobs_or_zero_occ_atoms.PDB_ins_code 
_pdbx_unobs_or_zero_occ_atoms.auth_atom_id 
_pdbx_unobs_or_zero_occ_atoms.label_alt_id 
_pdbx_unobs_or_zero_occ_atoms.label_asym_id 
_pdbx_unobs_or_zero_occ_atoms.label_comp_id 
_pdbx_unobs_or_zero_occ_atoms.label_seq_id 
_pdbx_unobs_or_zero_occ_atoms.label_atom_id 
1  1 Y 1 A LYS 32 ? CD  ? A LYS 32 CD  
2  1 Y 1 A LYS 32 ? CE  ? A LYS 32 CE  
3  1 Y 1 A LYS 32 ? NZ  ? A LYS 32 NZ  
4  1 Y 1 A SER 43 ? OG  ? A SER 43 OG  
5  1 Y 1 A LEU 46 ? CG  ? A LEU 46 CG  
6  1 Y 1 A LEU 46 ? CD1 ? A LEU 46 CD1 
7  1 Y 1 A LEU 46 ? CD2 ? A LEU 46 CD2 
8  1 Y 1 A GLU 60 ? CG  ? A GLU 60 CG  
9  1 Y 1 A GLU 60 ? CD  ? A GLU 60 CD  
10 1 Y 1 A GLU 60 ? OE1 ? A GLU 60 OE1 
11 1 Y 1 A GLU 60 ? OE2 ? A GLU 60 OE2 
12 1 Y 1 B GLN 21 ? CG  ? B GLN 21 CG  
13 1 Y 1 B GLN 21 ? CD  ? B GLN 21 CD  
14 1 Y 1 B GLN 21 ? OE1 ? B GLN 21 OE1 
15 1 Y 1 B GLN 21 ? NE2 ? B GLN 21 NE2 
16 1 Y 1 B LYS 32 ? CG  ? B LYS 32 CG  
17 1 Y 1 B LYS 32 ? CD  ? B LYS 32 CD  
18 1 Y 1 B LYS 32 ? CE  ? B LYS 32 CE  
19 1 Y 1 B LYS 32 ? NZ  ? B LYS 32 NZ  
# 
loop_
_software.citation_id 
_software.classification 
_software.compiler_name 
_software.compiler_version 
_software.contact_author 
_software.contact_author_email 
_software.date 
_software.description 
_software.dependencies 
_software.hardware 
_software.language 
_software.location 
_software.mods 
_software.name 
_software.os 
_software.os_version 
_software.type 
_software.version 
_software.pdbx_ordinal 
? refinement       ? ? ? ? ? ? ? ? ? ? ? REFMAC ? ? ? 5.8.0257 1 
? 'data scaling'   ? ? ? ? ? ? ? ? ? ? ? SCALA  ? ? ? .        2 
? 'data reduction' ? ? ? ? ? ? ? ? ? ? ? XDS    ? ? ? .        3 
? phasing          ? ? ? ? ? ? ? ? ? ? ? PHASER ? ? ? .        4 
# 
_cell.angle_alpha                  90.00 
_cell.angle_alpha_esd              ? 
_cell.angle_beta                   99.01 
_cell.angle_beta_esd               ? 
_cell.angle_gamma                  90.00 
_cell.angle_gamma_esd              ? 
_cell.entry_id                     8PR6 
_cell.details                      ? 
_cell.formula_units_Z              ? 
_cell.length_a                     71.124 
_cell.length_a_esd                 ? 
_cell.length_b                     36.248 
_cell.length_b_esd                 ? 
_cell.length_c                     68.719 
_cell.length_c_esd                 ? 
_cell.volume                       ? 
_cell.volume_esd                   ? 
_cell.Z_PDB                        8 
_cell.reciprocal_angle_alpha       ? 
_cell.reciprocal_angle_beta        ? 
_cell.reciprocal_angle_gamma       ? 
_cell.reciprocal_angle_alpha_esd   ? 
_cell.reciprocal_angle_beta_esd    ? 
_cell.reciprocal_angle_gamma_esd   ? 
_cell.reciprocal_length_a          ? 
_cell.reciprocal_length_b          ? 
_cell.reciprocal_length_c          ? 
_cell.reciprocal_length_a_esd      ? 
_cell.reciprocal_length_b_esd      ? 
_cell.reciprocal_length_c_esd      ? 
_cell.pdbx_unique_axis             ? 
_cell.pdbx_esd_method              ? 
# 
_symmetry.entry_id                         8PR6 
_symmetry.cell_setting                     ? 
_symmetry.Int_Tables_number                5 
_symmetry.space_group_name_Hall            ? 
_symmetry.space_group_name_H-M             'C 1 2 1' 
_symmetry.pdbx_full_space_group_name_H-M   ? 
# 
_exptl.absorpt_coefficient_mu     ? 
_exptl.absorpt_correction_T_max   ? 
_exptl.absorpt_correction_T_min   ? 
_exptl.absorpt_correction_type    ? 
_exptl.absorpt_process_details    ? 
_exptl.entry_id                   8PR6 
_exptl.crystals_number            1 
_exptl.details                    ? 
_exptl.method                     'X-RAY DIFFRACTION' 
_exptl.method_details             ? 
# 
_exptl_crystal.colour                       ? 
_exptl_crystal.density_diffrn               ? 
_exptl_crystal.density_Matthews             2.5 
_exptl_crystal.density_method               ? 
_exptl_crystal.density_percent_sol          46.25 
_exptl_crystal.description                  ? 
_exptl_crystal.F_000                        ? 
_exptl_crystal.id                           1 
_exptl_crystal.preparation                  ? 
_exptl_crystal.size_max                     ? 
_exptl_crystal.size_mid                     ? 
_exptl_crystal.size_min                     ? 
_exptl_crystal.size_rad                     ? 
_exptl_crystal.colour_lustre                ? 
_exptl_crystal.colour_modifier              ? 
_exptl_crystal.colour_primary               ? 
_exptl_crystal.density_meas                 ? 
_exptl_crystal.density_meas_esd             ? 
_exptl_crystal.density_meas_gt              ? 
_exptl_crystal.density_meas_lt              ? 
_exptl_crystal.density_meas_temp            ? 
_exptl_crystal.density_meas_temp_esd        ? 
_exptl_crystal.density_meas_temp_gt         ? 
_exptl_crystal.density_meas_temp_lt         ? 
_exptl_crystal.pdbx_crystal_image_url       ? 
_exptl_crystal.pdbx_crystal_image_format    ? 
_exptl_crystal.pdbx_mosaicity               ? 
_exptl_crystal.pdbx_mosaicity_esd           ? 
_exptl_crystal.pdbx_mosaic_method           ? 
_exptl_crystal.pdbx_mosaic_block_size       ? 
_exptl_crystal.pdbx_mosaic_block_size_esd   ? 
# 
_exptl_crystal_grow.apparatus       ? 
_exptl_crystal_grow.atmosphere      ? 
_exptl_crystal_grow.crystal_id      1 
_exptl_crystal_grow.details         ? 
_exptl_crystal_grow.method          'VAPOR DIFFUSION, SITTING DROP' 
_exptl_crystal_grow.method_ref      ? 
_exptl_crystal_grow.pH              ? 
_exptl_crystal_grow.pressure        ? 
_exptl_crystal_grow.pressure_esd    ? 
_exptl_crystal_grow.seeding         ? 
_exptl_crystal_grow.seeding_ref     ? 
_exptl_crystal_grow.temp_details    ? 
_exptl_crystal_grow.temp_esd        ? 
_exptl_crystal_grow.time            ? 
_exptl_crystal_grow.pdbx_details    '25% PEG 3350, 0.2 M MgCl2, 0.1 M Bis-Tris (pH 5.5)' 
_exptl_crystal_grow.pdbx_pH_range   ? 
_exptl_crystal_grow.temp            293 
# 
_diffrn.ambient_environment              ? 
_diffrn.ambient_temp                     100 
_diffrn.ambient_temp_details             ? 
_diffrn.ambient_temp_esd                 ? 
_diffrn.crystal_id                       1 
_diffrn.crystal_support                  ? 
_diffrn.crystal_treatment                ? 
_diffrn.details                          ? 
_diffrn.id                               1 
_diffrn.ambient_pressure                 ? 
_diffrn.ambient_pressure_esd             ? 
_diffrn.ambient_pressure_gt              ? 
_diffrn.ambient_pressure_lt              ? 
_diffrn.ambient_temp_gt                  ? 
_diffrn.ambient_temp_lt                  ? 
_diffrn.pdbx_serial_crystal_experiment   N 
# 
_diffrn_detector.details                      ? 
_diffrn_detector.detector                     CCD 
_diffrn_detector.diffrn_id                    1 
_diffrn_detector.type                         'ADSC QUANTUM 315r' 
_diffrn_detector.area_resol_mean              ? 
_diffrn_detector.dtime                        ? 
_diffrn_detector.pdbx_frames_total            ? 
_diffrn_detector.pdbx_collection_time_total   ? 
_diffrn_detector.pdbx_collection_date         2013-12-05 
_diffrn_detector.pdbx_frequency               ? 
_diffrn_detector.id                           ? 
_diffrn_detector.number_of_axes               ? 
# 
_diffrn_radiation.collimation                      ? 
_diffrn_radiation.diffrn_id                        1 
_diffrn_radiation.filter_edge                      ? 
_diffrn_radiation.inhomogeneity                    ? 
_diffrn_radiation.monochromator                    ? 
_diffrn_radiation.polarisn_norm                    ? 
_diffrn_radiation.polarisn_ratio                   ? 
_diffrn_radiation.probe                            ? 
_diffrn_radiation.type                             ? 
_diffrn_radiation.xray_symbol                      ? 
_diffrn_radiation.wavelength_id                    1 
_diffrn_radiation.pdbx_monochromatic_or_laue_m_l   M 
_diffrn_radiation.pdbx_wavelength_list             ? 
_diffrn_radiation.pdbx_wavelength                  ? 
_diffrn_radiation.pdbx_diffrn_protocol             'SINGLE WAVELENGTH' 
_diffrn_radiation.pdbx_analyzer                    ? 
_diffrn_radiation.pdbx_scattering_type             x-ray 
# 
_diffrn_radiation_wavelength.id           1 
_diffrn_radiation_wavelength.wavelength   0.91950 
_diffrn_radiation_wavelength.wt           1.0 
# 
_diffrn_source.current                     ? 
_diffrn_source.details                     ? 
_diffrn_source.diffrn_id                   1 
_diffrn_source.power                       ? 
_diffrn_source.size                        ? 
_diffrn_source.source                      SYNCHROTRON 
_diffrn_source.target                      ? 
_diffrn_source.type                        'SOLEIL BEAMLINE PROXIMA 1' 
_diffrn_source.voltage                     ? 
_diffrn_source.take-off_angle              ? 
_diffrn_source.pdbx_wavelength_list        0.91950 
_diffrn_source.pdbx_wavelength             ? 
_diffrn_source.pdbx_synchrotron_beamline   'PROXIMA 1' 
_diffrn_source.pdbx_synchrotron_site       SOLEIL 
# 
_reflns.B_iso_Wilson_estimate                          23.4 
_reflns.entry_id                                       8PR6 
_reflns.data_reduction_details                         ? 
_reflns.data_reduction_method                          ? 
_reflns.d_resolution_high                              1.7 
_reflns.d_resolution_low                               33.4 
_reflns.details                                        ? 
_reflns.limit_h_max                                    ? 
_reflns.limit_h_min                                    ? 
_reflns.limit_k_max                                    ? 
_reflns.limit_k_min                                    ? 
_reflns.limit_l_max                                    ? 
_reflns.limit_l_min                                    ? 
_reflns.number_all                                     ? 
_reflns.number_obs                                     19317 
_reflns.observed_criterion                             ? 
_reflns.observed_criterion_F_max                       ? 
_reflns.observed_criterion_F_min                       ? 
_reflns.observed_criterion_I_max                       ? 
_reflns.observed_criterion_I_min                       ? 
_reflns.observed_criterion_sigma_F                     ? 
_reflns.observed_criterion_sigma_I                     ? 
_reflns.percent_possible_obs                           100 
_reflns.R_free_details                                 ? 
_reflns.Rmerge_F_all                                   ? 
_reflns.Rmerge_F_obs                                   ? 
_reflns.Friedel_coverage                               ? 
_reflns.number_gt                                      ? 
_reflns.threshold_expression                           ? 
_reflns.pdbx_redundancy                                3.7 
_reflns.pdbx_netI_over_av_sigmaI                       ? 
_reflns.pdbx_netI_over_sigmaI                          9.2 
_reflns.pdbx_res_netI_over_av_sigmaI_2                 ? 
_reflns.pdbx_res_netI_over_sigmaI_2                    ? 
_reflns.pdbx_chi_squared                               ? 
_reflns.pdbx_scaling_rejects                           ? 
_reflns.pdbx_d_res_high_opt                            ? 
_reflns.pdbx_d_res_low_opt                             ? 
_reflns.pdbx_d_res_opt_method                          ? 
_reflns.phase_calculation_details                      ? 
_reflns.pdbx_Rrim_I_all                                0.081 
_reflns.pdbx_Rpim_I_all                                ? 
_reflns.pdbx_d_opt                                     ? 
_reflns.pdbx_number_measured_all                       ? 
_reflns.pdbx_diffrn_id                                 1 
_reflns.pdbx_ordinal                                   1 
_reflns.pdbx_CC_half                                   ? 
_reflns.pdbx_CC_star                                   ? 
_reflns.pdbx_R_split                                   ? 
_reflns.pdbx_Rmerge_I_obs                              0.069 
_reflns.pdbx_Rmerge_I_all                              ? 
_reflns.pdbx_Rsym_value                                ? 
_reflns.pdbx_CC_split_method                           ? 
_reflns.pdbx_aniso_diffraction_limit_axis_1_ortho[1]   ? 
_reflns.pdbx_aniso_diffraction_limit_axis_1_ortho[2]   ? 
_reflns.pdbx_aniso_diffraction_limit_axis_1_ortho[3]   ? 
_reflns.pdbx_aniso_diffraction_limit_axis_2_ortho[1]   ? 
_reflns.pdbx_aniso_diffraction_limit_axis_2_ortho[2]   ? 
_reflns.pdbx_aniso_diffraction_limit_axis_2_ortho[3]   ? 
_reflns.pdbx_aniso_diffraction_limit_axis_3_ortho[1]   ? 
_reflns.pdbx_aniso_diffraction_limit_axis_3_ortho[2]   ? 
_reflns.pdbx_aniso_diffraction_limit_axis_3_ortho[3]   ? 
_reflns.pdbx_aniso_diffraction_limit_1                 ? 
_reflns.pdbx_aniso_diffraction_limit_2                 ? 
_reflns.pdbx_aniso_diffraction_limit_3                 ? 
_reflns.pdbx_aniso_B_tensor_eigenvector_1_ortho[1]     ? 
_reflns.pdbx_aniso_B_tensor_eigenvector_1_ortho[2]     ? 
_reflns.pdbx_aniso_B_tensor_eigenvector_1_ortho[3]     ? 
_reflns.pdbx_aniso_B_tensor_eigenvector_2_ortho[1]     ? 
_reflns.pdbx_aniso_B_tensor_eigenvector_2_ortho[2]     ? 
_reflns.pdbx_aniso_B_tensor_eigenvector_2_ortho[3]     ? 
_reflns.pdbx_aniso_B_tensor_eigenvector_3_ortho[1]     ? 
_reflns.pdbx_aniso_B_tensor_eigenvector_3_ortho[2]     ? 
_reflns.pdbx_aniso_B_tensor_eigenvector_3_ortho[3]     ? 
_reflns.pdbx_aniso_B_tensor_eigenvalue_1               ? 
_reflns.pdbx_aniso_B_tensor_eigenvalue_2               ? 
_reflns.pdbx_aniso_B_tensor_eigenvalue_3               ? 
_reflns.pdbx_orthogonalization_convention              ? 
_reflns.pdbx_percent_possible_ellipsoidal              ? 
_reflns.pdbx_percent_possible_spherical                ? 
_reflns.pdbx_percent_possible_ellipsoidal_anomalous    ? 
_reflns.pdbx_percent_possible_spherical_anomalous      ? 
_reflns.pdbx_redundancy_anomalous                      ? 
_reflns.pdbx_CC_half_anomalous                         ? 
_reflns.pdbx_absDiff_over_sigma_anomalous              ? 
_reflns.pdbx_percent_possible_anomalous                ? 
_reflns.pdbx_observed_signal_threshold                 ? 
_reflns.pdbx_signal_type                               ? 
_reflns.pdbx_signal_details                            ? 
_reflns.pdbx_signal_software_id                        ? 
# 
_reflns_shell.d_res_high                                    1.70 
_reflns_shell.d_res_low                                     1.79 
_reflns_shell.meanI_over_sigI_all                           ? 
_reflns_shell.meanI_over_sigI_obs                           1.6 
_reflns_shell.number_measured_all                           ? 
_reflns_shell.number_measured_obs                           ? 
_reflns_shell.number_possible                               ? 
_reflns_shell.number_unique_all                             ? 
_reflns_shell.number_unique_obs                             2791 
_reflns_shell.percent_possible_obs                          ? 
_reflns_shell.Rmerge_F_all                                  ? 
_reflns_shell.Rmerge_F_obs                                  ? 
_reflns_shell.meanI_over_sigI_gt                            ? 
_reflns_shell.meanI_over_uI_all                             ? 
_reflns_shell.meanI_over_uI_gt                              ? 
_reflns_shell.number_measured_gt                            ? 
_reflns_shell.number_unique_gt                              ? 
_reflns_shell.percent_possible_gt                           ? 
_reflns_shell.Rmerge_F_gt                                   ? 
_reflns_shell.Rmerge_I_gt                                   ? 
_reflns_shell.pdbx_redundancy                               3.7 
_reflns_shell.pdbx_chi_squared                              ? 
_reflns_shell.pdbx_netI_over_sigmaI_all                     ? 
_reflns_shell.pdbx_netI_over_sigmaI_obs                     ? 
_reflns_shell.pdbx_Rrim_I_all                               0.82 
_reflns_shell.pdbx_Rpim_I_all                               ? 
_reflns_shell.pdbx_rejects                                  ? 
_reflns_shell.pdbx_ordinal                                  1 
_reflns_shell.pdbx_diffrn_id                                1 
_reflns_shell.pdbx_CC_half                                  ? 
_reflns_shell.pdbx_CC_star                                  ? 
_reflns_shell.pdbx_R_split                                  ? 
_reflns_shell.percent_possible_all                          100 
_reflns_shell.Rmerge_I_all                                  ? 
_reflns_shell.Rmerge_I_obs                                  0.7 
_reflns_shell.pdbx_Rsym_value                               ? 
_reflns_shell.pdbx_percent_possible_ellipsoidal             ? 
_reflns_shell.pdbx_percent_possible_spherical               ? 
_reflns_shell.pdbx_percent_possible_ellipsoidal_anomalous   ? 
_reflns_shell.pdbx_percent_possible_spherical_anomalous     ? 
_reflns_shell.pdbx_redundancy_anomalous                     ? 
_reflns_shell.pdbx_CC_half_anomalous                        ? 
_reflns_shell.pdbx_absDiff_over_sigma_anomalous             ? 
_reflns_shell.pdbx_percent_possible_anomalous               ? 
# 
_refine.aniso_B[1][1]                            0.00 
_refine.aniso_B[1][2]                            -0.00 
_refine.aniso_B[1][3]                            0.01 
_refine.aniso_B[2][2]                            -0.00 
_refine.aniso_B[2][3]                            0.00 
_refine.aniso_B[3][3]                            -0.00 
_refine.B_iso_max                                ? 
_refine.B_iso_mean                               28.009 
_refine.B_iso_min                                ? 
_refine.correlation_coeff_Fo_to_Fc               0.954 
_refine.correlation_coeff_Fo_to_Fc_free          0.942 
_refine.details                                  'HYDROGENS HAVE BEEN ADDED IN THE RIDING POSITIONS' 
_refine.diff_density_max                         ? 
_refine.diff_density_max_esd                     ? 
_refine.diff_density_min                         ? 
_refine.diff_density_min_esd                     ? 
_refine.diff_density_rms                         ? 
_refine.diff_density_rms_esd                     ? 
_refine.entry_id                                 8PR6 
_refine.pdbx_refine_id                           'X-RAY DIFFRACTION' 
_refine.ls_abs_structure_details                 ? 
_refine.ls_abs_structure_Flack                   ? 
_refine.ls_abs_structure_Flack_esd               ? 
_refine.ls_abs_structure_Rogers                  ? 
_refine.ls_abs_structure_Rogers_esd              ? 
_refine.ls_d_res_high                            1.70 
_refine.ls_d_res_low                             32.23 
_refine.ls_extinction_coef                       ? 
_refine.ls_extinction_coef_esd                   ? 
_refine.ls_extinction_expression                 ? 
_refine.ls_extinction_method                     ? 
_refine.ls_goodness_of_fit_all                   ? 
_refine.ls_goodness_of_fit_all_esd               ? 
_refine.ls_goodness_of_fit_obs                   ? 
_refine.ls_goodness_of_fit_obs_esd               ? 
_refine.ls_hydrogen_treatment                    ? 
_refine.ls_matrix_type                           ? 
_refine.ls_number_constraints                    ? 
_refine.ls_number_parameters                     ? 
_refine.ls_number_reflns_all                     ? 
_refine.ls_number_reflns_obs                     18311 
_refine.ls_number_reflns_R_free                  1004 
_refine.ls_number_reflns_R_work                  ? 
_refine.ls_number_restraints                     ? 
_refine.ls_percent_reflns_obs                    99.97 
_refine.ls_percent_reflns_R_free                 5.2 
_refine.ls_R_factor_all                          ? 
_refine.ls_R_factor_obs                          0.21927 
_refine.ls_R_factor_R_free                       0.25679 
_refine.ls_R_factor_R_free_error                 ? 
_refine.ls_R_factor_R_free_error_details         ? 
_refine.ls_R_factor_R_work                       0.21720 
_refine.ls_R_Fsqd_factor_obs                     ? 
_refine.ls_R_I_factor_obs                        ? 
_refine.ls_redundancy_reflns_all                 ? 
_refine.ls_redundancy_reflns_obs                 ? 
_refine.ls_restrained_S_all                      ? 
_refine.ls_restrained_S_obs                      ? 
_refine.ls_shift_over_esd_max                    ? 
_refine.ls_shift_over_esd_mean                   ? 
_refine.ls_structure_factor_coef                 ? 
_refine.ls_weighting_details                     ? 
_refine.ls_weighting_scheme                      ? 
_refine.ls_wR_factor_all                         ? 
_refine.ls_wR_factor_obs                         ? 
_refine.ls_wR_factor_R_free                      ? 
_refine.ls_wR_factor_R_work                      ? 
_refine.occupancy_max                            ? 
_refine.occupancy_min                            ? 
_refine.solvent_model_details                    MASK 
_refine.solvent_model_param_bsol                 ? 
_refine.solvent_model_param_ksol                 ? 
_refine.pdbx_R_complete                          ? 
_refine.ls_R_factor_gt                           ? 
_refine.ls_goodness_of_fit_gt                    ? 
_refine.ls_goodness_of_fit_ref                   ? 
_refine.ls_shift_over_su_max                     ? 
_refine.ls_shift_over_su_max_lt                  ? 
_refine.ls_shift_over_su_mean                    ? 
_refine.ls_shift_over_su_mean_lt                 ? 
_refine.pdbx_ls_sigma_I                          ? 
_refine.pdbx_ls_sigma_F                          ? 
_refine.pdbx_ls_sigma_Fsqd                       ? 
_refine.pdbx_data_cutoff_high_absF               ? 
_refine.pdbx_data_cutoff_high_rms_absF           ? 
_refine.pdbx_data_cutoff_low_absF                ? 
_refine.pdbx_isotropic_thermal_model             ? 
_refine.pdbx_ls_cross_valid_method               THROUGHOUT 
_refine.pdbx_method_to_determine_struct          'MOLECULAR REPLACEMENT' 
_refine.pdbx_starting_model                      ? 
_refine.pdbx_stereochemistry_target_values       'MAXIMUM LIKELIHOOD' 
_refine.pdbx_R_Free_selection_details            RANDOM 
_refine.pdbx_stereochem_target_val_spec_case     ? 
_refine.pdbx_overall_ESU_R                       0.120 
_refine.pdbx_overall_ESU_R_Free                  0.119 
_refine.pdbx_solvent_vdw_probe_radii             1.20 
_refine.pdbx_solvent_ion_probe_radii             0.80 
_refine.pdbx_solvent_shrinkage_radii             0.80 
_refine.pdbx_real_space_R                        ? 
_refine.pdbx_density_correlation                 ? 
_refine.pdbx_pd_number_of_powder_patterns        ? 
_refine.pdbx_pd_number_of_points                 ? 
_refine.pdbx_pd_meas_number_of_points            ? 
_refine.pdbx_pd_proc_ls_prof_R_factor            ? 
_refine.pdbx_pd_proc_ls_prof_wR_factor           ? 
_refine.pdbx_pd_Marquardt_correlation_coeff      ? 
_refine.pdbx_pd_Fsqrd_R_factor                   ? 
_refine.pdbx_pd_ls_matrix_band_width             ? 
_refine.pdbx_overall_phase_error                 ? 
_refine.pdbx_overall_SU_R_free_Cruickshank_DPI   ? 
_refine.pdbx_overall_SU_R_free_Blow_DPI          ? 
_refine.pdbx_overall_SU_R_Blow_DPI               ? 
_refine.pdbx_TLS_residual_ADP_flag               ? 
_refine.pdbx_diffrn_id                           1 
_refine.overall_SU_B                             3.279 
_refine.overall_SU_ML                            0.104 
_refine.overall_SU_R_Cruickshank_DPI             ? 
_refine.overall_SU_R_free                        ? 
_refine.overall_FOM_free_R_set                   ? 
_refine.overall_FOM_work_R_set                   ? 
_refine.pdbx_average_fsc_overall                 ? 
_refine.pdbx_average_fsc_work                    ? 
_refine.pdbx_average_fsc_free                    ? 
# 
_refine_hist.pdbx_refine_id                   'X-RAY DIFFRACTION' 
_refine_hist.cycle_id                         1 
_refine_hist.details                          ? 
_refine_hist.d_res_high                       1.70 
_refine_hist.d_res_low                        32.23 
_refine_hist.number_atoms_solvent             105 
_refine_hist.number_atoms_total               1297 
_refine_hist.number_reflns_all                ? 
_refine_hist.number_reflns_obs                ? 
_refine_hist.number_reflns_R_free             ? 
_refine_hist.number_reflns_R_work             ? 
_refine_hist.R_factor_all                     ? 
_refine_hist.R_factor_obs                     ? 
_refine_hist.R_factor_R_free                  ? 
_refine_hist.R_factor_R_work                  ? 
_refine_hist.pdbx_number_residues_total       ? 
_refine_hist.pdbx_B_iso_mean_ligand           ? 
_refine_hist.pdbx_B_iso_mean_solvent          ? 
_refine_hist.pdbx_number_atoms_protein        1192 
_refine_hist.pdbx_number_atoms_nucleic_acid   0 
_refine_hist.pdbx_number_atoms_ligand         0 
_refine_hist.pdbx_number_atoms_lipid          ? 
_refine_hist.pdbx_number_atoms_carb           ? 
_refine_hist.pdbx_pseudo_atom_details         ? 
# 
loop_
_refine_ls_restr.pdbx_refine_id 
_refine_ls_restr.criterion 
_refine_ls_restr.dev_ideal 
_refine_ls_restr.dev_ideal_target 
_refine_ls_restr.number 
_refine_ls_restr.rejects 
_refine_ls_restr.type 
_refine_ls_restr.weight 
_refine_ls_restr.pdbx_restraint_function 
'X-RAY DIFFRACTION' ? 0.010  0.013  1235 ? r_bond_refined_d             ? ? 
'X-RAY DIFFRACTION' ? 0.001  0.017  1151 ? r_bond_other_d               ? ? 
'X-RAY DIFFRACTION' ? 1.735  1.616  1688 ? r_angle_refined_deg          ? ? 
'X-RAY DIFFRACTION' ? 1.402  1.582  2663 ? r_angle_other_deg            ? ? 
'X-RAY DIFFRACTION' ? 7.195  5.061  164  ? r_dihedral_angle_1_deg       ? ? 
'X-RAY DIFFRACTION' ? 30.070 24.030 67   ? r_dihedral_angle_2_deg       ? ? 
'X-RAY DIFFRACTION' ? 11.802 15.000 205  ? r_dihedral_angle_3_deg       ? ? 
'X-RAY DIFFRACTION' ? 14.344 15.000 8    ? r_dihedral_angle_4_deg       ? ? 
'X-RAY DIFFRACTION' ? 0.083  0.200  167  ? r_chiral_restr               ? ? 
'X-RAY DIFFRACTION' ? 0.008  0.020  1537 ? r_gen_planes_refined         ? ? 
'X-RAY DIFFRACTION' ? 0.002  0.020  235  ? r_gen_planes_other           ? ? 
'X-RAY DIFFRACTION' ? ?      ?      ?    ? r_nbd_refined                ? ? 
'X-RAY DIFFRACTION' ? ?      ?      ?    ? r_nbd_other                  ? ? 
'X-RAY DIFFRACTION' ? ?      ?      ?    ? r_nbtor_refined              ? ? 
'X-RAY DIFFRACTION' ? ?      ?      ?    ? r_nbtor_other                ? ? 
'X-RAY DIFFRACTION' ? ?      ?      ?    ? r_xyhbond_nbd_refined        ? ? 
'X-RAY DIFFRACTION' ? ?      ?      ?    ? r_xyhbond_nbd_other          ? ? 
'X-RAY DIFFRACTION' ? ?      ?      ?    ? r_metal_ion_refined          ? ? 
'X-RAY DIFFRACTION' ? ?      ?      ?    ? r_metal_ion_other            ? ? 
'X-RAY DIFFRACTION' ? ?      ?      ?    ? r_symmetry_vdw_refined       ? ? 
'X-RAY DIFFRACTION' ? ?      ?      ?    ? r_symmetry_vdw_other         ? ? 
'X-RAY DIFFRACTION' ? ?      ?      ?    ? r_symmetry_hbond_refined     ? ? 
'X-RAY DIFFRACTION' ? ?      ?      ?    ? r_symmetry_hbond_other       ? ? 
'X-RAY DIFFRACTION' ? ?      ?      ?    ? r_symmetry_metal_ion_refined ? ? 
'X-RAY DIFFRACTION' ? ?      ?      ?    ? r_symmetry_metal_ion_other   ? ? 
'X-RAY DIFFRACTION' ? 2.704  2.790  646  ? r_mcbond_it                  ? ? 
'X-RAY DIFFRACTION' ? 2.698  2.788  645  ? r_mcbond_other               ? ? 
'X-RAY DIFFRACTION' ? 3.640  4.172  810  ? r_mcangle_it                 ? ? 
'X-RAY DIFFRACTION' ? 3.638  4.174  811  ? r_mcangle_other              ? ? 
'X-RAY DIFFRACTION' ? 3.567  3.167  589  ? r_scbond_it                  ? ? 
'X-RAY DIFFRACTION' ? 3.556  3.160  587  ? r_scbond_other               ? ? 
'X-RAY DIFFRACTION' ? ?      ?      ?    ? r_scangle_it                 ? ? 
'X-RAY DIFFRACTION' ? 5.206  4.598  877  ? r_scangle_other              ? ? 
'X-RAY DIFFRACTION' ? 6.175  34.510 1339 ? r_long_range_B_refined       ? ? 
'X-RAY DIFFRACTION' ? 6.148  34.218 1320 ? r_long_range_B_other         ? ? 
'X-RAY DIFFRACTION' ? ?      ?      ?    ? r_rigid_bond_restr           ? ? 
'X-RAY DIFFRACTION' ? ?      ?      ?    ? r_sphericity_free            ? ? 
'X-RAY DIFFRACTION' ? ?      ?      ?    ? r_sphericity_bonded          ? ? 
# 
_refine_ls_shell.pdbx_refine_id                   'X-RAY DIFFRACTION' 
_refine_ls_shell.d_res_high                       1.700 
_refine_ls_shell.d_res_low                        1.744 
_refine_ls_shell.number_reflns_all                ? 
_refine_ls_shell.number_reflns_obs                ? 
_refine_ls_shell.number_reflns_R_free             74 
_refine_ls_shell.number_reflns_R_work             1355 
_refine_ls_shell.percent_reflns_obs               99.93 
_refine_ls_shell.percent_reflns_R_free            ? 
_refine_ls_shell.R_factor_all                     ? 
_refine_ls_shell.R_factor_obs                     ? 
_refine_ls_shell.R_factor_R_free_error            ? 
_refine_ls_shell.R_factor_R_work                  0.338 
_refine_ls_shell.redundancy_reflns_all            ? 
_refine_ls_shell.redundancy_reflns_obs            ? 
_refine_ls_shell.wR_factor_all                    ? 
_refine_ls_shell.wR_factor_obs                    ? 
_refine_ls_shell.wR_factor_R_free                 ? 
_refine_ls_shell.wR_factor_R_work                 ? 
_refine_ls_shell.pdbx_R_complete                  ? 
_refine_ls_shell.pdbx_total_number_of_bins_used   20 
_refine_ls_shell.pdbx_phase_error                 ? 
_refine_ls_shell.pdbx_fsc_work                    ? 
_refine_ls_shell.pdbx_fsc_free                    ? 
_refine_ls_shell.R_factor_R_free                  0.343 
# 
_struct.entry_id                     8PR6 
_struct.title                        'Crystal structure of Corynebacterium glutamicum mycoredoxin-3 at 1.7 A resolution.' 
_struct.pdbx_model_details           ? 
_struct.pdbx_formula_weight          ? 
_struct.pdbx_formula_weight_method   ? 
_struct.pdbx_model_type_details      ? 
_struct.pdbx_CASP_flag               N 
# 
_struct_keywords.entry_id        8PR6 
_struct_keywords.text            
'Mycoredoxin, Corynebacterium glutamicum, oxidase, swapped homodimer, redox biology, OXIDOREDUCTASE' 
_struct_keywords.pdbx_keywords   OXIDOREDUCTASE 
# 
loop_
_struct_asym.id 
_struct_asym.pdbx_blank_PDB_chainid_flag 
_struct_asym.pdbx_modified 
_struct_asym.entity_id 
_struct_asym.details 
A N N 1 ? 
B N N 1 ? 
C N N 2 ? 
D N N 2 ? 
# 
_struct_ref.id                         1 
_struct_ref.db_name                    UNP 
_struct_ref.db_code                    A0A1Q6BKH4_CORGT 
_struct_ref.pdbx_db_accession          A0A1Q6BKH4 
_struct_ref.pdbx_db_isoform            ? 
_struct_ref.entity_id                  1 
_struct_ref.pdbx_seq_one_letter_code   GHSVEIIVRDNCGSCVRVKAQILPIVEAAGIKLTERNVDQDASLKLEFGDRVPVILVDDEEFACWEVDNDELANALL 
_struct_ref.pdbx_align_begin           2 
# 
loop_
_struct_ref_seq.align_id 
_struct_ref_seq.ref_id 
_struct_ref_seq.pdbx_PDB_id_code 
_struct_ref_seq.pdbx_strand_id 
_struct_ref_seq.seq_align_beg 
_struct_ref_seq.pdbx_seq_align_beg_ins_code 
_struct_ref_seq.seq_align_end 
_struct_ref_seq.pdbx_seq_align_end_ins_code 
_struct_ref_seq.pdbx_db_accession 
_struct_ref_seq.db_align_beg 
_struct_ref_seq.pdbx_db_align_beg_ins_code 
_struct_ref_seq.db_align_end 
_struct_ref_seq.pdbx_db_align_end_ins_code 
_struct_ref_seq.pdbx_auth_seq_align_beg 
_struct_ref_seq.pdbx_auth_seq_align_end 
1 1 8PR6 A 1 ? 77 ? A0A1Q6BKH4 2 ? 78 ? 1 77 
2 1 8PR6 B 1 ? 77 ? A0A1Q6BKH4 2 ? 78 ? 1 77 
# 
loop_
_struct_ref_seq_dif.align_id 
_struct_ref_seq_dif.pdbx_pdb_id_code 
_struct_ref_seq_dif.mon_id 
_struct_ref_seq_dif.pdbx_pdb_strand_id 
_struct_ref_seq_dif.seq_num 
_struct_ref_seq_dif.pdbx_pdb_ins_code 
_struct_ref_seq_dif.pdbx_seq_db_name 
_struct_ref_seq_dif.pdbx_seq_db_accession_code 
_struct_ref_seq_dif.db_mon_id 
_struct_ref_seq_dif.pdbx_seq_db_seq_num 
_struct_ref_seq_dif.details 
_struct_ref_seq_dif.pdbx_auth_seq_num 
_struct_ref_seq_dif.pdbx_ordinal 
1 8PR6 LEU A 78 ? UNP A0A1Q6BKH4 ? ? 'expression tag' 78 1  
1 8PR6 GLU A 79 ? UNP A0A1Q6BKH4 ? ? 'expression tag' 79 2  
1 8PR6 HIS A 80 ? UNP A0A1Q6BKH4 ? ? 'expression tag' 80 3  
1 8PR6 HIS A 81 ? UNP A0A1Q6BKH4 ? ? 'expression tag' 81 4  
1 8PR6 HIS A 82 ? UNP A0A1Q6BKH4 ? ? 'expression tag' 82 5  
1 8PR6 HIS A 83 ? UNP A0A1Q6BKH4 ? ? 'expression tag' 83 6  
1 8PR6 HIS A 84 ? UNP A0A1Q6BKH4 ? ? 'expression tag' 84 7  
1 8PR6 HIS A 85 ? UNP A0A1Q6BKH4 ? ? 'expression tag' 85 8  
2 8PR6 LEU B 78 ? UNP A0A1Q6BKH4 ? ? 'expression tag' 78 9  
2 8PR6 GLU B 79 ? UNP A0A1Q6BKH4 ? ? 'expression tag' 79 10 
2 8PR6 HIS B 80 ? UNP A0A1Q6BKH4 ? ? 'expression tag' 80 11 
2 8PR6 HIS B 81 ? UNP A0A1Q6BKH4 ? ? 'expression tag' 81 12 
2 8PR6 HIS B 82 ? UNP A0A1Q6BKH4 ? ? 'expression tag' 82 13 
2 8PR6 HIS B 83 ? UNP A0A1Q6BKH4 ? ? 'expression tag' 83 14 
2 8PR6 HIS B 84 ? UNP A0A1Q6BKH4 ? ? 'expression tag' 84 15 
2 8PR6 HIS B 85 ? UNP A0A1Q6BKH4 ? ? 'expression tag' 85 16 
# 
_pdbx_struct_assembly.id                   1 
_pdbx_struct_assembly.details              author_and_software_defined_assembly 
_pdbx_struct_assembly.method_details       PISA 
_pdbx_struct_assembly.oligomeric_details   dimeric 
_pdbx_struct_assembly.oligomeric_count     2 
# 
loop_
_pdbx_struct_assembly_prop.biol_id 
_pdbx_struct_assembly_prop.type 
_pdbx_struct_assembly_prop.value 
_pdbx_struct_assembly_prop.details 
1 'ABSA (A^2)' 2690 ? 
1 MORE         -23  ? 
1 'SSA (A^2)'  8740 ? 
# 
_pdbx_struct_assembly_gen.assembly_id       1 
_pdbx_struct_assembly_gen.oper_expression   1 
_pdbx_struct_assembly_gen.asym_id_list      A,B,C,D 
# 
_pdbx_struct_assembly_auth_evidence.id                     1 
_pdbx_struct_assembly_auth_evidence.assembly_id            1 
_pdbx_struct_assembly_auth_evidence.experimental_support   'gel filtration' 
_pdbx_struct_assembly_auth_evidence.details                ? 
# 
_pdbx_struct_oper_list.id                   1 
_pdbx_struct_oper_list.type                 'identity operation' 
_pdbx_struct_oper_list.name                 1_555 
_pdbx_struct_oper_list.symmetry_operation   x,y,z 
_pdbx_struct_oper_list.matrix[1][1]         1.0000000000 
_pdbx_struct_oper_list.matrix[1][2]         0.0000000000 
_pdbx_struct_oper_list.matrix[1][3]         0.0000000000 
_pdbx_struct_oper_list.vector[1]            0.0000000000 
_pdbx_struct_oper_list.matrix[2][1]         0.0000000000 
_pdbx_struct_oper_list.matrix[2][2]         1.0000000000 
_pdbx_struct_oper_list.matrix[2][3]         0.0000000000 
_pdbx_struct_oper_list.vector[2]            0.0000000000 
_pdbx_struct_oper_list.matrix[3][1]         0.0000000000 
_pdbx_struct_oper_list.matrix[3][2]         0.0000000000 
_pdbx_struct_oper_list.matrix[3][3]         1.0000000000 
_pdbx_struct_oper_list.vector[3]            0.0000000000 
# 
loop_
_struct_conf.conf_type_id 
_struct_conf.id 
_struct_conf.pdbx_PDB_helix_id 
_struct_conf.beg_label_comp_id 
_struct_conf.beg_label_asym_id 
_struct_conf.beg_label_seq_id 
_struct_conf.pdbx_beg_PDB_ins_code 
_struct_conf.end_label_comp_id 
_struct_conf.end_label_asym_id 
_struct_conf.end_label_seq_id 
_struct_conf.pdbx_end_PDB_ins_code 
_struct_conf.beg_auth_comp_id 
_struct_conf.beg_auth_asym_id 
_struct_conf.beg_auth_seq_id 
_struct_conf.end_auth_comp_id 
_struct_conf.end_auth_asym_id 
_struct_conf.end_auth_seq_id 
_struct_conf.pdbx_PDB_helix_class 
_struct_conf.details 
_struct_conf.pdbx_PDB_helix_length 
HELX_P HELX_P1 AA1 CYS A 12 ? ALA A 29 ? CYS A 12 ALA A 29 1 ? 18 
HELX_P HELX_P2 AA2 ASP A 41 ? GLY A 49 ? ASP A 41 GLY A 49 1 ? 9  
HELX_P HELX_P3 AA3 ASP A 50 ? VAL A 52 ? ASP A 50 VAL A 52 5 ? 3  
HELX_P HELX_P4 AA4 ASP A 68 ? LEU A 78 ? ASP A 68 LEU A 78 1 ? 11 
HELX_P HELX_P5 AA5 CYS B 12 ? ALA B 29 ? CYS B 12 ALA B 29 1 ? 18 
HELX_P HELX_P6 AA6 ASP B 41 ? GLY B 49 ? ASP B 41 GLY B 49 1 ? 9  
HELX_P HELX_P7 AA7 ASP B 50 ? VAL B 52 ? ASP B 50 VAL B 52 5 ? 3  
HELX_P HELX_P8 AA8 ASP B 68 ? LEU B 78 ? ASP B 68 LEU B 78 1 ? 11 
# 
_struct_conf_type.id          HELX_P 
_struct_conf_type.criteria    ? 
_struct_conf_type.reference   ? 
# 
loop_
_struct_conn.id 
_struct_conn.conn_type_id 
_struct_conn.pdbx_leaving_atom_flag 
_struct_conn.pdbx_PDB_id 
_struct_conn.ptnr1_label_asym_id 
_struct_conn.ptnr1_label_comp_id 
_struct_conn.ptnr1_label_seq_id 
_struct_conn.ptnr1_label_atom_id 
_struct_conn.pdbx_ptnr1_label_alt_id 
_struct_conn.pdbx_ptnr1_PDB_ins_code 
_struct_conn.pdbx_ptnr1_standard_comp_id 
_struct_conn.ptnr1_symmetry 
_struct_conn.ptnr2_label_asym_id 
_struct_conn.ptnr2_label_comp_id 
_struct_conn.ptnr2_label_seq_id 
_struct_conn.ptnr2_label_atom_id 
_struct_conn.pdbx_ptnr2_label_alt_id 
_struct_conn.pdbx_ptnr2_PDB_ins_code 
_struct_conn.ptnr1_auth_asym_id 
_struct_conn.ptnr1_auth_comp_id 
_struct_conn.ptnr1_auth_seq_id 
_struct_conn.ptnr2_auth_asym_id 
_struct_conn.ptnr2_auth_comp_id 
_struct_conn.ptnr2_auth_seq_id 
_struct_conn.ptnr2_symmetry 
_struct_conn.pdbx_ptnr3_label_atom_id 
_struct_conn.pdbx_ptnr3_label_seq_id 
_struct_conn.pdbx_ptnr3_label_comp_id 
_struct_conn.pdbx_ptnr3_label_asym_id 
_struct_conn.pdbx_ptnr3_label_alt_id 
_struct_conn.pdbx_ptnr3_PDB_ins_code 
_struct_conn.details 
_struct_conn.pdbx_dist_value 
_struct_conn.pdbx_value_order 
_struct_conn.pdbx_role 
disulf1 disulf ? ? A CYS 12 SG A ? ? 1_555 A CYS 15 SG A ? A CYS 12 A CYS 15 1_555 ? ? ? ? ? ? ? 2.060 ? ? 
disulf2 disulf ? ? B CYS 12 SG A ? ? 1_555 B CYS 15 SG A ? B CYS 12 B CYS 15 1_555 ? ? ? ? ? ? ? 2.081 ? ? 
disulf3 disulf ? ? B CYS 12 SG B ? ? 1_555 B CYS 15 SG B ? B CYS 12 B CYS 15 1_555 ? ? ? ? ? ? ? 2.079 ? ? 
# 
_struct_conn_type.id          disulf 
_struct_conn_type.criteria    ? 
_struct_conn_type.reference   ? 
# 
loop_
_pdbx_modification_feature.ordinal 
_pdbx_modification_feature.label_comp_id 
_pdbx_modification_feature.label_asym_id 
_pdbx_modification_feature.label_seq_id 
_pdbx_modification_feature.label_alt_id 
_pdbx_modification_feature.modified_residue_label_comp_id 
_pdbx_modification_feature.modified_residue_label_asym_id 
_pdbx_modification_feature.modified_residue_label_seq_id 
_pdbx_modification_feature.modified_residue_label_alt_id 
_pdbx_modification_feature.auth_comp_id 
_pdbx_modification_feature.auth_asym_id 
_pdbx_modification_feature.auth_seq_id 
_pdbx_modification_feature.PDB_ins_code 
_pdbx_modification_feature.symmetry 
_pdbx_modification_feature.modified_residue_auth_comp_id 
_pdbx_modification_feature.modified_residue_auth_asym_id 
_pdbx_modification_feature.modified_residue_auth_seq_id 
_pdbx_modification_feature.modified_residue_PDB_ins_code 
_pdbx_modification_feature.modified_residue_symmetry 
_pdbx_modification_feature.comp_id_linking_atom 
_pdbx_modification_feature.modified_residue_id_linking_atom 
_pdbx_modification_feature.modified_residue_id 
_pdbx_modification_feature.ref_pcm_id 
_pdbx_modification_feature.ref_comp_id 
_pdbx_modification_feature.type 
_pdbx_modification_feature.category 
1 CYS A 12 A CYS A 15 A CYS A 12 ? 1_555 CYS A 15 ? 1_555 SG SG . . . None 'Disulfide bridge' 
2 CYS B 12 A CYS B 15 A CYS B 12 ? 1_555 CYS B 15 ? 1_555 SG SG . . . None 'Disulfide bridge' 
3 CYS B 12 B CYS B 15 B CYS B 12 ? 1_555 CYS B 15 ? 1_555 SG SG . . . None 'Disulfide bridge' 
# 
loop_
_struct_mon_prot_cis.pdbx_id 
_struct_mon_prot_cis.label_comp_id 
_struct_mon_prot_cis.label_seq_id 
_struct_mon_prot_cis.label_asym_id 
_struct_mon_prot_cis.label_alt_id 
_struct_mon_prot_cis.pdbx_PDB_ins_code 
_struct_mon_prot_cis.auth_comp_id 
_struct_mon_prot_cis.auth_seq_id 
_struct_mon_prot_cis.auth_asym_id 
_struct_mon_prot_cis.pdbx_label_comp_id_2 
_struct_mon_prot_cis.pdbx_label_seq_id_2 
_struct_mon_prot_cis.pdbx_label_asym_id_2 
_struct_mon_prot_cis.pdbx_PDB_ins_code_2 
_struct_mon_prot_cis.pdbx_auth_comp_id_2 
_struct_mon_prot_cis.pdbx_auth_seq_id_2 
_struct_mon_prot_cis.pdbx_auth_asym_id_2 
_struct_mon_prot_cis.pdbx_PDB_model_num 
_struct_mon_prot_cis.pdbx_omega_angle 
1 VAL 52 A . ? VAL 52 A PRO 53 A ? PRO 53 A 1 -3.06 
2 VAL 52 B . ? VAL 52 B PRO 53 B ? PRO 53 B 1 -3.69 
# 
loop_
_struct_sheet.id 
_struct_sheet.type 
_struct_sheet.number_strands 
_struct_sheet.details 
AA1 ? 4 ? 
AA2 ? 2 ? 
AA3 ? 4 ? 
# 
loop_
_struct_sheet_order.sheet_id 
_struct_sheet_order.range_id_1 
_struct_sheet_order.range_id_2 
_struct_sheet_order.offset 
_struct_sheet_order.sense 
AA1 1 2 ? parallel      
AA1 2 3 ? anti-parallel 
AA1 3 4 ? anti-parallel 
AA2 1 2 ? anti-parallel 
AA3 1 2 ? parallel      
AA3 2 3 ? anti-parallel 
AA3 3 4 ? anti-parallel 
# 
loop_
_struct_sheet_range.sheet_id 
_struct_sheet_range.id 
_struct_sheet_range.beg_label_comp_id 
_struct_sheet_range.beg_label_asym_id 
_struct_sheet_range.beg_label_seq_id 
_struct_sheet_range.pdbx_beg_PDB_ins_code 
_struct_sheet_range.end_label_comp_id 
_struct_sheet_range.end_label_asym_id 
_struct_sheet_range.end_label_seq_id 
_struct_sheet_range.pdbx_end_PDB_ins_code 
_struct_sheet_range.beg_auth_comp_id 
_struct_sheet_range.beg_auth_asym_id 
_struct_sheet_range.beg_auth_seq_id 
_struct_sheet_range.end_auth_comp_id 
_struct_sheet_range.end_auth_asym_id 
_struct_sheet_range.end_auth_seq_id 
AA1 1 THR A 34 ? ASN A 37 ? THR A 34 ASN A 37 
AA1 2 VAL A 4  ? VAL A 8  ? VAL A 4  VAL A 8  
AA1 3 VAL A 54 ? VAL A 57 ? VAL A 54 VAL A 57 
AA1 4 GLU A 60 ? GLU A 61 ? GLU A 60 GLU A 61 
AA2 1 TRP A 65 ? VAL A 67 ? TRP A 65 VAL A 67 
AA2 2 TRP B 65 ? VAL B 67 ? TRP B 65 VAL B 67 
AA3 1 LEU B 33 ? ASN B 37 ? LEU B 33 ASN B 37 
AA3 2 VAL B 4  ? VAL B 8  ? VAL B 4  VAL B 8  
AA3 3 VAL B 54 ? VAL B 57 ? VAL B 54 VAL B 57 
AA3 4 GLU B 60 ? GLU B 61 ? GLU B 60 GLU B 61 
# 
loop_
_pdbx_struct_sheet_hbond.sheet_id 
_pdbx_struct_sheet_hbond.range_id_1 
_pdbx_struct_sheet_hbond.range_id_2 
_pdbx_struct_sheet_hbond.range_1_label_atom_id 
_pdbx_struct_sheet_hbond.range_1_label_comp_id 
_pdbx_struct_sheet_hbond.range_1_label_asym_id 
_pdbx_struct_sheet_hbond.range_1_label_seq_id 
_pdbx_struct_sheet_hbond.range_1_PDB_ins_code 
_pdbx_struct_sheet_hbond.range_1_auth_atom_id 
_pdbx_struct_sheet_hbond.range_1_auth_comp_id 
_pdbx_struct_sheet_hbond.range_1_auth_asym_id 
_pdbx_struct_sheet_hbond.range_1_auth_seq_id 
_pdbx_struct_sheet_hbond.range_2_label_atom_id 
_pdbx_struct_sheet_hbond.range_2_label_comp_id 
_pdbx_struct_sheet_hbond.range_2_label_asym_id 
_pdbx_struct_sheet_hbond.range_2_label_seq_id 
_pdbx_struct_sheet_hbond.range_2_PDB_ins_code 
_pdbx_struct_sheet_hbond.range_2_auth_atom_id 
_pdbx_struct_sheet_hbond.range_2_auth_comp_id 
_pdbx_struct_sheet_hbond.range_2_auth_asym_id 
_pdbx_struct_sheet_hbond.range_2_auth_seq_id 
AA1 1 2 O ARG A 36 ? O ARG A 36 N VAL A 8  ? N VAL A 8  
AA1 2 3 N ILE A 7  ? N ILE A 7  O VAL A 54 ? O VAL A 54 
AA1 3 4 N VAL A 57 ? N VAL A 57 O GLU A 60 ? O GLU A 60 
AA2 1 2 N GLU A 66 ? N GLU A 66 O GLU B 66 ? O GLU B 66 
AA3 1 2 O ARG B 36 ? O ARG B 36 N VAL B 8  ? N VAL B 8  
AA3 2 3 N GLU B 5  ? N GLU B 5  O LEU B 56 ? O LEU B 56 
AA3 3 4 N VAL B 57 ? N VAL B 57 O GLU B 60 ? O GLU B 60 
# 
_pdbx_entry_details.entry_id                   8PR6 
_pdbx_entry_details.compound_details           ? 
_pdbx_entry_details.source_details             ? 
_pdbx_entry_details.nonpolymer_details         ? 
_pdbx_entry_details.sequence_details           ? 
_pdbx_entry_details.has_ligand_of_interest     ? 
_pdbx_entry_details.has_protein_modification   Y 
# 
_pdbx_validate_close_contact.id               1 
_pdbx_validate_close_contact.PDB_model_num    1 
_pdbx_validate_close_contact.auth_atom_id_1   ND2 
_pdbx_validate_close_contact.auth_asym_id_1   A 
_pdbx_validate_close_contact.auth_comp_id_1   ASN 
_pdbx_validate_close_contact.auth_seq_id_1    11 
_pdbx_validate_close_contact.PDB_ins_code_1   ? 
_pdbx_validate_close_contact.label_alt_id_1   ? 
_pdbx_validate_close_contact.auth_atom_id_2   O 
_pdbx_validate_close_contact.auth_asym_id_2   A 
_pdbx_validate_close_contact.auth_comp_id_2   HOH 
_pdbx_validate_close_contact.auth_seq_id_2    101 
_pdbx_validate_close_contact.PDB_ins_code_2   ? 
_pdbx_validate_close_contact.label_alt_id_2   ? 
_pdbx_validate_close_contact.dist             2.09 
# 
loop_
_pdbx_validate_torsion.id 
_pdbx_validate_torsion.PDB_model_num 
_pdbx_validate_torsion.auth_comp_id 
_pdbx_validate_torsion.auth_asym_id 
_pdbx_validate_torsion.auth_seq_id 
_pdbx_validate_torsion.PDB_ins_code 
_pdbx_validate_torsion.label_alt_id 
_pdbx_validate_torsion.phi 
_pdbx_validate_torsion.psi 
1 1 ARG A 51 ? ? -141.15 23.97 
2 1 ARG B 51 ? ? -148.86 28.29 
# 
_pdbx_distant_solvent_atoms.id                                1 
_pdbx_distant_solvent_atoms.PDB_model_num                     1 
_pdbx_distant_solvent_atoms.auth_atom_id                      O 
_pdbx_distant_solvent_atoms.label_alt_id                      ? 
_pdbx_distant_solvent_atoms.auth_asym_id                      B 
_pdbx_distant_solvent_atoms.auth_comp_id                      HOH 
_pdbx_distant_solvent_atoms.auth_seq_id                       157 
_pdbx_distant_solvent_atoms.PDB_ins_code                      ? 
_pdbx_distant_solvent_atoms.neighbor_macromolecule_distance   6.20 
_pdbx_distant_solvent_atoms.neighbor_ligand_distance          . 
# 
loop_
_pdbx_unobs_or_zero_occ_residues.id 
_pdbx_unobs_or_zero_occ_residues.PDB_model_num 
_pdbx_unobs_or_zero_occ_residues.polymer_flag 
_pdbx_unobs_or_zero_occ_residues.occupancy_flag 
_pdbx_unobs_or_zero_occ_residues.auth_asym_id 
_pdbx_unobs_or_zero_occ_residues.auth_comp_id 
_pdbx_unobs_or_zero_occ_residues.auth_seq_id 
_pdbx_unobs_or_zero_occ_residues.PDB_ins_code 
_pdbx_unobs_or_zero_occ_residues.label_asym_id 
_pdbx_unobs_or_zero_occ_residues.label_comp_id 
_pdbx_unobs_or_zero_occ_residues.label_seq_id 
1  1 Y 1 A GLU 79 ? A GLU 79 
2  1 Y 1 A HIS 80 ? A HIS 80 
3  1 Y 1 A HIS 81 ? A HIS 81 
4  1 Y 1 A HIS 82 ? A HIS 82 
5  1 Y 1 A HIS 83 ? A HIS 83 
6  1 Y 1 A HIS 84 ? A HIS 84 
7  1 Y 1 A HIS 85 ? A HIS 85 
8  1 Y 1 B HIS 80 ? B HIS 80 
9  1 Y 1 B HIS 81 ? B HIS 81 
10 1 Y 1 B HIS 82 ? B HIS 82 
11 1 Y 1 B HIS 83 ? B HIS 83 
12 1 Y 1 B HIS 84 ? B HIS 84 
13 1 Y 1 B HIS 85 ? B HIS 85 
# 
loop_
_chem_comp_atom.comp_id 
_chem_comp_atom.atom_id 
_chem_comp_atom.type_symbol 
_chem_comp_atom.pdbx_aromatic_flag 
_chem_comp_atom.pdbx_stereo_config 
_chem_comp_atom.pdbx_ordinal 
ALA N    N N N 1   
ALA CA   C N S 2   
ALA C    C N N 3   
ALA O    O N N 4   
ALA CB   C N N 5   
ALA OXT  O N N 6   
ALA H    H N N 7   
ALA H2   H N N 8   
ALA HA   H N N 9   
ALA HB1  H N N 10  
ALA HB2  H N N 11  
ALA HB3  H N N 12  
ALA HXT  H N N 13  
ARG N    N N N 14  
ARG CA   C N S 15  
ARG C    C N N 16  
ARG O    O N N 17  
ARG CB   C N N 18  
ARG CG   C N N 19  
ARG CD   C N N 20  
ARG NE   N N N 21  
ARG CZ   C N N 22  
ARG NH1  N N N 23  
ARG NH2  N N N 24  
ARG OXT  O N N 25  
ARG H    H N N 26  
ARG H2   H N N 27  
ARG HA   H N N 28  
ARG HB2  H N N 29  
ARG HB3  H N N 30  
ARG HG2  H N N 31  
ARG HG3  H N N 32  
ARG HD2  H N N 33  
ARG HD3  H N N 34  
ARG HE   H N N 35  
ARG HH11 H N N 36  
ARG HH12 H N N 37  
ARG HH21 H N N 38  
ARG HH22 H N N 39  
ARG HXT  H N N 40  
ASN N    N N N 41  
ASN CA   C N S 42  
ASN C    C N N 43  
ASN O    O N N 44  
ASN CB   C N N 45  
ASN CG   C N N 46  
ASN OD1  O N N 47  
ASN ND2  N N N 48  
ASN OXT  O N N 49  
ASN H    H N N 50  
ASN H2   H N N 51  
ASN HA   H N N 52  
ASN HB2  H N N 53  
ASN HB3  H N N 54  
ASN HD21 H N N 55  
ASN HD22 H N N 56  
ASN HXT  H N N 57  
ASP N    N N N 58  
ASP CA   C N S 59  
ASP C    C N N 60  
ASP O    O N N 61  
ASP CB   C N N 62  
ASP CG   C N N 63  
ASP OD1  O N N 64  
ASP OD2  O N N 65  
ASP OXT  O N N 66  
ASP H    H N N 67  
ASP H2   H N N 68  
ASP HA   H N N 69  
ASP HB2  H N N 70  
ASP HB3  H N N 71  
ASP HD2  H N N 72  
ASP HXT  H N N 73  
CYS N    N N N 74  
CYS CA   C N R 75  
CYS C    C N N 76  
CYS O    O N N 77  
CYS CB   C N N 78  
CYS SG   S N N 79  
CYS OXT  O N N 80  
CYS H    H N N 81  
CYS H2   H N N 82  
CYS HA   H N N 83  
CYS HB2  H N N 84  
CYS HB3  H N N 85  
CYS HG   H N N 86  
CYS HXT  H N N 87  
GLN N    N N N 88  
GLN CA   C N S 89  
GLN C    C N N 90  
GLN O    O N N 91  
GLN CB   C N N 92  
GLN CG   C N N 93  
GLN CD   C N N 94  
GLN OE1  O N N 95  
GLN NE2  N N N 96  
GLN OXT  O N N 97  
GLN H    H N N 98  
GLN H2   H N N 99  
GLN HA   H N N 100 
GLN HB2  H N N 101 
GLN HB3  H N N 102 
GLN HG2  H N N 103 
GLN HG3  H N N 104 
GLN HE21 H N N 105 
GLN HE22 H N N 106 
GLN HXT  H N N 107 
GLU N    N N N 108 
GLU CA   C N S 109 
GLU C    C N N 110 
GLU O    O N N 111 
GLU CB   C N N 112 
GLU CG   C N N 113 
GLU CD   C N N 114 
GLU OE1  O N N 115 
GLU OE2  O N N 116 
GLU OXT  O N N 117 
GLU H    H N N 118 
GLU H2   H N N 119 
GLU HA   H N N 120 
GLU HB2  H N N 121 
GLU HB3  H N N 122 
GLU HG2  H N N 123 
GLU HG3  H N N 124 
GLU HE2  H N N 125 
GLU HXT  H N N 126 
GLY N    N N N 127 
GLY CA   C N N 128 
GLY C    C N N 129 
GLY O    O N N 130 
GLY OXT  O N N 131 
GLY H    H N N 132 
GLY H2   H N N 133 
GLY HA2  H N N 134 
GLY HA3  H N N 135 
GLY HXT  H N N 136 
HIS N    N N N 137 
HIS CA   C N S 138 
HIS C    C N N 139 
HIS O    O N N 140 
HIS CB   C N N 141 
HIS CG   C Y N 142 
HIS ND1  N Y N 143 
HIS CD2  C Y N 144 
HIS CE1  C Y N 145 
HIS NE2  N Y N 146 
HIS OXT  O N N 147 
HIS H    H N N 148 
HIS H2   H N N 149 
HIS HA   H N N 150 
HIS HB2  H N N 151 
HIS HB3  H N N 152 
HIS HD1  H N N 153 
HIS HD2  H N N 154 
HIS HE1  H N N 155 
HIS HE2  H N N 156 
HIS HXT  H N N 157 
HOH O    O N N 158 
HOH H1   H N N 159 
HOH H2   H N N 160 
ILE N    N N N 161 
ILE CA   C N S 162 
ILE C    C N N 163 
ILE O    O N N 164 
ILE CB   C N S 165 
ILE CG1  C N N 166 
ILE CG2  C N N 167 
ILE CD1  C N N 168 
ILE OXT  O N N 169 
ILE H    H N N 170 
ILE H2   H N N 171 
ILE HA   H N N 172 
ILE HB   H N N 173 
ILE HG12 H N N 174 
ILE HG13 H N N 175 
ILE HG21 H N N 176 
ILE HG22 H N N 177 
ILE HG23 H N N 178 
ILE HD11 H N N 179 
ILE HD12 H N N 180 
ILE HD13 H N N 181 
ILE HXT  H N N 182 
LEU N    N N N 183 
LEU CA   C N S 184 
LEU C    C N N 185 
LEU O    O N N 186 
LEU CB   C N N 187 
LEU CG   C N N 188 
LEU CD1  C N N 189 
LEU CD2  C N N 190 
LEU OXT  O N N 191 
LEU H    H N N 192 
LEU H2   H N N 193 
LEU HA   H N N 194 
LEU HB2  H N N 195 
LEU HB3  H N N 196 
LEU HG   H N N 197 
LEU HD11 H N N 198 
LEU HD12 H N N 199 
LEU HD13 H N N 200 
LEU HD21 H N N 201 
LEU HD22 H N N 202 
LEU HD23 H N N 203 
LEU HXT  H N N 204 
LYS N    N N N 205 
LYS CA   C N S 206 
LYS C    C N N 207 
LYS O    O N N 208 
LYS CB   C N N 209 
LYS CG   C N N 210 
LYS CD   C N N 211 
LYS CE   C N N 212 
LYS NZ   N N N 213 
LYS OXT  O N N 214 
LYS H    H N N 215 
LYS H2   H N N 216 
LYS HA   H N N 217 
LYS HB2  H N N 218 
LYS HB3  H N N 219 
LYS HG2  H N N 220 
LYS HG3  H N N 221 
LYS HD2  H N N 222 
LYS HD3  H N N 223 
LYS HE2  H N N 224 
LYS HE3  H N N 225 
LYS HZ1  H N N 226 
LYS HZ2  H N N 227 
LYS HZ3  H N N 228 
LYS HXT  H N N 229 
PHE N    N N N 230 
PHE CA   C N S 231 
PHE C    C N N 232 
PHE O    O N N 233 
PHE CB   C N N 234 
PHE CG   C Y N 235 
PHE CD1  C Y N 236 
PHE CD2  C Y N 237 
PHE CE1  C Y N 238 
PHE CE2  C Y N 239 
PHE CZ   C Y N 240 
PHE OXT  O N N 241 
PHE H    H N N 242 
PHE H2   H N N 243 
PHE HA   H N N 244 
PHE HB2  H N N 245 
PHE HB3  H N N 246 
PHE HD1  H N N 247 
PHE HD2  H N N 248 
PHE HE1  H N N 249 
PHE HE2  H N N 250 
PHE HZ   H N N 251 
PHE HXT  H N N 252 
PRO N    N N N 253 
PRO CA   C N S 254 
PRO C    C N N 255 
PRO O    O N N 256 
PRO CB   C N N 257 
PRO CG   C N N 258 
PRO CD   C N N 259 
PRO OXT  O N N 260 
PRO H    H N N 261 
PRO HA   H N N 262 
PRO HB2  H N N 263 
PRO HB3  H N N 264 
PRO HG2  H N N 265 
PRO HG3  H N N 266 
PRO HD2  H N N 267 
PRO HD3  H N N 268 
PRO HXT  H N N 269 
SER N    N N N 270 
SER CA   C N S 271 
SER C    C N N 272 
SER O    O N N 273 
SER CB   C N N 274 
SER OG   O N N 275 
SER OXT  O N N 276 
SER H    H N N 277 
SER H2   H N N 278 
SER HA   H N N 279 
SER HB2  H N N 280 
SER HB3  H N N 281 
SER HG   H N N 282 
SER HXT  H N N 283 
THR N    N N N 284 
THR CA   C N S 285 
THR C    C N N 286 
THR O    O N N 287 
THR CB   C N R 288 
THR OG1  O N N 289 
THR CG2  C N N 290 
THR OXT  O N N 291 
THR H    H N N 292 
THR H2   H N N 293 
THR HA   H N N 294 
THR HB   H N N 295 
THR HG1  H N N 296 
THR HG21 H N N 297 
THR HG22 H N N 298 
THR HG23 H N N 299 
THR HXT  H N N 300 
TRP N    N N N 301 
TRP CA   C N S 302 
TRP C    C N N 303 
TRP O    O N N 304 
TRP CB   C N N 305 
TRP CG   C Y N 306 
TRP CD1  C Y N 307 
TRP CD2  C Y N 308 
TRP NE1  N Y N 309 
TRP CE2  C Y N 310 
TRP CE3  C Y N 311 
TRP CZ2  C Y N 312 
TRP CZ3  C Y N 313 
TRP CH2  C Y N 314 
TRP OXT  O N N 315 
TRP H    H N N 316 
TRP H2   H N N 317 
TRP HA   H N N 318 
TRP HB2  H N N 319 
TRP HB3  H N N 320 
TRP HD1  H N N 321 
TRP HE1  H N N 322 
TRP HE3  H N N 323 
TRP HZ2  H N N 324 
TRP HZ3  H N N 325 
TRP HH2  H N N 326 
TRP HXT  H N N 327 
VAL N    N N N 328 
VAL CA   C N S 329 
VAL C    C N N 330 
VAL O    O N N 331 
VAL CB   C N N 332 
VAL CG1  C N N 333 
VAL CG2  C N N 334 
VAL OXT  O N N 335 
VAL H    H N N 336 
VAL H2   H N N 337 
VAL HA   H N N 338 
VAL HB   H N N 339 
VAL HG11 H N N 340 
VAL HG12 H N N 341 
VAL HG13 H N N 342 
VAL HG21 H N N 343 
VAL HG22 H N N 344 
VAL HG23 H N N 345 
VAL HXT  H N N 346 
# 
loop_
_chem_comp_bond.comp_id 
_chem_comp_bond.atom_id_1 
_chem_comp_bond.atom_id_2 
_chem_comp_bond.value_order 
_chem_comp_bond.pdbx_aromatic_flag 
_chem_comp_bond.pdbx_stereo_config 
_chem_comp_bond.pdbx_ordinal 
ALA N   CA   sing N N 1   
ALA N   H    sing N N 2   
ALA N   H2   sing N N 3   
ALA CA  C    sing N N 4   
ALA CA  CB   sing N N 5   
ALA CA  HA   sing N N 6   
ALA C   O    doub N N 7   
ALA C   OXT  sing N N 8   
ALA CB  HB1  sing N N 9   
ALA CB  HB2  sing N N 10  
ALA CB  HB3  sing N N 11  
ALA OXT HXT  sing N N 12  
ARG N   CA   sing N N 13  
ARG N   H    sing N N 14  
ARG N   H2   sing N N 15  
ARG CA  C    sing N N 16  
ARG CA  CB   sing N N 17  
ARG CA  HA   sing N N 18  
ARG C   O    doub N N 19  
ARG C   OXT  sing N N 20  
ARG CB  CG   sing N N 21  
ARG CB  HB2  sing N N 22  
ARG CB  HB3  sing N N 23  
ARG CG  CD   sing N N 24  
ARG CG  HG2  sing N N 25  
ARG CG  HG3  sing N N 26  
ARG CD  NE   sing N N 27  
ARG CD  HD2  sing N N 28  
ARG CD  HD3  sing N N 29  
ARG NE  CZ   sing N N 30  
ARG NE  HE   sing N N 31  
ARG CZ  NH1  sing N N 32  
ARG CZ  NH2  doub N N 33  
ARG NH1 HH11 sing N N 34  
ARG NH1 HH12 sing N N 35  
ARG NH2 HH21 sing N N 36  
ARG NH2 HH22 sing N N 37  
ARG OXT HXT  sing N N 38  
ASN N   CA   sing N N 39  
ASN N   H    sing N N 40  
ASN N   H2   sing N N 41  
ASN CA  C    sing N N 42  
ASN CA  CB   sing N N 43  
ASN CA  HA   sing N N 44  
ASN C   O    doub N N 45  
ASN C   OXT  sing N N 46  
ASN CB  CG   sing N N 47  
ASN CB  HB2  sing N N 48  
ASN CB  HB3  sing N N 49  
ASN CG  OD1  doub N N 50  
ASN CG  ND2  sing N N 51  
ASN ND2 HD21 sing N N 52  
ASN ND2 HD22 sing N N 53  
ASN OXT HXT  sing N N 54  
ASP N   CA   sing N N 55  
ASP N   H    sing N N 56  
ASP N   H2   sing N N 57  
ASP CA  C    sing N N 58  
ASP CA  CB   sing N N 59  
ASP CA  HA   sing N N 60  
ASP C   O    doub N N 61  
ASP C   OXT  sing N N 62  
ASP CB  CG   sing N N 63  
ASP CB  HB2  sing N N 64  
ASP CB  HB3  sing N N 65  
ASP CG  OD1  doub N N 66  
ASP CG  OD2  sing N N 67  
ASP OD2 HD2  sing N N 68  
ASP OXT HXT  sing N N 69  
CYS N   CA   sing N N 70  
CYS N   H    sing N N 71  
CYS N   H2   sing N N 72  
CYS CA  C    sing N N 73  
CYS CA  CB   sing N N 74  
CYS CA  HA   sing N N 75  
CYS C   O    doub N N 76  
CYS C   OXT  sing N N 77  
CYS CB  SG   sing N N 78  
CYS CB  HB2  sing N N 79  
CYS CB  HB3  sing N N 80  
CYS SG  HG   sing N N 81  
CYS OXT HXT  sing N N 82  
GLN N   CA   sing N N 83  
GLN N   H    sing N N 84  
GLN N   H2   sing N N 85  
GLN CA  C    sing N N 86  
GLN CA  CB   sing N N 87  
GLN CA  HA   sing N N 88  
GLN C   O    doub N N 89  
GLN C   OXT  sing N N 90  
GLN CB  CG   sing N N 91  
GLN CB  HB2  sing N N 92  
GLN CB  HB3  sing N N 93  
GLN CG  CD   sing N N 94  
GLN CG  HG2  sing N N 95  
GLN CG  HG3  sing N N 96  
GLN CD  OE1  doub N N 97  
GLN CD  NE2  sing N N 98  
GLN NE2 HE21 sing N N 99  
GLN NE2 HE22 sing N N 100 
GLN OXT HXT  sing N N 101 
GLU N   CA   sing N N 102 
GLU N   H    sing N N 103 
GLU N   H2   sing N N 104 
GLU CA  C    sing N N 105 
GLU CA  CB   sing N N 106 
GLU CA  HA   sing N N 107 
GLU C   O    doub N N 108 
GLU C   OXT  sing N N 109 
GLU CB  CG   sing N N 110 
GLU CB  HB2  sing N N 111 
GLU CB  HB3  sing N N 112 
GLU CG  CD   sing N N 113 
GLU CG  HG2  sing N N 114 
GLU CG  HG3  sing N N 115 
GLU CD  OE1  doub N N 116 
GLU CD  OE2  sing N N 117 
GLU OE2 HE2  sing N N 118 
GLU OXT HXT  sing N N 119 
GLY N   CA   sing N N 120 
GLY N   H    sing N N 121 
GLY N   H2   sing N N 122 
GLY CA  C    sing N N 123 
GLY CA  HA2  sing N N 124 
GLY CA  HA3  sing N N 125 
GLY C   O    doub N N 126 
GLY C   OXT  sing N N 127 
GLY OXT HXT  sing N N 128 
HIS N   CA   sing N N 129 
HIS N   H    sing N N 130 
HIS N   H2   sing N N 131 
HIS CA  C    sing N N 132 
HIS CA  CB   sing N N 133 
HIS CA  HA   sing N N 134 
HIS C   O    doub N N 135 
HIS C   OXT  sing N N 136 
HIS CB  CG   sing N N 137 
HIS CB  HB2  sing N N 138 
HIS CB  HB3  sing N N 139 
HIS CG  ND1  sing Y N 140 
HIS CG  CD2  doub Y N 141 
HIS ND1 CE1  doub Y N 142 
HIS ND1 HD1  sing N N 143 
HIS CD2 NE2  sing Y N 144 
HIS CD2 HD2  sing N N 145 
HIS CE1 NE2  sing Y N 146 
HIS CE1 HE1  sing N N 147 
HIS NE2 HE2  sing N N 148 
HIS OXT HXT  sing N N 149 
HOH O   H1   sing N N 150 
HOH O   H2   sing N N 151 
ILE N   CA   sing N N 152 
ILE N   H    sing N N 153 
ILE N   H2   sing N N 154 
ILE CA  C    sing N N 155 
ILE CA  CB   sing N N 156 
ILE CA  HA   sing N N 157 
ILE C   O    doub N N 158 
ILE C   OXT  sing N N 159 
ILE CB  CG1  sing N N 160 
ILE CB  CG2  sing N N 161 
ILE CB  HB   sing N N 162 
ILE CG1 CD1  sing N N 163 
ILE CG1 HG12 sing N N 164 
ILE CG1 HG13 sing N N 165 
ILE CG2 HG21 sing N N 166 
ILE CG2 HG22 sing N N 167 
ILE CG2 HG23 sing N N 168 
ILE CD1 HD11 sing N N 169 
ILE CD1 HD12 sing N N 170 
ILE CD1 HD13 sing N N 171 
ILE OXT HXT  sing N N 172 
LEU N   CA   sing N N 173 
LEU N   H    sing N N 174 
LEU N   H2   sing N N 175 
LEU CA  C    sing N N 176 
LEU CA  CB   sing N N 177 
LEU CA  HA   sing N N 178 
LEU C   O    doub N N 179 
LEU C   OXT  sing N N 180 
LEU CB  CG   sing N N 181 
LEU CB  HB2  sing N N 182 
LEU CB  HB3  sing N N 183 
LEU CG  CD1  sing N N 184 
LEU CG  CD2  sing N N 185 
LEU CG  HG   sing N N 186 
LEU CD1 HD11 sing N N 187 
LEU CD1 HD12 sing N N 188 
LEU CD1 HD13 sing N N 189 
LEU CD2 HD21 sing N N 190 
LEU CD2 HD22 sing N N 191 
LEU CD2 HD23 sing N N 192 
LEU OXT HXT  sing N N 193 
LYS N   CA   sing N N 194 
LYS N   H    sing N N 195 
LYS N   H2   sing N N 196 
LYS CA  C    sing N N 197 
LYS CA  CB   sing N N 198 
LYS CA  HA   sing N N 199 
LYS C   O    doub N N 200 
LYS C   OXT  sing N N 201 
LYS CB  CG   sing N N 202 
LYS CB  HB2  sing N N 203 
LYS CB  HB3  sing N N 204 
LYS CG  CD   sing N N 205 
LYS CG  HG2  sing N N 206 
LYS CG  HG3  sing N N 207 
LYS CD  CE   sing N N 208 
LYS CD  HD2  sing N N 209 
LYS CD  HD3  sing N N 210 
LYS CE  NZ   sing N N 211 
LYS CE  HE2  sing N N 212 
LYS CE  HE3  sing N N 213 
LYS NZ  HZ1  sing N N 214 
LYS NZ  HZ2  sing N N 215 
LYS NZ  HZ3  sing N N 216 
LYS OXT HXT  sing N N 217 
PHE N   CA   sing N N 218 
PHE N   H    sing N N 219 
PHE N   H2   sing N N 220 
PHE CA  C    sing N N 221 
PHE CA  CB   sing N N 222 
PHE CA  HA   sing N N 223 
PHE C   O    doub N N 224 
PHE C   OXT  sing N N 225 
PHE CB  CG   sing N N 226 
PHE CB  HB2  sing N N 227 
PHE CB  HB3  sing N N 228 
PHE CG  CD1  doub Y N 229 
PHE CG  CD2  sing Y N 230 
PHE CD1 CE1  sing Y N 231 
PHE CD1 HD1  sing N N 232 
PHE CD2 CE2  doub Y N 233 
PHE CD2 HD2  sing N N 234 
PHE CE1 CZ   doub Y N 235 
PHE CE1 HE1  sing N N 236 
PHE CE2 CZ   sing Y N 237 
PHE CE2 HE2  sing N N 238 
PHE CZ  HZ   sing N N 239 
PHE OXT HXT  sing N N 240 
PRO N   CA   sing N N 241 
PRO N   CD   sing N N 242 
PRO N   H    sing N N 243 
PRO CA  C    sing N N 244 
PRO CA  CB   sing N N 245 
PRO CA  HA   sing N N 246 
PRO C   O    doub N N 247 
PRO C   OXT  sing N N 248 
PRO CB  CG   sing N N 249 
PRO CB  HB2  sing N N 250 
PRO CB  HB3  sing N N 251 
PRO CG  CD   sing N N 252 
PRO CG  HG2  sing N N 253 
PRO CG  HG3  sing N N 254 
PRO CD  HD2  sing N N 255 
PRO CD  HD3  sing N N 256 
PRO OXT HXT  sing N N 257 
SER N   CA   sing N N 258 
SER N   H    sing N N 259 
SER N   H2   sing N N 260 
SER CA  C    sing N N 261 
SER CA  CB   sing N N 262 
SER CA  HA   sing N N 263 
SER C   O    doub N N 264 
SER C   OXT  sing N N 265 
SER CB  OG   sing N N 266 
SER CB  HB2  sing N N 267 
SER CB  HB3  sing N N 268 
SER OG  HG   sing N N 269 
SER OXT HXT  sing N N 270 
THR N   CA   sing N N 271 
THR N   H    sing N N 272 
THR N   H2   sing N N 273 
THR CA  C    sing N N 274 
THR CA  CB   sing N N 275 
THR CA  HA   sing N N 276 
THR C   O    doub N N 277 
THR C   OXT  sing N N 278 
THR CB  OG1  sing N N 279 
THR CB  CG2  sing N N 280 
THR CB  HB   sing N N 281 
THR OG1 HG1  sing N N 282 
THR CG2 HG21 sing N N 283 
THR CG2 HG22 sing N N 284 
THR CG2 HG23 sing N N 285 
THR OXT HXT  sing N N 286 
TRP N   CA   sing N N 287 
TRP N   H    sing N N 288 
TRP N   H2   sing N N 289 
TRP CA  C    sing N N 290 
TRP CA  CB   sing N N 291 
TRP CA  HA   sing N N 292 
TRP C   O    doub N N 293 
TRP C   OXT  sing N N 294 
TRP CB  CG   sing N N 295 
TRP CB  HB2  sing N N 296 
TRP CB  HB3  sing N N 297 
TRP CG  CD1  doub Y N 298 
TRP CG  CD2  sing Y N 299 
TRP CD1 NE1  sing Y N 300 
TRP CD1 HD1  sing N N 301 
TRP CD2 CE2  doub Y N 302 
TRP CD2 CE3  sing Y N 303 
TRP NE1 CE2  sing Y N 304 
TRP NE1 HE1  sing N N 305 
TRP CE2 CZ2  sing Y N 306 
TRP CE3 CZ3  doub Y N 307 
TRP CE3 HE3  sing N N 308 
TRP CZ2 CH2  doub Y N 309 
TRP CZ2 HZ2  sing N N 310 
TRP CZ3 CH2  sing Y N 311 
TRP CZ3 HZ3  sing N N 312 
TRP CH2 HH2  sing N N 313 
TRP OXT HXT  sing N N 314 
VAL N   CA   sing N N 315 
VAL N   H    sing N N 316 
VAL N   H2   sing N N 317 
VAL CA  C    sing N N 318 
VAL CA  CB   sing N N 319 
VAL CA  HA   sing N N 320 
VAL C   O    doub N N 321 
VAL C   OXT  sing N N 322 
VAL CB  CG1  sing N N 323 
VAL CB  CG2  sing N N 324 
VAL CB  HB   sing N N 325 
VAL CG1 HG11 sing N N 326 
VAL CG1 HG12 sing N N 327 
VAL CG1 HG13 sing N N 328 
VAL CG2 HG21 sing N N 329 
VAL CG2 HG22 sing N N 330 
VAL CG2 HG23 sing N N 331 
VAL OXT HXT  sing N N 332 
# 
_pdbx_audit_support.funding_organization   'Other government' 
_pdbx_audit_support.country                Belgium 
_pdbx_audit_support.grant_number           'VIB C0701JOME' 
_pdbx_audit_support.ordinal                1 
# 
_atom_sites.entry_id                    8PR6 
_atom_sites.Cartn_transf_matrix[1][1]   ? 
_atom_sites.Cartn_transf_matrix[1][2]   ? 
_atom_sites.Cartn_transf_matrix[1][3]   ? 
_atom_sites.Cartn_transf_matrix[2][1]   ? 
_atom_sites.Cartn_transf_matrix[2][2]   ? 
_atom_sites.Cartn_transf_matrix[2][3]   ? 
_atom_sites.Cartn_transf_matrix[3][1]   ? 
_atom_sites.Cartn_transf_matrix[3][2]   ? 
_atom_sites.Cartn_transf_matrix[3][3]   ? 
_atom_sites.Cartn_transf_vector[1]      ? 
_atom_sites.Cartn_transf_vector[2]      ? 
_atom_sites.Cartn_transf_vector[3]      ? 
_atom_sites.fract_transf_matrix[1][1]   0.01282813 
_atom_sites.fract_transf_matrix[1][2]   0.00037652 
_atom_sites.fract_transf_matrix[1][3]   -0.00616030 
_atom_sites.fract_transf_matrix[2][1]   -0.00444723 
_atom_sites.fract_transf_matrix[2][2]   0.02612628 
_atom_sites.fract_transf_matrix[2][3]   -0.00766402 
_atom_sites.fract_transf_matrix[3][1]   0.00793570 
_atom_sites.fract_transf_matrix[3][2]   0.00471912 
_atom_sites.fract_transf_matrix[3][3]   0.01148239 
_atom_sites.fract_transf_vector[1]      0.237408 
_atom_sites.fract_transf_vector[2]      2.218344 
_atom_sites.fract_transf_vector[3]      1.262286 
_atom_sites.solution_primary            ? 
_atom_sites.solution_secondary          ? 
_atom_sites.solution_hydrogens          ? 
_atom_sites.special_details             ? 
# 
loop_
_atom_type.symbol 
C 
N 
O 
S 
# 
loop_
_atom_site.group_PDB 
_atom_site.id 
_atom_site.type_symbol 
_atom_site.label_atom_id 
_atom_site.label_alt_id 
_atom_site.label_comp_id 
_atom_site.label_asym_id 
_atom_site.label_entity_id 
_atom_site.label_seq_id 
_atom_site.pdbx_PDB_ins_code 
_atom_site.Cartn_x 
_atom_site.Cartn_y 
_atom_site.Cartn_z 
_atom_site.occupancy 
_atom_site.B_iso_or_equiv 
_atom_site.pdbx_formal_charge 
_atom_site.auth_seq_id 
_atom_site.auth_comp_id 
_atom_site.auth_asym_id 
_atom_site.auth_atom_id 
_atom_site.pdbx_PDB_model_num 
ATOM   1    N N   . GLY A 1 1  ? -26.295 -4.124  -1.796  1.00 42.32 ? 1   GLY A N   1 
ATOM   2    C CA  . GLY A 1 1  ? -25.316 -5.243  -1.698  1.00 41.21 ? 1   GLY A CA  1 
ATOM   3    C C   . GLY A 1 1  ? -23.942 -4.788  -2.134  1.00 39.56 ? 1   GLY A C   1 
ATOM   4    O O   . GLY A 1 1  ? -23.847 -3.771  -2.866  1.00 43.96 ? 1   GLY A O   1 
ATOM   5    N N   . HIS A 1 2  ? -22.889 -5.458  -1.653  1.00 38.17 ? 2   HIS A N   1 
ATOM   6    C CA  . HIS A 1 2  ? -21.497 -5.107  -2.024  1.00 32.37 ? 2   HIS A CA  1 
ATOM   7    C C   . HIS A 1 2  ? -20.728 -6.276  -2.663  1.00 24.78 ? 2   HIS A C   1 
ATOM   8    O O   . HIS A 1 2  ? -20.940 -7.462  -2.294  1.00 31.08 ? 2   HIS A O   1 
ATOM   9    C CB  . HIS A 1 2  ? -20.681 -4.587  -0.826  1.00 31.09 ? 2   HIS A CB  1 
ATOM   10   C CG  . HIS A 1 2  ? -21.309 -3.469  -0.047  1.00 26.95 ? 2   HIS A CG  1 
ATOM   11   N ND1 . HIS A 1 2  ? -21.293 -2.169  -0.477  1.00 27.67 ? 2   HIS A ND1 1 
ATOM   12   C CD2 . HIS A 1 2  ? -21.950 -3.466  1.139   1.00 33.44 ? 2   HIS A CD2 1 
ATOM   13   C CE1 . HIS A 1 2  ? -21.904 -1.403  0.420   1.00 25.55 ? 2   HIS A CE1 1 
ATOM   14   N NE2 . HIS A 1 2  ? -22.292 -2.176  1.416   1.00 28.01 ? 2   HIS A NE2 1 
ATOM   15   N N   . SER A 1 3  ? -19.735 -5.855  -3.415  1.00 24.67 ? 3   SER A N   1 
ATOM   16   C CA  . SER A 1 3  ? -18.604 -6.645  -3.964  1.00 27.84 ? 3   SER A CA  1 
ATOM   17   C C   . SER A 1 3  ? -17.260 -6.127  -3.428  1.00 23.48 ? 3   SER A C   1 
ATOM   18   O O   . SER A 1 3  ? -17.070 -4.904  -3.327  1.00 26.79 ? 3   SER A O   1 
ATOM   19   C CB  . SER A 1 3  ? -18.565 -6.600  -5.475  1.00 23.75 ? 3   SER A CB  1 
ATOM   20   O OG  . SER A 1 3  ? -18.350 -5.320  -6.009  1.00 30.15 ? 3   SER A OG  1 
ATOM   21   N N   . VAL A 1 4  ? -16.341 -7.067  -3.283  1.00 24.94 ? 4   VAL A N   1 
ATOM   22   C CA  . VAL A 1 4  ? -14.918 -6.778  -2.992  1.00 22.20 ? 4   VAL A CA  1 
ATOM   23   C C   . VAL A 1 4  ? -14.085 -7.664  -3.909  1.00 21.54 ? 4   VAL A C   1 
ATOM   24   O O   . VAL A 1 4  ? -14.281 -8.896  -3.849  1.00 25.24 ? 4   VAL A O   1 
ATOM   25   C CB  . VAL A 1 4  ? -14.587 -7.017  -1.522  1.00 22.34 ? 4   VAL A CB  1 
ATOM   26   C CG1 . VAL A 1 4  ? -13.161 -6.529  -1.202  1.00 23.83 ? 4   VAL A CG1 1 
ATOM   27   C CG2 . VAL A 1 4  ? -15.609 -6.292  -0.652  1.00 24.65 ? 4   VAL A CG2 1 
ATOM   28   N N   . GLU A 1 5  ? -13.152 -7.011  -4.568  1.00 23.66 ? 5   GLU A N   1 
ATOM   29   C CA  . GLU A 1 5  ? -12.153 -7.644  -5.457  1.00 26.61 ? 5   GLU A CA  1 
ATOM   30   C C   . GLU A 1 5  ? -10.754 -7.270  -4.971  1.00 24.17 ? 5   GLU A C   1 
ATOM   31   O O   . GLU A 1 5  ? -10.508 -6.093  -4.651  1.00 23.49 ? 5   GLU A O   1 
ATOM   32   C CB  . GLU A 1 5  ? -12.406 -7.166  -6.885  1.00 30.09 ? 5   GLU A CB  1 
ATOM   33   C CG  . GLU A 1 5  ? -11.783 -8.061  -7.933  1.00 35.53 ? 5   GLU A CG  1 
ATOM   34   C CD  . GLU A 1 5  ? -12.631 -8.075  -9.198  1.00 40.48 ? 5   GLU A CD  1 
ATOM   35   O OE1 . GLU A 1 5  ? -12.981 -9.171  -9.670  1.00 52.03 ? 5   GLU A OE1 1 
ATOM   36   O OE2 . GLU A 1 5  ? -12.975 -6.991  -9.668  1.00 45.78 ? 5   GLU A OE2 1 
ATOM   37   N N   . ILE A 1 6  ? -9.818  -8.214  -5.025  1.00 22.44 ? 6   ILE A N   1 
ATOM   38   C CA  . ILE A 1 6  ? -8.387  -7.852  -4.915  1.00 20.17 ? 6   ILE A CA  1 
ATOM   39   C C   . ILE A 1 6  ? -7.709  -8.067  -6.272  1.00 21.02 ? 6   ILE A C   1 
ATOM   40   O O   . ILE A 1 6  ? -7.962  -9.138  -6.891  1.00 24.22 ? 6   ILE A O   1 
ATOM   41   C CB  . ILE A 1 6  ? -7.711  -8.599  -3.762  1.00 19.54 ? 6   ILE A CB  1 
ATOM   42   C CG1 . ILE A 1 6  ? -6.294  -8.048  -3.540  1.00 20.36 ? 6   ILE A CG1 1 
ATOM   43   C CG2 . ILE A 1 6  ? -7.729  -10.105 -3.982  1.00 19.77 ? 6   ILE A CG2 1 
ATOM   44   C CD1 . ILE A 1 6  ? -5.593  -8.622  -2.316  1.00 21.82 ? 6   ILE A CD1 1 
ATOM   45   N N   . ILE A 1 7  ? -6.964  -7.068  -6.705  1.00 20.58 ? 7   ILE A N   1 
ATOM   46   C CA  . ILE A 1 7  ? -6.140  -7.063  -7.951  1.00 22.98 ? 7   ILE A CA  1 
ATOM   47   C C   . ILE A 1 7  ? -4.695  -7.370  -7.556  1.00 22.43 ? 7   ILE A C   1 
ATOM   48   O O   . ILE A 1 7  ? -4.113  -6.644  -6.720  1.00 21.54 ? 7   ILE A O   1 
ATOM   49   C CB  . ILE A 1 7  ? -6.229  -5.736  -8.721  1.00 24.69 ? 7   ILE A CB  1 
ATOM   50   C CG1 . ILE A 1 7  ? -7.672  -5.299  -8.954  1.00 24.92 ? 7   ILE A CG1 1 
ATOM   51   C CG2 . ILE A 1 7  ? -5.464  -5.814  -10.034 1.00 24.87 ? 7   ILE A CG2 1 
ATOM   52   C CD1 . ILE A 1 7  ? -8.558  -6.378  -9.393  1.00 27.24 ? 7   ILE A CD1 1 
ATOM   53   N N   . VAL A 1 8  ? -4.127  -8.409  -8.177  1.00 22.94 ? 8   VAL A N   1 
ATOM   54   C CA  . VAL A 1 8  ? -2.848  -9.025  -7.718  1.00 20.70 ? 8   VAL A CA  1 
ATOM   55   C C   . VAL A 1 8  ? -1.915  -9.196  -8.921  1.00 22.41 ? 8   VAL A C   1 
ATOM   56   O O   . VAL A 1 8  ? -2.370  -8.937  -10.020 1.00 23.21 ? 8   VAL A O   1 
ATOM   57   C CB  . VAL A 1 8  ? -3.065  -10.364 -7.005  1.00 20.41 ? 8   VAL A CB  1 
ATOM   58   C CG1 . VAL A 1 8  ? -3.977  -10.196 -5.806  1.00 20.71 ? 8   VAL A CG1 1 
ATOM   59   C CG2 . VAL A 1 8  ? -3.611  -11.466 -7.926  1.00 22.24 ? 8   VAL A CG2 1 
ATOM   60   N N   . ARG A 1 9  ? -0.649  -9.529  -8.655  1.00 23.56 ? 9   ARG A N   1 
ATOM   61   C CA  . ARG A 1 9  ? 0.284   -10.066 -9.708  1.00 26.55 ? 9   ARG A CA  1 
ATOM   62   C C   . ARG A 1 9  ? 0.905   -11.393 -9.222  1.00 24.30 ? 9   ARG A C   1 
ATOM   63   O O   . ARG A 1 9  ? 0.801   -11.743 -8.074  1.00 22.40 ? 9   ARG A O   1 
ATOM   64   C CB  . ARG A 1 9  ? 1.274   -8.957  -10.080 1.00 26.37 ? 9   ARG A CB  1 
ATOM   65   C CG  . ARG A 1 9  ? 2.395   -8.772  -9.063  1.00 28.41 ? 9   ARG A CG  1 
ATOM   66   C CD  . ARG A 1 9  ? 3.346   -7.639  -9.388  1.00 33.21 ? 9   ARG A CD  1 
ATOM   67   N NE  . ARG A 1 9  ? 4.161   -7.356  -8.217  1.00 38.89 ? 9   ARG A NE  1 
ATOM   68   C CZ  . ARG A 1 9  ? 5.143   -8.144  -7.764  1.00 46.24 ? 9   ARG A CZ  1 
ATOM   69   N NH1 . ARG A 1 9  ? 5.480   -9.264  -8.392  1.00 49.09 ? 9   ARG A NH1 1 
ATOM   70   N NH2 . ARG A 1 9  ? 5.786   -7.808  -6.661  1.00 49.61 ? 9   ARG A NH2 1 
ATOM   71   N N   . ASP A 1 10 ? 1.550   -12.178 -10.108 1.00 28.99 ? 10  ASP A N   1 
ATOM   72   C CA  . ASP A 1 10 ? 2.242   -13.429 -9.689  1.00 27.60 ? 10  ASP A CA  1 
ATOM   73   C C   . ASP A 1 10 ? 3.444   -13.099 -8.794  1.00 25.73 ? 10  ASP A C   1 
ATOM   74   O O   . ASP A 1 10 ? 3.942   -11.990 -8.911  1.00 27.85 ? 10  ASP A O   1 
ATOM   75   C CB  . ASP A 1 10 ? 2.730   -14.233 -10.904 1.00 32.36 ? 10  ASP A CB  1 
ATOM   76   C CG  . ASP A 1 10 ? 1.631   -14.630 -11.869 1.00 33.45 ? 10  ASP A CG  1 
ATOM   77   O OD1 . ASP A 1 10 ? 0.520   -14.903 -11.389 1.00 32.52 ? 10  ASP A OD1 1 
ATOM   78   O OD2 . ASP A 1 10 ? 1.900   -14.631 -13.089 1.00 39.14 ? 10  ASP A OD2 1 
ATOM   79   N N   . ASN A 1 11 ? 3.811   -14.007 -7.880  1.00 30.28 ? 11  ASN A N   1 
ATOM   80   C CA  . ASN A 1 11 ? 5.003   -13.909 -6.985  1.00 29.56 ? 11  ASN A CA  1 
ATOM   81   C C   . ASN A 1 11 ? 5.008   -12.579 -6.232  1.00 30.54 ? 11  ASN A C   1 
ATOM   82   O O   . ASN A 1 11 ? 5.999   -11.853 -6.226  1.00 30.69 ? 11  ASN A O   1 
ATOM   83   C CB  . ASN A 1 11 ? 6.296   -14.143 -7.747  1.00 32.05 ? 11  ASN A CB  1 
ATOM   84   C CG  . ASN A 1 11 ? 6.195   -15.443 -8.497  1.00 32.17 ? 11  ASN A CG  1 
ATOM   85   O OD1 . ASN A 1 11 ? 6.219   -16.519 -7.895  1.00 39.99 ? 11  ASN A OD1 1 
ATOM   86   N ND2 . ASN A 1 11 ? 5.976   -15.332 -9.784  1.00 27.79 ? 11  ASN A ND2 1 
ATOM   87   N N   A CYS A 1 12 ? 3.890   -12.332 -5.542  0.48 30.09 ? 12  CYS A N   1 
ATOM   88   N N   C CYS A 1 12 ? 3.880   -12.246 -5.629  0.52 32.98 ? 12  CYS A N   1 
ATOM   89   C CA  A CYS A 1 12 ? 3.545   -11.087 -4.800  0.48 27.72 ? 12  CYS A CA  1 
ATOM   90   C CA  C CYS A 1 12 ? 3.778   -11.045 -4.776  0.52 31.18 ? 12  CYS A CA  1 
ATOM   91   C C   A CYS A 1 12 ? 3.210   -11.483 -3.357  0.48 27.48 ? 12  CYS A C   1 
ATOM   92   C C   C CYS A 1 12 ? 3.276   -11.494 -3.408  0.52 29.47 ? 12  CYS A C   1 
ATOM   93   O O   A CYS A 1 12 ? 2.019   -11.694 -3.089  0.48 27.10 ? 12  CYS A O   1 
ATOM   94   O O   C CYS A 1 12 ? 2.089   -11.777 -3.278  0.52 28.55 ? 12  CYS A O   1 
ATOM   95   C CB  A CYS A 1 12 ? 2.343   -10.429 -5.482  0.48 26.37 ? 12  CYS A CB  1 
ATOM   96   C CB  C CYS A 1 12 ? 2.875   -10.009 -5.421  0.52 33.90 ? 12  CYS A CB  1 
ATOM   97   S SG  A CYS A 1 12 ? 1.877   -8.795  -4.843  0.48 22.37 ? 12  CYS A SG  1 
ATOM   98   S SG  C CYS A 1 12 ? 2.778   -8.499  -4.432  0.52 34.79 ? 12  CYS A SG  1 
ATOM   99   N N   . GLY A 1 13 ? 4.196   -11.568 -2.448  1.00 26.36 ? 13  GLY A N   1 
ATOM   100  C CA  . GLY A 1 13 ? 3.923   -11.933 -1.049  1.00 27.30 ? 13  GLY A CA  1 
ATOM   101  C C   . GLY A 1 13 ? 3.014   -10.893 -0.423  1.00 25.54 ? 13  GLY A C   1 
ATOM   102  O O   . GLY A 1 13 ? 2.235   -11.261 0.457   1.00 22.38 ? 13  GLY A O   1 
ATOM   103  N N   . SER A 1 14 ? 3.107   -9.645  -0.875  1.00 21.66 ? 14  SER A N   1 
ATOM   104  C CA  . SER A 1 14 ? 2.309   -8.527  -0.285  1.00 24.50 ? 14  SER A CA  1 
ATOM   105  C C   . SER A 1 14 ? 0.833   -8.724  -0.670  1.00 21.15 ? 14  SER A C   1 
ATOM   106  O O   . SER A 1 14 ? -0.025  -8.552  0.209   1.00 22.40 ? 14  SER A O   1 
ATOM   107  C CB  . SER A 1 14 ? 2.853   -7.159  -0.638  1.00 26.52 ? 14  SER A CB  1 
ATOM   108  O OG  . SER A 1 14 ? 2.669   -6.853  -2.014  1.00 31.18 ? 14  SER A OG  1 
ATOM   109  N N   A CYS A 1 15 ? 0.557   -9.154  -1.904  0.60 22.69 ? 15  CYS A N   1 
ATOM   110  N N   B CYS A 1 15 ? 0.552   -9.141  -1.906  0.40 22.45 ? 15  CYS A N   1 
ATOM   111  C CA  A CYS A 1 15 ? -0.803  -9.529  -2.401  0.60 22.36 ? 15  CYS A CA  1 
ATOM   112  C CA  B CYS A 1 15 ? -0.805  -9.542  -2.379  0.40 22.16 ? 15  CYS A CA  1 
ATOM   113  C C   A CYS A 1 15 ? -1.382  -10.665 -1.532  0.60 21.54 ? 15  CYS A C   1 
ATOM   114  C C   B CYS A 1 15 ? -1.368  -10.647 -1.474  0.40 21.62 ? 15  CYS A C   1 
ATOM   115  O O   A CYS A 1 15 ? -2.541  -10.588 -1.082  0.60 20.32 ? 15  CYS A O   1 
ATOM   116  O O   B CYS A 1 15 ? -2.486  -10.512 -0.948  0.40 20.60 ? 15  CYS A O   1 
ATOM   117  C CB  A CYS A 1 15 ? -0.783  -9.917  -3.883  0.60 22.84 ? 15  CYS A CB  1 
ATOM   118  C CB  B CYS A 1 15 ? -0.768  -10.025 -3.827  0.40 22.67 ? 15  CYS A CB  1 
ATOM   119  S SG  A CYS A 1 15 ? -0.169  -8.652  -5.034  0.60 25.40 ? 15  CYS A SG  1 
ATOM   120  S SG  B CYS A 1 15 ? -0.382  -8.728  -5.029  0.40 23.66 ? 15  CYS A SG  1 
ATOM   121  N N   . VAL A 1 16 ? -0.615  -11.727 -1.286  1.00 21.82 ? 16  VAL A N   1 
ATOM   122  C CA  . VAL A 1 16 ? -1.055  -12.873 -0.435  1.00 24.28 ? 16  VAL A CA  1 
ATOM   123  C C   . VAL A 1 16 ? -1.347  -12.399 0.995   1.00 22.69 ? 16  VAL A C   1 
ATOM   124  O O   . VAL A 1 16 ? -2.385  -12.819 1.565   1.00 25.29 ? 16  VAL A O   1 
ATOM   125  C CB  . VAL A 1 16 ? -0.006  -14.017 -0.471  1.00 27.48 ? 16  VAL A CB  1 
ATOM   126  C CG1 . VAL A 1 16 ? -0.366  -15.148 0.456   1.00 29.01 ? 16  VAL A CG1 1 
ATOM   127  C CG2 . VAL A 1 16 ? 0.186   -14.518 -1.875  1.00 28.20 ? 16  VAL A CG2 1 
ATOM   128  N N   . ARG A 1 17 ? -0.452  -11.597 1.583   1.00 20.21 ? 17  ARG A N   1 
ATOM   129  C CA  . ARG A 1 17 ? -0.596  -11.058 2.958   1.00 23.15 ? 17  ARG A CA  1 
ATOM   130  C C   . ARG A 1 17 ? -1.859  -10.200 3.065   1.00 19.99 ? 17  ARG A C   1 
ATOM   131  O O   . ARG A 1 17 ? -2.639  -10.371 4.046   1.00 20.55 ? 17  ARG A O   1 
ATOM   132  C CB  . ARG A 1 17 ? 0.629   -10.241 3.368   1.00 24.12 ? 17  ARG A CB  1 
ATOM   133  C CG  . ARG A 1 17 ? 0.535   -9.616  4.751   1.00 31.27 ? 17  ARG A CG  1 
ATOM   134  C CD  . ARG A 1 17 ? 1.874   -9.086  5.245   1.00 35.15 ? 17  ARG A CD  1 
ATOM   135  N NE  . ARG A 1 17 ? 2.262   -7.893  4.491   1.00 42.61 ? 17  ARG A NE  1 
ATOM   136  C CZ  . ARG A 1 17 ? 3.265   -7.806  3.611   1.00 48.48 ? 17  ARG A CZ  1 
ATOM   137  N NH1 . ARG A 1 17 ? 4.057   -8.844  3.373   1.00 50.10 ? 17  ARG A NH1 1 
ATOM   138  N NH2 . ARG A 1 17 ? 3.475   -6.661  2.976   1.00 46.82 ? 17  ARG A NH2 1 
ATOM   139  N N   . VAL A 1 18 ? -2.047  -9.260  2.144   1.00 21.67 ? 18  VAL A N   1 
ATOM   140  C CA  . VAL A 1 18 ? -3.238  -8.356  2.219   1.00 19.30 ? 18  VAL A CA  1 
ATOM   141  C C   . VAL A 1 18 ? -4.520  -9.193  2.043   1.00 18.66 ? 18  VAL A C   1 
ATOM   142  O O   . VAL A 1 18 ? -5.527  -8.961  2.786   1.00 19.44 ? 18  VAL A O   1 
ATOM   143  C CB  . VAL A 1 18 ? -3.077  -7.244  1.164   1.00 21.34 ? 18  VAL A CB  1 
ATOM   144  C CG1 . VAL A 1 18 ? -4.385  -6.513  0.921   1.00 21.01 ? 18  VAL A CG1 1 
ATOM   145  C CG2 . VAL A 1 18 ? -1.950  -6.297  1.550   1.00 20.79 ? 18  VAL A CG2 1 
ATOM   146  N N   . LYS A 1 19 ? -4.529  -10.116 1.084   1.00 21.02 ? 19  LYS A N   1 
ATOM   147  C CA  . LYS A 1 19 ? -5.710  -10.993 0.851   1.00 22.31 ? 19  LYS A CA  1 
ATOM   148  C C   . LYS A 1 19 ? -6.093  -11.696 2.154   1.00 23.40 ? 19  LYS A C   1 
ATOM   149  O O   . LYS A 1 19 ? -7.275  -11.679 2.484   1.00 24.20 ? 19  LYS A O   1 
ATOM   150  C CB  . LYS A 1 19 ? -5.479  -11.978 -0.280  1.00 22.80 ? 19  LYS A CB  1 
ATOM   151  C CG  . LYS A 1 19 ? -6.719  -12.790 -0.619  1.00 27.23 ? 19  LYS A CG  1 
ATOM   152  C CD  . LYS A 1 19 ? -6.591  -13.570 -1.867  1.00 30.38 ? 19  LYS A CD  1 
ATOM   153  C CE  . LYS A 1 19 ? -7.917  -14.212 -2.222  1.00 36.46 ? 19  LYS A CE  1 
ATOM   154  N NZ  . LYS A 1 19 ? -7.780  -15.108 -3.397  1.00 37.62 ? 19  LYS A NZ  1 
ATOM   155  N N   . ALA A 1 20 ? -5.144  -12.258 2.909   1.00 22.78 ? 20  ALA A N   1 
ATOM   156  C CA  . ALA A 1 20 ? -5.389  -12.961 4.192   1.00 23.44 ? 20  ALA A CA  1 
ATOM   157  C C   . ALA A 1 20 ? -5.890  -11.979 5.245   1.00 25.30 ? 20  ALA A C   1 
ATOM   158  O O   . ALA A 1 20 ? -6.772  -12.373 6.014   1.00 24.74 ? 20  ALA A O   1 
ATOM   159  C CB  . ALA A 1 20 ? -4.165  -13.674 4.685   1.00 24.16 ? 20  ALA A CB  1 
ATOM   160  N N   . GLN A 1 21 ? -5.353  -10.758 5.283   1.00 22.81 ? 21  GLN A N   1 
ATOM   161  C CA  . GLN A 1 21 ? -5.685  -9.745  6.305   1.00 23.38 ? 21  GLN A CA  1 
ATOM   162  C C   . GLN A 1 21 ? -7.153  -9.331  6.088   1.00 20.35 ? 21  GLN A C   1 
ATOM   163  O O   . GLN A 1 21 ? -7.842  -9.147  7.089   1.00 24.08 ? 21  GLN A O   1 
ATOM   164  C CB  . GLN A 1 21 ? -4.739  -8.550  6.248   1.00 24.54 ? 21  GLN A CB  1 
ATOM   165  C CG  . GLN A 1 21 ? -3.324  -8.838  6.771   1.00 29.70 ? 21  GLN A CG  1 
ATOM   166  C CD  . GLN A 1 21 ? -2.324  -7.722  6.537   1.00 32.78 ? 21  GLN A CD  1 
ATOM   167  O OE1 . GLN A 1 21 ? -2.268  -7.056  5.491   1.00 26.91 ? 21  GLN A OE1 1 
ATOM   168  N NE2 . GLN A 1 21 ? -1.525  -7.453  7.558   1.00 35.77 ? 21  GLN A NE2 1 
ATOM   169  N N   . ILE A 1 22 ? -7.612  -9.172  4.847   1.00 20.69 ? 22  ILE A N   1 
ATOM   170  C CA  . ILE A 1 22 ? -8.980  -8.623  4.579   1.00 20.76 ? 22  ILE A CA  1 
ATOM   171  C C   . ILE A 1 22 ? -10.014 -9.755  4.534   1.00 25.29 ? 22  ILE A C   1 
ATOM   172  O O   . ILE A 1 22 ? -11.245 -9.430  4.716   1.00 24.75 ? 22  ILE A O   1 
ATOM   173  C CB  . ILE A 1 22 ? -9.041  -7.732  3.315   1.00 18.29 ? 22  ILE A CB  1 
ATOM   174  C CG1 . ILE A 1 22 ? -8.830  -8.558  2.041   1.00 19.33 ? 22  ILE A CG1 1 
ATOM   175  C CG2 . ILE A 1 22 ? -8.127  -6.517  3.448   1.00 18.32 ? 22  ILE A CG2 1 
ATOM   176  C CD1 . ILE A 1 22 ? -9.178  -7.816  0.760   1.00 21.46 ? 22  ILE A CD1 1 
ATOM   177  N N   . LEU A 1 23 ? -9.593  -11.018 4.312   1.00 26.28 ? 23  LEU A N   1 
ATOM   178  C CA  . LEU A 1 23 ? -10.546 -12.130 4.036   1.00 31.07 ? 23  LEU A CA  1 
ATOM   179  C C   . LEU A 1 23 ? -11.600 -12.258 5.138   1.00 32.35 ? 23  LEU A C   1 
ATOM   180  O O   . LEU A 1 23 ? -12.772 -12.443 4.773   1.00 36.58 ? 23  LEU A O   1 
ATOM   181  C CB  . LEU A 1 23 ? -9.831  -13.474 3.831   1.00 34.38 ? 23  LEU A CB  1 
ATOM   182  C CG  . LEU A 1 23 ? -10.733 -14.598 3.292   1.00 33.38 ? 23  LEU A CG  1 
ATOM   183  C CD1 . LEU A 1 23 ? -11.259 -14.270 1.910   1.00 35.99 ? 23  LEU A CD1 1 
ATOM   184  C CD2 . LEU A 1 23 ? -10.001 -15.942 3.286   1.00 36.00 ? 23  LEU A CD2 1 
ATOM   185  N N   . PRO A 1 24 ? -11.263 -12.213 6.455   1.00 35.75 ? 24  PRO A N   1 
ATOM   186  C CA  . PRO A 1 24 ? -12.259 -12.365 7.520   1.00 36.10 ? 24  PRO A CA  1 
ATOM   187  C C   . PRO A 1 24 ? -13.326 -11.260 7.502   1.00 39.16 ? 24  PRO A C   1 
ATOM   188  O O   . PRO A 1 24 ? -14.481 -11.559 7.775   1.00 35.49 ? 24  PRO A O   1 
ATOM   189  C CB  . PRO A 1 24 ? -11.488 -12.282 8.847   1.00 37.44 ? 24  PRO A CB  1 
ATOM   190  C CG  . PRO A 1 24 ? -10.034 -12.457 8.472   1.00 40.63 ? 24  PRO A CG  1 
ATOM   191  C CD  . PRO A 1 24 ? -9.910  -12.045 7.018   1.00 36.79 ? 24  PRO A CD  1 
ATOM   192  N N   . ILE A 1 25 ? -12.934 -10.032 7.143   1.00 32.17 ? 25  ILE A N   1 
ATOM   193  C CA  . ILE A 1 25 ? -13.849 -8.861  7.058   1.00 29.71 ? 25  ILE A CA  1 
ATOM   194  C C   . ILE A 1 25 ? -14.834 -9.100  5.924   1.00 32.53 ? 25  ILE A C   1 
ATOM   195  O O   . ILE A 1 25 ? -16.038 -8.930  6.145   1.00 28.31 ? 25  ILE A O   1 
ATOM   196  C CB  . ILE A 1 25 ? -13.090 -7.543  6.845   1.00 31.69 ? 25  ILE A CB  1 
ATOM   197  C CG1 . ILE A 1 25 ? -12.005 -7.344  7.901   1.00 32.86 ? 25  ILE A CG1 1 
ATOM   198  C CG2 . ILE A 1 25 ? -14.064 -6.374  6.749   1.00 29.46 ? 25  ILE A CG2 1 
ATOM   199  C CD1 . ILE A 1 25 ? -12.496 -7.127  9.304   1.00 36.71 ? 25  ILE A CD1 1 
ATOM   200  N N   . VAL A 1 26 ? -14.351 -9.489  4.755   1.00 26.83 ? 26  VAL A N   1 
ATOM   201  C CA  . VAL A 1 26 ? -15.243 -9.701  3.581   1.00 30.71 ? 26  VAL A CA  1 
ATOM   202  C C   . VAL A 1 26 ? -16.206 -10.854 3.931   1.00 36.73 ? 26  VAL A C   1 
ATOM   203  O O   . VAL A 1 26 ? -17.412 -10.775 3.582   1.00 31.91 ? 26  VAL A O   1 
ATOM   204  C CB  . VAL A 1 26 ? -14.435 -9.912  2.286   1.00 28.94 ? 26  VAL A CB  1 
ATOM   205  C CG1 . VAL A 1 26 ? -15.313 -10.059 1.044   1.00 30.00 ? 26  VAL A CG1 1 
ATOM   206  C CG2 . VAL A 1 26 ? -13.454 -8.766  2.075   1.00 30.14 ? 26  VAL A CG2 1 
ATOM   207  N N   . GLU A 1 27 ? -15.733 -11.852 4.667   1.00 41.48 ? 27  GLU A N   1 
ATOM   208  C CA  . GLU A 1 27 ? -16.540 -13.063 4.975   1.00 44.55 ? 27  GLU A CA  1 
ATOM   209  C C   . GLU A 1 27 ? -17.453 -12.789 6.182   1.00 44.67 ? 27  GLU A C   1 
ATOM   210  O O   . GLU A 1 27 ? -18.535 -13.400 6.226   1.00 43.37 ? 27  GLU A O   1 
ATOM   211  C CB  . GLU A 1 27 ? -15.604 -14.273 5.043   1.00 47.45 ? 27  GLU A CB  1 
ATOM   212  C CG  . GLU A 1 27 ? -15.121 -14.673 3.644   1.00 49.11 ? 27  GLU A CG  1 
ATOM   213  C CD  . GLU A 1 27 ? -14.278 -15.938 3.485   1.00 54.04 ? 27  GLU A CD  1 
ATOM   214  O OE1 . GLU A 1 27 ? -14.201 -16.440 2.331   1.00 48.43 ? 27  GLU A OE1 1 
ATOM   215  O OE2 . GLU A 1 27 ? -13.684 -16.411 4.497   1.00 52.51 ? 27  GLU A OE2 1 
ATOM   216  N N   . ALA A 1 28 ? -17.115 -11.860 7.081   1.00 39.83 ? 28  ALA A N   1 
ATOM   217  C CA  . ALA A 1 28 ? -18.051 -11.373 8.128   1.00 40.36 ? 28  ALA A CA  1 
ATOM   218  C C   . ALA A 1 28 ? -19.263 -10.683 7.483   1.00 39.02 ? 28  ALA A C   1 
ATOM   219  O O   . ALA A 1 28 ? -20.302 -10.680 8.162   1.00 39.92 ? 28  ALA A O   1 
ATOM   220  C CB  . ALA A 1 28 ? -17.375 -10.455 9.121   1.00 40.33 ? 28  ALA A CB  1 
ATOM   221  N N   . ALA A 1 29 ? -19.135 -10.129 6.260   1.00 33.65 ? 29  ALA A N   1 
ATOM   222  C CA  . ALA A 1 29 ? -20.154 -9.359  5.501   1.00 32.15 ? 29  ALA A CA  1 
ATOM   223  C C   . ALA A 1 29 ? -20.934 -10.297 4.566   1.00 41.27 ? 29  ALA A C   1 
ATOM   224  O O   . ALA A 1 29 ? -21.703 -9.787  3.708   1.00 39.90 ? 29  ALA A O   1 
ATOM   225  C CB  . ALA A 1 29 ? -19.513 -8.228  4.723   1.00 30.27 ? 29  ALA A CB  1 
ATOM   226  N N   . GLY A 1 30 ? -20.744 -11.609 4.742   1.00 41.65 ? 30  GLY A N   1 
ATOM   227  C CA  . GLY A 1 30 ? -21.300 -12.673 3.887   1.00 42.15 ? 30  GLY A CA  1 
ATOM   228  C C   . GLY A 1 30 ? -20.994 -12.435 2.422   1.00 40.40 ? 30  GLY A C   1 
ATOM   229  O O   . GLY A 1 30 ? -21.843 -12.753 1.599   1.00 42.80 ? 30  GLY A O   1 
ATOM   230  N N   . ILE A 1 31 ? -19.818 -11.879 2.116   1.00 42.20 ? 31  ILE A N   1 
ATOM   231  C CA  . ILE A 1 31 ? -19.340 -11.579 0.735   1.00 36.52 ? 31  ILE A CA  1 
ATOM   232  C C   . ILE A 1 31 ? -18.222 -12.584 0.430   1.00 37.51 ? 31  ILE A C   1 
ATOM   233  O O   . ILE A 1 31 ? -17.507 -12.978 1.393   1.00 39.26 ? 31  ILE A O   1 
ATOM   234  C CB  . ILE A 1 31 ? -18.837 -10.122 0.618   1.00 40.24 ? 31  ILE A CB  1 
ATOM   235  C CG1 . ILE A 1 31 ? -19.881 -9.105  1.074   1.00 42.33 ? 31  ILE A CG1 1 
ATOM   236  C CG2 . ILE A 1 31 ? -18.355 -9.804  -0.789  1.00 38.86 ? 31  ILE A CG2 1 
ATOM   237  C CD1 . ILE A 1 31 ? -19.540 -7.690  0.704   1.00 41.77 ? 31  ILE A CD1 1 
ATOM   238  N N   . LYS A 1 32 ? -18.149 -13.065 -0.811  1.00 35.64 ? 32  LYS A N   1 
ATOM   239  C CA  . LYS A 1 32 ? -17.036 -13.928 -1.284  1.00 38.86 ? 32  LYS A CA  1 
ATOM   240  C C   . LYS A 1 32 ? -16.063 -12.994 -1.999  1.00 34.45 ? 32  LYS A C   1 
ATOM   241  O O   . LYS A 1 32 ? -16.448 -12.385 -3.036  1.00 33.54 ? 32  LYS A O   1 
ATOM   242  C CB  . LYS A 1 32 ? -17.507 -15.097 -2.162  1.00 43.42 ? 32  LYS A CB  1 
ATOM   243  C CG  . LYS A 1 32 ? -17.401 -16.478 -1.520  1.00 47.64 ? 32  LYS A CG  1 
ATOM   244  N N   . LEU A 1 33 ? -14.852 -12.863 -1.442  1.00 33.27 ? 33  LEU A N   1 
ATOM   245  C CA  . LEU A 1 33 ? -13.780 -12.038 -2.052  1.00 32.66 ? 33  LEU A CA  1 
ATOM   246  C C   . LEU A 1 33 ? -13.387 -12.658 -3.390  1.00 32.09 ? 33  LEU A C   1 
ATOM   247  O O   . LEU A 1 33 ? -13.110 -13.880 -3.438  1.00 38.75 ? 33  LEU A O   1 
ATOM   248  C CB  . LEU A 1 33 ? -12.584 -11.955 -1.101  1.00 29.36 ? 33  LEU A CB  1 
ATOM   249  C CG  . LEU A 1 33 ? -11.356 -11.267 -1.697  1.00 30.35 ? 33  LEU A CG  1 
ATOM   250  C CD1 . LEU A 1 33 ? -11.615 -9.787  -1.949  1.00 28.41 ? 33  LEU A CD1 1 
ATOM   251  C CD2 . LEU A 1 33 ? -10.172 -11.432 -0.767  1.00 31.16 ? 33  LEU A CD2 1 
ATOM   252  N N   . THR A 1 34 ? -13.410 -11.867 -4.441  1.00 26.58 ? 34  THR A N   1 
ATOM   253  C CA  . THR A 1 34 ? -12.901 -12.280 -5.770  1.00 34.20 ? 34  THR A CA  1 
ATOM   254  C C   . THR A 1 34 ? -11.472 -11.751 -5.954  1.00 36.61 ? 34  THR A C   1 
ATOM   255  O O   . THR A 1 34 ? -10.973 -10.956 -5.096  1.00 31.88 ? 34  THR A O   1 
ATOM   256  C CB  . THR A 1 34 ? -13.840 -11.892 -6.912  1.00 35.43 ? 34  THR A CB  1 
ATOM   257  O OG1 . THR A 1 34 ? -13.751 -10.496 -7.155  1.00 36.42 ? 34  THR A OG1 1 
ATOM   258  C CG2 . THR A 1 34 ? -15.284 -12.278 -6.652  1.00 40.79 ? 34  THR A CG2 1 
ATOM   259  N N   . GLU A 1 35 ? -10.819 -12.230 -7.015  1.00 30.70 ? 35  GLU A N   1 
ATOM   260  C CA  . GLU A 1 35 ? -9.382  -12.017 -7.329  1.00 29.11 ? 35  GLU A CA  1 
ATOM   261  C C   . GLU A 1 35 ? -9.234  -11.973 -8.841  1.00 32.83 ? 35  GLU A C   1 
ATOM   262  O O   . GLU A 1 35 ? -9.781  -12.892 -9.511  1.00 37.75 ? 35  GLU A O   1 
ATOM   263  C CB  . GLU A 1 35 ? -8.532  -13.153 -6.763  1.00 29.07 ? 35  GLU A CB  1 
ATOM   264  C CG  . GLU A 1 35 ? -7.045  -12.871 -6.907  1.00 34.50 ? 35  GLU A CG  1 
ATOM   265  C CD  . GLU A 1 35 ? -6.159  -13.946 -6.292  1.00 35.86 ? 35  GLU A CD  1 
ATOM   266  O OE1 . GLU A 1 35 ? -6.151  -14.070 -5.058  1.00 37.04 ? 35  GLU A OE1 1 
ATOM   267  O OE2 . GLU A 1 35 ? -5.488  -14.670 -7.061  1.00 41.22 ? 35  GLU A OE2 1 
ATOM   268  N N   . ARG A 1 36 ? -8.550  -10.965 -9.351  1.00 27.01 ? 36  ARG A N   1 
ATOM   269  C CA  . ARG A 1 36 ? -8.140  -10.809 -10.767 1.00 29.17 ? 36  ARG A CA  1 
ATOM   270  C C   . ARG A 1 36 ? -6.636  -10.532 -10.788 1.00 31.52 ? 36  ARG A C   1 
ATOM   271  O O   . ARG A 1 36 ? -6.136  -9.890  -9.852  1.00 26.65 ? 36  ARG A O   1 
ATOM   272  C CB  . ARG A 1 36 ? -8.959  -9.700  -11.415 1.00 34.22 ? 36  ARG A CB  1 
ATOM   273  C CG  . ARG A 1 36 ? -10.389 -10.135 -11.708 1.00 38.67 ? 36  ARG A CG  1 
ATOM   274  C CD  . ARG A 1 36 ? -10.966 -9.306  -12.833 1.00 47.91 ? 36  ARG A CD  1 
ATOM   275  N NE  . ARG A 1 36 ? -11.246 -7.961  -12.366 1.00 52.04 ? 36  ARG A NE  1 
ATOM   276  C CZ  . ARG A 1 36 ? -11.489 -6.917  -13.150 1.00 56.54 ? 36  ARG A CZ  1 
ATOM   277  N NH1 . ARG A 1 36 ? -11.481 -7.062  -14.468 1.00 52.19 ? 36  ARG A NH1 1 
ATOM   278  N NH2 . ARG A 1 36 ? -11.743 -5.736  -12.600 1.00 54.83 ? 36  ARG A NH2 1 
ATOM   279  N N   . ASN A 1 37 ? -5.918  -11.028 -11.798 1.00 26.23 ? 37  ASN A N   1 
ATOM   280  C CA  . ASN A 1 37 ? -4.427  -11.023 -11.804 1.00 26.23 ? 37  ASN A CA  1 
ATOM   281  C C   . ASN A 1 37 ? -3.962  -10.226 -13.024 1.00 27.58 ? 37  ASN A C   1 
ATOM   282  O O   . ASN A 1 37 ? -4.425  -10.516 -14.155 1.00 30.50 ? 37  ASN A O   1 
ATOM   283  C CB  . ASN A 1 37 ? -3.904  -12.455 -11.783 1.00 27.34 ? 37  ASN A CB  1 
ATOM   284  C CG  . ASN A 1 37 ? -2.402  -12.560 -11.645 1.00 22.93 ? 37  ASN A CG  1 
ATOM   285  O OD1 . ASN A 1 37 ? -1.624  -11.802 -12.240 1.00 26.66 ? 37  ASN A OD1 1 
ATOM   286  N ND2 . ASN A 1 37 ? -1.981  -13.484 -10.797 1.00 27.21 ? 37  ASN A ND2 1 
ATOM   287  N N   . VAL A 1 38 ? -3.158  -9.189  -12.827 1.00 24.83 ? 38  VAL A N   1 
ATOM   288  C CA  . VAL A 1 38 ? -2.761  -8.261  -13.914 1.00 25.54 ? 38  VAL A CA  1 
ATOM   289  C C   . VAL A 1 38 ? -1.910  -8.997  -14.964 1.00 30.41 ? 38  VAL A C   1 
ATOM   290  O O   . VAL A 1 38 ? -1.826  -8.459  -16.087 1.00 33.58 ? 38  VAL A O   1 
ATOM   291  C CB  . VAL A 1 38 ? -2.020  -7.030  -13.382 1.00 26.28 ? 38  VAL A CB  1 
ATOM   292  C CG1 . VAL A 1 38 ? -2.952  -6.244  -12.456 1.00 26.37 ? 38  VAL A CG1 1 
ATOM   293  C CG2 . VAL A 1 38 ? -0.691  -7.364  -12.734 1.00 25.74 ? 38  VAL A CG2 1 
ATOM   294  N N   . ASP A 1 39 ? -1.324  -10.141 -14.587 1.00 32.01 ? 39  ASP A N   1 
ATOM   295  C CA  . ASP A 1 39 ? -0.381  -10.925 -15.441 1.00 31.92 ? 39  ASP A CA  1 
ATOM   296  C C   . ASP A 1 39 ? -1.207  -11.734 -16.450 1.00 36.57 ? 39  ASP A C   1 
ATOM   297  O O   . ASP A 1 39 ? -0.589  -12.340 -17.336 1.00 37.99 ? 39  ASP A O   1 
ATOM   298  C CB  . ASP A 1 39 ? 0.581   -11.758 -14.574 1.00 28.24 ? 39  ASP A CB  1 
ATOM   299  C CG  . ASP A 1 39 ? 1.635   -10.931 -13.814 1.00 29.79 ? 39  ASP A CG  1 
ATOM   300  O OD1 . ASP A 1 39 ? 2.030   -9.873  -14.326 1.00 36.45 ? 39  ASP A OD1 1 
ATOM   301  O OD2 . ASP A 1 39 ? 2.095   -11.370 -12.728 1.00 35.64 ? 39  ASP A OD2 1 
ATOM   302  N N   . GLN A 1 40 ? -2.544  -11.770 -16.304 1.00 35.82 ? 40  GLN A N   1 
ATOM   303  C CA  . GLN A 1 40 ? -3.481  -12.577 -17.138 1.00 37.03 ? 40  GLN A CA  1 
ATOM   304  C C   . GLN A 1 40 ? -4.396  -11.644 -17.941 1.00 39.02 ? 40  GLN A C   1 
ATOM   305  O O   . GLN A 1 40 ? -5.261  -12.161 -18.675 1.00 39.18 ? 40  GLN A O   1 
ATOM   306  C CB  . GLN A 1 40 ? -4.340  -13.507 -16.285 1.00 36.03 ? 40  GLN A CB  1 
ATOM   307  C CG  . GLN A 1 40 ? -3.557  -14.419 -15.350 1.00 38.71 ? 40  GLN A CG  1 
ATOM   308  C CD  . GLN A 1 40 ? -4.458  -15.082 -14.333 1.00 37.40 ? 40  GLN A CD  1 
ATOM   309  O OE1 . GLN A 1 40 ? -5.676  -15.145 -14.480 1.00 44.38 ? 40  GLN A OE1 1 
ATOM   310  N NE2 . GLN A 1 40 ? -3.872  -15.583 -13.268 1.00 37.43 ? 40  GLN A NE2 1 
ATOM   311  N N   . ASP A 1 41 ? -4.194  -10.330 -17.832 1.00 40.35 ? 41  ASP A N   1 
ATOM   312  C CA  . ASP A 1 41 ? -5.114  -9.311  -18.395 1.00 42.62 ? 41  ASP A CA  1 
ATOM   313  C C   . ASP A 1 41 ? -4.400  -7.971  -18.553 1.00 47.73 ? 41  ASP A C   1 
ATOM   314  O O   . ASP A 1 41 ? -4.228  -7.267  -17.517 1.00 43.00 ? 41  ASP A O   1 
ATOM   315  C CB  . ASP A 1 41 ? -6.342  -9.104  -17.513 1.00 45.19 ? 41  ASP A CB  1 
ATOM   316  C CG  . ASP A 1 41 ? -7.289  -8.072  -18.096 1.00 46.41 ? 41  ASP A CG  1 
ATOM   317  O OD1 . ASP A 1 41 ? -6.793  -7.108  -18.756 1.00 45.37 ? 41  ASP A OD1 1 
ATOM   318  O OD2 . ASP A 1 41 ? -8.507  -8.262  -17.931 1.00 45.38 ? 41  ASP A OD2 1 
ATOM   319  N N   . ALA A 1 42 ? -4.121  -7.583  -19.806 1.00 44.80 ? 42  ALA A N   1 
ATOM   320  C CA  . ALA A 1 42 ? -3.199  -6.484  -20.173 1.00 44.61 ? 42  ALA A CA  1 
ATOM   321  C C   . ALA A 1 42 ? -3.812  -5.112  -19.858 1.00 41.44 ? 42  ALA A C   1 
ATOM   322  O O   . ALA A 1 42 ? -3.051  -4.228  -19.408 1.00 41.24 ? 42  ALA A O   1 
ATOM   323  C CB  . ALA A 1 42 ? -2.826  -6.603  -21.633 1.00 51.28 ? 42  ALA A CB  1 
ATOM   324  N N   . SER A 1 43 ? -5.115  -4.939  -20.091 1.00 44.45 ? 43  SER A N   1 
ATOM   325  C CA  . SER A 1 43 ? -5.915  -3.754  -19.679 1.00 46.15 ? 43  SER A CA  1 
ATOM   326  C C   . SER A 1 43 ? -5.713  -3.507  -18.177 1.00 46.37 ? 43  SER A C   1 
ATOM   327  O O   . SER A 1 43 ? -5.317  -2.377  -17.805 1.00 52.70 ? 43  SER A O   1 
ATOM   328  C CB  . SER A 1 43 ? -7.379  -3.945  -19.992 1.00 47.48 ? 43  SER A CB  1 
ATOM   329  N N   . LEU A 1 44 ? -5.965  -4.541  -17.363 1.00 43.54 ? 44  LEU A N   1 
ATOM   330  C CA  . LEU A 1 44 ? -5.856  -4.501  -15.876 1.00 40.79 ? 44  LEU A CA  1 
ATOM   331  C C   . LEU A 1 44 ? -4.441  -4.104  -15.467 1.00 36.23 ? 44  LEU A C   1 
ATOM   332  O O   . LEU A 1 44 ? -4.310  -3.263  -14.546 1.00 34.32 ? 44  LEU A O   1 
ATOM   333  C CB  . LEU A 1 44 ? -6.215  -5.864  -15.278 1.00 38.88 ? 44  LEU A CB  1 
ATOM   334  C CG  . LEU A 1 44 ? -6.868  -5.819  -13.902 1.00 39.99 ? 44  LEU A CG  1 
ATOM   335  C CD1 . LEU A 1 44 ? -8.189  -5.048  -13.940 1.00 39.83 ? 44  LEU A CD1 1 
ATOM   336  C CD2 . LEU A 1 44 ? -7.100  -7.213  -13.361 1.00 41.59 ? 44  LEU A CD2 1 
ATOM   337  N N   . LYS A 1 45 ? -3.411  -4.675  -16.100 1.00 35.90 ? 45  LYS A N   1 
ATOM   338  C CA  . LYS A 1 45 ? -2.006  -4.247  -15.875 1.00 37.02 ? 45  LYS A CA  1 
ATOM   339  C C   . LYS A 1 45 ? -1.819  -2.759  -16.216 1.00 40.56 ? 45  LYS A C   1 
ATOM   340  O O   . LYS A 1 45 ? -1.106  -2.076  -15.461 1.00 37.79 ? 45  LYS A O   1 
ATOM   341  C CB  . LYS A 1 45 ? -1.034  -5.124  -16.668 1.00 39.47 ? 45  LYS A CB  1 
ATOM   342  C CG  . LYS A 1 45 ? 0.429   -4.880  -16.342 1.00 43.40 ? 45  LYS A CG  1 
ATOM   343  C CD  . LYS A 1 45 ? 1.377   -5.975  -16.794 1.00 46.73 ? 45  LYS A CD  1 
ATOM   344  C CE  . LYS A 1 45 ? 2.751   -5.799  -16.186 1.00 51.41 ? 45  LYS A CE  1 
ATOM   345  N NZ  . LYS A 1 45 ? 3.696   -6.834  -16.664 1.00 57.67 ? 45  LYS A NZ  1 
ATOM   346  N N   . LEU A 1 46 ? -2.390  -2.259  -17.320 1.00 40.66 ? 46  LEU A N   1 
ATOM   347  C CA  . LEU A 1 46 ? -2.236  -0.825  -17.708 1.00 42.34 ? 46  LEU A CA  1 
ATOM   348  C C   . LEU A 1 46 ? -2.743  0.051   -16.554 1.00 38.40 ? 46  LEU A C   1 
ATOM   349  O O   . LEU A 1 46 ? -2.112  1.072   -16.251 1.00 43.88 ? 46  LEU A O   1 
ATOM   350  C CB  . LEU A 1 46 ? -3.035  -0.544  -18.987 1.00 45.90 ? 46  LEU A CB  1 
ATOM   351  N N   . GLU A 1 47 ? -3.854  -0.346  -15.950 1.00 34.29 ? 47  GLU A N   1 
ATOM   352  C CA  . GLU A 1 47 ? -4.604  0.473   -14.969 1.00 33.46 ? 47  GLU A CA  1 
ATOM   353  C C   . GLU A 1 47 ? -3.950  0.374   -13.582 1.00 30.51 ? 47  GLU A C   1 
ATOM   354  O O   . GLU A 1 47 ? -3.801  1.424   -12.935 1.00 30.29 ? 47  GLU A O   1 
ATOM   355  C CB  . GLU A 1 47 ? -6.052  0.024   -14.932 1.00 34.48 ? 47  GLU A CB  1 
ATOM   356  C CG  . GLU A 1 47 ? -6.949  1.027   -14.260 1.00 36.99 ? 47  GLU A CG  1 
ATOM   357  C CD  . GLU A 1 47 ? -8.391  0.578   -14.198 1.00 34.48 ? 47  GLU A CD  1 
ATOM   358  O OE1 . GLU A 1 47 ? -8.703  -0.508  -14.759 1.00 39.79 ? 47  GLU A OE1 1 
ATOM   359  O OE2 . GLU A 1 47 ? -9.188  1.284   -13.553 1.00 37.92 ? 47  GLU A OE2 1 
ATOM   360  N N   . PHE A 1 48 ? -3.534  -0.815  -13.156 1.00 27.14 ? 48  PHE A N   1 
ATOM   361  C CA  . PHE A 1 48 ? -3.197  -1.085  -11.724 1.00 27.47 ? 48  PHE A CA  1 
ATOM   362  C C   . PHE A 1 48 ? -1.832  -1.746  -11.515 1.00 29.20 ? 48  PHE A C   1 
ATOM   363  O O   . PHE A 1 48 ? -1.422  -1.980  -10.349 1.00 24.73 ? 48  PHE A O   1 
ATOM   364  C CB  . PHE A 1 48 ? -4.245  -2.016  -11.153 1.00 27.04 ? 48  PHE A CB  1 
ATOM   365  C CG  . PHE A 1 48 ? -5.630  -1.443  -11.082 1.00 26.55 ? 48  PHE A CG  1 
ATOM   366  C CD1 . PHE A 1 48 ? -5.886  -0.271  -10.373 1.00 25.29 ? 48  PHE A CD1 1 
ATOM   367  C CD2 . PHE A 1 48 ? -6.685  -2.118  -11.676 1.00 26.01 ? 48  PHE A CD2 1 
ATOM   368  C CE1 . PHE A 1 48 ? -7.189  0.213   -10.279 1.00 25.01 ? 48  PHE A CE1 1 
ATOM   369  C CE2 . PHE A 1 48 ? -7.984  -1.640  -11.553 1.00 29.65 ? 48  PHE A CE2 1 
ATOM   370  C CZ  . PHE A 1 48 ? -8.226  -0.479  -10.863 1.00 26.29 ? 48  PHE A CZ  1 
ATOM   371  N N   . GLY A 1 49 ? -1.124  -2.057  -12.606 1.00 30.54 ? 49  GLY A N   1 
ATOM   372  C CA  . GLY A 1 49 ? -0.010  -3.015  -12.550 1.00 31.52 ? 49  GLY A CA  1 
ATOM   373  C C   . GLY A 1 49 ? 1.084   -2.587  -11.599 1.00 28.95 ? 49  GLY A C   1 
ATOM   374  O O   . GLY A 1 49 ? 1.629   -3.450  -10.875 1.00 29.75 ? 49  GLY A O   1 
ATOM   375  N N   . ASP A 1 50 ? 1.383   -1.295  -11.527 1.00 29.30 ? 50  ASP A N   1 
ATOM   376  C CA  . ASP A 1 50 ? 2.551   -0.832  -10.739 1.00 29.72 ? 50  ASP A CA  1 
ATOM   377  C C   . ASP A 1 50 ? 2.181   -0.623  -9.265  1.00 25.54 ? 50  ASP A C   1 
ATOM   378  O O   . ASP A 1 50 ? 3.042   -0.171  -8.549  1.00 26.16 ? 50  ASP A O   1 
ATOM   379  C CB  . ASP A 1 50 ? 3.126   0.460   -11.308 1.00 33.77 ? 50  ASP A CB  1 
ATOM   380  C CG  . ASP A 1 50 ? 2.159   1.629   -11.314 1.00 35.57 ? 50  ASP A CG  1 
ATOM   381  O OD1 . ASP A 1 50 ? 1.072   1.536   -10.691 1.00 42.80 ? 50  ASP A OD1 1 
ATOM   382  O OD2 . ASP A 1 50 ? 2.501   2.632   -11.963 1.00 40.67 ? 50  ASP A OD2 1 
ATOM   383  N N   . ARG A 1 51 ? 0.942   -0.898  -8.830  1.00 26.05 ? 51  ARG A N   1 
ATOM   384  C CA  . ARG A 1 51 ? 0.538   -0.620  -7.413  1.00 25.22 ? 51  ARG A CA  1 
ATOM   385  C C   . ARG A 1 51 ? -0.368  -1.709  -6.826  1.00 24.08 ? 51  ARG A C   1 
ATOM   386  O O   . ARG A 1 51 ? -1.072  -1.467  -5.785  1.00 22.94 ? 51  ARG A O   1 
ATOM   387  C CB  . ARG A 1 51 ? -0.082  0.771   -7.328  1.00 26.70 ? 51  ARG A CB  1 
ATOM   388  C CG  . ARG A 1 51 ? -1.359  0.986   -8.111  1.00 27.81 ? 51  ARG A CG  1 
ATOM   389  C CD  . ARG A 1 51 ? -1.856  2.390   -7.789  1.00 29.94 ? 51  ARG A CD  1 
ATOM   390  N NE  . ARG A 1 51 ? -3.218  2.554   -8.261  1.00 30.19 ? 51  ARG A NE  1 
ATOM   391  C CZ  . ARG A 1 51 ? -3.532  2.812   -9.502  1.00 35.35 ? 51  ARG A CZ  1 
ATOM   392  N NH1 . ARG A 1 51 ? -2.578  2.911   -10.415 1.00 37.53 ? 51  ARG A NH1 1 
ATOM   393  N NH2 . ARG A 1 51 ? -4.803  2.947   -9.832  1.00 39.81 ? 51  ARG A NH2 1 
ATOM   394  N N   . VAL A 1 52 ? -0.307  -2.923  -7.359  1.00 21.72 ? 52  VAL A N   1 
ATOM   395  C CA  . VAL A 1 52 ? -0.899  -4.101  -6.683  1.00 20.83 ? 52  VAL A CA  1 
ATOM   396  C C   . VAL A 1 52 ? -0.219  -4.355  -5.331  1.00 20.41 ? 52  VAL A C   1 
ATOM   397  O O   . VAL A 1 52 ? 0.963   -4.108  -5.135  1.00 21.91 ? 52  VAL A O   1 
ATOM   398  C CB  . VAL A 1 52 ? -0.895  -5.351  -7.594  1.00 24.38 ? 52  VAL A CB  1 
ATOM   399  C CG1 . VAL A 1 52 ? -1.891  -5.187  -8.720  1.00 24.82 ? 52  VAL A CG1 1 
ATOM   400  C CG2 . VAL A 1 52 ? 0.483   -5.647  -8.134  1.00 25.38 ? 52  VAL A CG2 1 
ATOM   401  N N   . PRO A 1 53 ? -0.944  -4.875  -4.333  1.00 18.70 ? 53  PRO A N   1 
ATOM   402  C CA  . PRO A 1 53 ? -2.382  -5.160  -4.436  1.00 19.46 ? 53  PRO A CA  1 
ATOM   403  C C   . PRO A 1 53 ? -3.291  -3.935  -4.351  1.00 20.43 ? 53  PRO A C   1 
ATOM   404  O O   . PRO A 1 53 ? -2.957  -3.016  -3.648  1.00 19.13 ? 53  PRO A O   1 
ATOM   405  C CB  . PRO A 1 53 ? -2.671  -6.016  -3.208  1.00 19.94 ? 53  PRO A CB  1 
ATOM   406  C CG  . PRO A 1 53 ? -1.620  -5.608  -2.197  1.00 22.92 ? 53  PRO A CG  1 
ATOM   407  C CD  . PRO A 1 53 ? -0.413  -5.274  -3.023  1.00 20.98 ? 53  PRO A CD  1 
ATOM   408  N N   . VAL A 1 54 ? -4.318  -3.922  -5.191  1.00 18.84 ? 54  VAL A N   1 
ATOM   409  C CA  . VAL A 1 54 ? -5.414  -2.920  -5.197  1.00 20.69 ? 54  VAL A CA  1 
ATOM   410  C C   . VAL A 1 54 ? -6.675  -3.623  -4.698  1.00 20.09 ? 54  VAL A C   1 
ATOM   411  O O   . VAL A 1 54 ? -6.971  -4.733  -5.129  1.00 17.52 ? 54  VAL A O   1 
ATOM   412  C CB  . VAL A 1 54 ? -5.590  -2.324  -6.606  1.00 19.76 ? 54  VAL A CB  1 
ATOM   413  C CG1 . VAL A 1 54 ? -6.919  -1.558  -6.700  1.00 21.02 ? 54  VAL A CG1 1 
ATOM   414  C CG2 . VAL A 1 54 ? -4.378  -1.491  -6.989  1.00 20.58 ? 54  VAL A CG2 1 
ATOM   415  N N   . ILE A 1 55 ? -7.469  -2.942  -3.843  1.00 18.89 ? 55  ILE A N   1 
ATOM   416  C CA  . ILE A 1 55 ? -8.803  -3.414  -3.417  1.00 19.52 ? 55  ILE A CA  1 
ATOM   417  C C   . ILE A 1 55 ? -9.847  -2.519  -4.077  1.00 17.12 ? 55  ILE A C   1 
ATOM   418  O O   . ILE A 1 55 ? -9.665  -1.270  -3.996  1.00 21.02 ? 55  ILE A O   1 
ATOM   419  C CB  . ILE A 1 55 ? -8.959  -3.364  -1.881  1.00 17.33 ? 55  ILE A CB  1 
ATOM   420  C CG1 . ILE A 1 55 ? -7.811  -4.044  -1.130  1.00 22.99 ? 55  ILE A CG1 1 
ATOM   421  C CG2 . ILE A 1 55 ? -10.312 -3.921  -1.497  1.00 20.38 ? 55  ILE A CG2 1 
ATOM   422  C CD1 . ILE A 1 55 ? -7.516  -5.430  -1.553  1.00 24.84 ? 55  ILE A CD1 1 
ATOM   423  N N   . LEU A 1 56 ? -10.816 -3.164  -4.713  1.00 19.32 ? 56  LEU A N   1 
ATOM   424  C CA  . LEU A 1 56 ? -12.036 -2.551  -5.310  1.00 25.15 ? 56  LEU A CA  1 
ATOM   425  C C   . LEU A 1 56 ? -13.195 -2.913  -4.406  1.00 20.83 ? 56  LEU A C   1 
ATOM   426  O O   . LEU A 1 56 ? -13.449 -4.043  -4.240  1.00 23.54 ? 56  LEU A O   1 
ATOM   427  C CB  . LEU A 1 56 ? -12.305 -3.089  -6.727  1.00 27.37 ? 56  LEU A CB  1 
ATOM   428  C CG  . LEU A 1 56 ? -11.134 -2.951  -7.692  1.00 30.05 ? 56  LEU A CG  1 
ATOM   429  C CD1 . LEU A 1 56 ? -11.527 -3.338  -9.109  1.00 34.42 ? 56  LEU A CD1 1 
ATOM   430  C CD2 . LEU A 1 56 ? -10.551 -1.559  -7.660  1.00 28.48 ? 56  LEU A CD2 1 
ATOM   431  N N   . VAL A 1 57 ? -13.869 -1.912  -3.839  1.00 23.18 ? 57  VAL A N   1 
ATOM   432  C CA  . VAL A 1 57 ? -15.191 -2.098  -3.218  1.00 21.56 ? 57  VAL A CA  1 
ATOM   433  C C   . VAL A 1 57 ? -16.261 -1.511  -4.157  1.00 24.04 ? 57  VAL A C   1 
ATOM   434  O O   . VAL A 1 57 ? -16.094 -0.372  -4.532  1.00 27.60 ? 57  VAL A O   1 
ATOM   435  C CB  . VAL A 1 57 ? -15.195 -1.474  -1.818  1.00 25.78 ? 57  VAL A CB  1 
ATOM   436  C CG1 . VAL A 1 57 ? -16.560 -1.574  -1.181  1.00 24.33 ? 57  VAL A CG1 1 
ATOM   437  C CG2 . VAL A 1 57 ? -14.140 -2.194  -0.996  1.00 24.60 ? 57  VAL A CG2 1 
ATOM   438  N N   . ASP A 1 58 ? -17.200 -2.354  -4.574  1.00 33.74 ? 58  ASP A N   1 
ATOM   439  C CA  . ASP A 1 58 ? -18.318 -1.955  -5.468  1.00 41.48 ? 58  ASP A CA  1 
ATOM   440  C C   . ASP A 1 58 ? -17.648 -1.328  -6.683  1.00 42.83 ? 58  ASP A C   1 
ATOM   441  O O   . ASP A 1 58 ? -18.025 -0.221  -7.135  1.00 45.85 ? 58  ASP A O   1 
ATOM   442  C CB  . ASP A 1 58 ? -19.277 -1.063  -4.681  1.00 34.48 ? 58  ASP A CB  1 
ATOM   443  C CG  . ASP A 1 58 ? -19.864 -1.775  -3.485  1.00 36.06 ? 58  ASP A CG  1 
ATOM   444  O OD1 . ASP A 1 58 ? -20.233 -2.953  -3.623  1.00 37.08 ? 58  ASP A OD1 1 
ATOM   445  O OD2 . ASP A 1 58 ? -20.026 -1.126  -2.435  1.00 41.49 ? 58  ASP A OD2 1 
ATOM   446  N N   . ASP A 1 59 ? -16.564 -1.976  -7.099  1.00 48.13 ? 59  ASP A N   1 
ATOM   447  C CA  . ASP A 1 59 ? -15.797 -1.621  -8.308  1.00 46.33 ? 59  ASP A CA  1 
ATOM   448  C C   . ASP A 1 59 ? -15.104 -0.249  -8.175  1.00 41.65 ? 59  ASP A C   1 
ATOM   449  O O   . ASP A 1 59 ? -14.692 0.212   -9.223  1.00 48.50 ? 59  ASP A O   1 
ATOM   450  C CB  . ASP A 1 59 ? -16.748 -1.735  -9.515  1.00 43.65 ? 59  ASP A CB  1 
ATOM   451  C CG  . ASP A 1 59 ? -16.052 -1.826  -10.854 1.00 48.43 ? 59  ASP A CG  1 
ATOM   452  O OD1 . ASP A 1 59 ? -14.935 -2.394  -10.884 1.00 45.31 ? 59  ASP A OD1 1 
ATOM   453  O OD2 . ASP A 1 59 ? -16.638 -1.331  -11.864 1.00 56.80 ? 59  ASP A OD2 1 
ATOM   454  N N   . GLU A 1 60 ? -14.924 0.367   -6.982  1.00 40.27 ? 60  GLU A N   1 
ATOM   455  C CA  . GLU A 1 60 ? -14.109 1.621   -6.785  1.00 34.36 ? 60  GLU A CA  1 
ATOM   456  C C   . GLU A 1 60 ? -12.826 1.386   -5.942  1.00 39.84 ? 60  GLU A C   1 
ATOM   457  O O   . GLU A 1 60 ? -12.901 0.612   -4.969  1.00 36.64 ? 60  GLU A O   1 
ATOM   458  C CB  . GLU A 1 60 ? -14.896 2.710   -6.050  1.00 41.74 ? 60  GLU A CB  1 
ATOM   459  N N   . GLU A 1 61 ? -11.714 2.083   -6.250  1.00 36.07 ? 61  GLU A N   1 
ATOM   460  C CA  . GLU A 1 61 ? -10.367 1.885   -5.619  1.00 34.82 ? 61  GLU A CA  1 
ATOM   461  C C   . GLU A 1 61 ? -10.352 2.324   -4.142  1.00 35.10 ? 61  GLU A C   1 
ATOM   462  O O   . GLU A 1 61 ? -10.294 3.543   -3.849  1.00 32.63 ? 61  GLU A O   1 
ATOM   463  C CB  . GLU A 1 61 ? -9.259  2.595   -6.381  1.00 35.14 ? 61  GLU A CB  1 
ATOM   464  C CG  . GLU A 1 61 ? -7.874  2.315   -5.838  1.00 33.09 ? 61  GLU A CG  1 
ATOM   465  C CD  . GLU A 1 61 ? -6.762  2.587   -6.833  1.00 37.31 ? 61  GLU A CD  1 
ATOM   466  O OE1 . GLU A 1 61 ? -7.089  2.933   -7.975  1.00 39.49 ? 61  GLU A OE1 1 
ATOM   467  O OE2 . GLU A 1 61 ? -5.566  2.447   -6.482  1.00 35.04 ? 61  GLU A OE2 1 
ATOM   468  N N   . PHE A 1 62 ? -10.302 1.349   -3.232  1.00 26.93 ? 62  PHE A N   1 
ATOM   469  C CA  . PHE A 1 62 ? -10.419 1.589   -1.773  1.00 27.49 ? 62  PHE A CA  1 
ATOM   470  C C   . PHE A 1 62 ? -9.144  2.284   -1.311  1.00 26.51 ? 62  PHE A C   1 
ATOM   471  O O   . PHE A 1 62 ? -8.002  1.798   -1.575  1.00 29.21 ? 62  PHE A O   1 
ATOM   472  C CB  . PHE A 1 62 ? -10.729 0.278   -1.057  1.00 29.59 ? 62  PHE A CB  1 
ATOM   473  C CG  . PHE A 1 62 ? -11.055 0.448   0.404   1.00 28.14 ? 62  PHE A CG  1 
ATOM   474  C CD1 . PHE A 1 62 ? -12.335 0.817   0.769   1.00 31.57 ? 62  PHE A CD1 1 
ATOM   475  C CD2 . PHE A 1 62 ? -10.107 0.234   1.382   1.00 30.94 ? 62  PHE A CD2 1 
ATOM   476  C CE1 . PHE A 1 62 ? -12.665 0.999   2.100   1.00 29.78 ? 62  PHE A CE1 1 
ATOM   477  C CE2 . PHE A 1 62 ? -10.441 0.405   2.724   1.00 28.01 ? 62  PHE A CE2 1 
ATOM   478  C CZ  . PHE A 1 62 ? -11.714 0.779   3.067   1.00 28.55 ? 62  PHE A CZ  1 
ATOM   479  N N   . ALA A 1 63 ? -9.278  3.416   -0.632  1.00 26.95 ? 63  ALA A N   1 
ATOM   480  C CA  . ALA A 1 63 ? -8.150  4.345   -0.368  1.00 32.36 ? 63  ALA A CA  1 
ATOM   481  C C   . ALA A 1 63 ? -7.600  4.267   1.068   1.00 33.92 ? 63  ALA A C   1 
ATOM   482  O O   . ALA A 1 63 ? -6.564  4.900   1.313   1.00 42.10 ? 63  ALA A O   1 
ATOM   483  C CB  . ALA A 1 63 ? -8.600  5.754   -0.672  1.00 37.26 ? 63  ALA A CB  1 
ATOM   484  N N   . CYS A 1 64 ? -8.220  3.541   1.995   1.00 29.81 ? 64  CYS A N   1 
ATOM   485  C CA  . CYS A 1 64 ? -7.856  3.609   3.432   1.00 31.96 ? 64  CYS A CA  1 
ATOM   486  C C   . CYS A 1 64 ? -6.774  2.568   3.725   1.00 28.44 ? 64  CYS A C   1 
ATOM   487  O O   . CYS A 1 64 ? -7.081  1.498   4.253   1.00 30.01 ? 64  CYS A O   1 
ATOM   488  C CB  . CYS A 1 64 ? -9.088  3.461   4.310   1.00 32.77 ? 64  CYS A CB  1 
ATOM   489  S SG  . CYS A 1 64 ? -10.358 4.674   3.860   1.00 38.85 ? 64  CYS A SG  1 
ATOM   490  N N   . TRP A 1 65 ? -5.542  2.927   3.392   1.00 27.97 ? 65  TRP A N   1 
ATOM   491  C CA  . TRP A 1 65 ? -4.332  2.125   3.671   1.00 26.76 ? 65  TRP A CA  1 
ATOM   492  C C   . TRP A 1 65 ? -3.591  2.773   4.828   1.00 30.30 ? 65  TRP A C   1 
ATOM   493  O O   . TRP A 1 65 ? -3.605  4.000   4.945   1.00 27.17 ? 65  TRP A O   1 
ATOM   494  C CB  . TRP A 1 65 ? -3.404  2.058   2.460   1.00 26.36 ? 65  TRP A CB  1 
ATOM   495  C CG  . TRP A 1 65 ? -3.967  1.254   1.331   1.00 24.70 ? 65  TRP A CG  1 
ATOM   496  C CD1 . TRP A 1 65 ? -4.813  1.706   0.360   1.00 29.36 ? 65  TRP A CD1 1 
ATOM   497  C CD2 . TRP A 1 65 ? -3.684  -0.120  1.015   1.00 22.57 ? 65  TRP A CD2 1 
ATOM   498  N NE1 . TRP A 1 65 ? -5.078  0.709   -0.540  1.00 27.19 ? 65  TRP A NE1 1 
ATOM   499  C CE2 . TRP A 1 65 ? -4.449  -0.430  -0.138  1.00 23.60 ? 65  TRP A CE2 1 
ATOM   500  C CE3 . TRP A 1 65 ? -2.909  -1.119  1.603   1.00 20.71 ? 65  TRP A CE3 1 
ATOM   501  C CZ2 . TRP A 1 65 ? -4.396  -1.685  -0.736  1.00 23.42 ? 65  TRP A CZ2 1 
ATOM   502  C CZ3 . TRP A 1 65 ? -2.900  -2.383  1.034   1.00 21.79 ? 65  TRP A CZ3 1 
ATOM   503  C CH2 . TRP A 1 65 ? -3.580  -2.625  -0.150  1.00 20.66 ? 65  TRP A CH2 1 
ATOM   504  N N   . GLU A 1 66 ? -2.857  1.966   5.554   1.00 27.52 ? 66  GLU A N   1 
ATOM   505  C CA  . GLU A 1 66 ? -2.005  2.479   6.636   1.00 32.00 ? 66  GLU A CA  1 
ATOM   506  C C   . GLU A 1 66 ? -0.668  1.765   6.534   1.00 29.27 ? 66  GLU A C   1 
ATOM   507  O O   . GLU A 1 66 ? -0.574  0.623   6.001   1.00 25.07 ? 66  GLU A O   1 
ATOM   508  C CB  . GLU A 1 66 ? -2.753  2.305   7.949   1.00 34.44 ? 66  GLU A CB  1 
ATOM   509  C CG  . GLU A 1 66 ? -3.075  0.862   8.275   1.00 40.76 ? 66  GLU A CG  1 
ATOM   510  C CD  . GLU A 1 66 ? -4.090  0.685   9.389   1.00 47.83 ? 66  GLU A CD  1 
ATOM   511  O OE1 . GLU A 1 66 ? -4.519  1.722   9.945   1.00 54.11 ? 66  GLU A OE1 1 
ATOM   512  O OE2 . GLU A 1 66 ? -4.466  -0.490  9.684   1.00 43.20 ? 66  GLU A OE2 1 
ATOM   513  N N   . VAL A 1 67 ? 0.368   2.400   7.045   1.00 27.88 ? 67  VAL A N   1 
ATOM   514  C CA  . VAL A 1 67 ? 1.667   1.695   7.154   1.00 28.49 ? 67  VAL A CA  1 
ATOM   515  C C   . VAL A 1 67 ? 1.538   0.496   8.109   1.00 23.96 ? 67  VAL A C   1 
ATOM   516  O O   . VAL A 1 67 ? 0.990   0.662   9.211   1.00 23.59 ? 67  VAL A O   1 
ATOM   517  C CB  . VAL A 1 67 ? 2.788   2.620   7.643   1.00 32.90 ? 67  VAL A CB  1 
ATOM   518  C CG1 . VAL A 1 67 ? 4.135   1.944   7.444   1.00 34.91 ? 67  VAL A CG1 1 
ATOM   519  C CG2 . VAL A 1 67 ? 2.742   3.981   6.982   1.00 37.61 ? 67  VAL A CG2 1 
ATOM   520  N N   . ASP A 1 68 ? 2.094   -0.650  7.721   1.00 24.92 ? 68  ASP A N   1 
ATOM   521  C CA  . ASP A 1 68 ? 2.266   -1.845  8.574   1.00 28.71 ? 68  ASP A CA  1 
ATOM   522  C C   . ASP A 1 68 ? 3.578   -1.689  9.357   1.00 26.25 ? 68  ASP A C   1 
ATOM   523  O O   . ASP A 1 68 ? 4.648   -2.083  8.839   1.00 26.34 ? 68  ASP A O   1 
ATOM   524  C CB  . ASP A 1 68 ? 2.213   -3.117  7.738   1.00 31.00 ? 68  ASP A CB  1 
ATOM   525  C CG  . ASP A 1 68 ? 2.128   -4.373  8.582   1.00 31.92 ? 68  ASP A CG  1 
ATOM   526  O OD1 . ASP A 1 68 ? 2.527   -4.335  9.758   1.00 34.83 ? 68  ASP A OD1 1 
ATOM   527  O OD2 . ASP A 1 68 ? 1.664   -5.387  8.049   1.00 38.62 ? 68  ASP A OD2 1 
ATOM   528  N N   . ASN A 1 69 ? 3.514   -1.001  10.498  1.00 26.37 ? 69  ASN A N   1 
ATOM   529  C CA  . ASN A 1 69 ? 4.690   -0.656  11.345  1.00 28.85 ? 69  ASN A CA  1 
ATOM   530  C C   . ASN A 1 69 ? 5.487   -1.924  11.692  1.00 26.55 ? 69  ASN A C   1 
ATOM   531  O O   . ASN A 1 69 ? 6.724   -1.896  11.667  1.00 28.21 ? 69  ASN A O   1 
ATOM   532  C CB  . ASN A 1 69 ? 4.295   0.023   12.668  1.00 33.20 ? 69  ASN A CB  1 
ATOM   533  C CG  . ASN A 1 69 ? 4.015   1.517   12.577  1.00 41.48 ? 69  ASN A CG  1 
ATOM   534  O OD1 . ASN A 1 69 ? 3.352   1.993   11.661  1.00 50.26 ? 69  ASN A OD1 1 
ATOM   535  N ND2 . ASN A 1 69 ? 4.464   2.269   13.565  1.00 40.33 ? 69  ASN A ND2 1 
ATOM   536  N N   . ASP A 1 70 ? 4.807   -3.009  12.040  1.00 26.98 ? 70  ASP A N   1 
ATOM   537  C CA  . ASP A 1 70 ? 5.503   -4.232  12.519  1.00 29.77 ? 70  ASP A CA  1 
ATOM   538  C C   . ASP A 1 70 ? 6.257   -4.875  11.355  1.00 25.12 ? 70  ASP A C   1 
ATOM   539  O O   . ASP A 1 70 ? 7.399   -5.329  11.596  1.00 28.54 ? 70  ASP A O   1 
ATOM   540  C CB  . ASP A 1 70 ? 4.557   -5.211  13.213  1.00 30.81 ? 70  ASP A CB  1 
ATOM   541  C CG  . ASP A 1 70 ? 4.024   -4.616  14.498  1.00 31.76 ? 70  ASP A CG  1 
ATOM   542  O OD1 . ASP A 1 70 ? 4.754   -3.801  15.147  1.00 34.46 ? 70  ASP A OD1 1 
ATOM   543  O OD2 . ASP A 1 70 ? 2.893   -4.935  14.831  1.00 34.29 ? 70  ASP A OD2 1 
ATOM   544  N N   . GLU A 1 71 ? 5.703   -4.804  10.154  1.00 27.97 ? 71  GLU A N   1 
ATOM   545  C CA  . GLU A 1 71 ? 6.352   -5.319  8.922   1.00 27.59 ? 71  GLU A CA  1 
ATOM   546  C C   . GLU A 1 71 ? 7.617   -4.501  8.647   1.00 25.92 ? 71  GLU A C   1 
ATOM   547  O O   . GLU A 1 71 ? 8.632   -5.123  8.335   1.00 24.53 ? 71  GLU A O   1 
ATOM   548  C CB  . GLU A 1 71 ? 5.400   -5.245  7.731   1.00 30.54 ? 71  GLU A CB  1 
ATOM   549  C CG  . GLU A 1 71 ? 6.043   -5.689  6.428   1.00 35.18 ? 71  GLU A CG  1 
ATOM   550  C CD  . GLU A 1 71 ? 6.398   -7.170  6.401   1.00 44.22 ? 71  GLU A CD  1 
ATOM   551  O OE1 . GLU A 1 71 ? 5.993   -7.888  7.336   1.00 47.12 ? 71  GLU A OE1 1 
ATOM   552  O OE2 . GLU A 1 71 ? 7.061   -7.602  5.433   1.00 48.24 ? 71  GLU A OE2 1 
ATOM   553  N N   . LEU A 1 72 ? 7.557   -3.151  8.718   1.00 21.60 ? 72  LEU A N   1 
ATOM   554  C CA  . LEU A 1 72 ? 8.761   -2.316  8.508   1.00 21.39 ? 72  LEU A CA  1 
ATOM   555  C C   . LEU A 1 72 ? 9.768   -2.639  9.630   1.00 21.45 ? 72  LEU A C   1 
ATOM   556  O O   . LEU A 1 72 ? 10.925  -2.812  9.317   1.00 22.55 ? 72  LEU A O   1 
ATOM   557  C CB  . LEU A 1 72 ? 8.378   -0.833  8.510   1.00 22.92 ? 72  LEU A CB  1 
ATOM   558  C CG  . LEU A 1 72 ? 9.531   0.121   8.247   1.00 23.41 ? 72  LEU A CG  1 
ATOM   559  C CD1 . LEU A 1 72 ? 10.064  -0.079  6.840   1.00 21.92 ? 72  LEU A CD1 1 
ATOM   560  C CD2 . LEU A 1 72 ? 9.051   1.555   8.439   1.00 24.62 ? 72  LEU A CD2 1 
ATOM   561  N N   . ALA A 1 73 ? 9.342   -2.659  10.904  1.00 23.43 ? 73  ALA A N   1 
ATOM   562  C CA  . ALA A 1 73 ? 10.240  -2.898  12.069  1.00 27.38 ? 73  ALA A CA  1 
ATOM   563  C C   . ALA A 1 73 ? 10.969  -4.236  11.880  1.00 26.28 ? 73  ALA A C   1 
ATOM   564  O O   . ALA A 1 73 ? 12.153  -4.333  12.147  1.00 27.55 ? 73  ALA A O   1 
ATOM   565  C CB  . ALA A 1 73 ? 9.439   -2.889  13.363  1.00 25.64 ? 73  ALA A CB  1 
ATOM   566  N N   . ASN A 1 74 ? 10.234  -5.214  11.386  1.00 28.74 ? 74  ASN A N   1 
ATOM   567  C CA  . ASN A 1 74 ? 10.718  -6.591  11.154  1.00 34.53 ? 74  ASN A CA  1 
ATOM   568  C C   . ASN A 1 74 ? 11.851  -6.512  10.141  1.00 31.35 ? 74  ASN A C   1 
ATOM   569  O O   . ASN A 1 74 ? 12.918  -7.039  10.437  1.00 30.55 ? 74  ASN A O   1 
ATOM   570  C CB  . ASN A 1 74 ? 9.588   -7.519  10.713  1.00 35.89 ? 74  ASN A CB  1 
ATOM   571  C CG  . ASN A 1 74 ? 10.050  -8.957  10.706  1.00 38.32 ? 74  ASN A CG  1 
ATOM   572  O OD1 . ASN A 1 74 ? 10.145  -9.597  11.758  1.00 36.06 ? 74  ASN A OD1 1 
ATOM   573  N ND2 . ASN A 1 74 ? 10.382  -9.436  9.522   1.00 38.81 ? 74  ASN A ND2 1 
ATOM   574  N N   . ALA A 1 75 ? 11.630  -5.806  9.025   1.00 29.10 ? 75  ALA A N   1 
ATOM   575  C CA  . ALA A 1 75 ? 12.599  -5.659  7.924   1.00 26.90 ? 75  ALA A CA  1 
ATOM   576  C C   . ALA A 1 75 ? 13.850  -4.910  8.391   1.00 26.98 ? 75  ALA A C   1 
ATOM   577  O O   . ALA A 1 75 ? 14.931  -5.299  7.991   1.00 26.57 ? 75  ALA A O   1 
ATOM   578  C CB  . ALA A 1 75 ? 11.954  -4.971  6.742   1.00 27.51 ? 75  ALA A CB  1 
ATOM   579  N N   . LEU A 1 76 ? 13.718  -3.866  9.216   1.00 26.17 ? 76  LEU A N   1 
ATOM   580  C CA  . LEU A 1 76 ? 14.861  -3.003  9.606   1.00 26.04 ? 76  LEU A CA  1 
ATOM   581  C C   . LEU A 1 76 ? 15.559  -3.481  10.893  1.00 27.02 ? 76  LEU A C   1 
ATOM   582  O O   . LEU A 1 76 ? 16.769  -3.193  10.986  1.00 30.84 ? 76  LEU A O   1 
ATOM   583  C CB  . LEU A 1 76 ? 14.390  -1.554  9.781   1.00 25.29 ? 76  LEU A CB  1 
ATOM   584  C CG  . LEU A 1 76 ? 13.740  -0.893  8.567   1.00 25.36 ? 76  LEU A CG  1 
ATOM   585  C CD1 . LEU A 1 76 ? 13.436  0.558   8.876   1.00 28.24 ? 76  LEU A CD1 1 
ATOM   586  C CD2 . LEU A 1 76 ? 14.605  -1.027  7.313   1.00 26.20 ? 76  LEU A CD2 1 
ATOM   587  N N   . LEU A 1 77 ? 14.860  -4.084  11.868  1.00 29.73 ? 77  LEU A N   1 
ATOM   588  C CA  . LEU A 1 77 ? 15.386  -4.200  13.259  1.00 28.35 ? 77  LEU A CA  1 
ATOM   589  C C   . LEU A 1 77 ? 15.857  -5.626  13.573  1.00 33.82 ? 77  LEU A C   1 
ATOM   590  O O   . LEU A 1 77 ? 16.621  -5.776  14.550  1.00 36.18 ? 77  LEU A O   1 
ATOM   591  C CB  . LEU A 1 77 ? 14.335  -3.696  14.263  1.00 29.54 ? 77  LEU A CB  1 
ATOM   592  C CG  . LEU A 1 77 ? 13.776  -2.296  13.979  1.00 27.50 ? 77  LEU A CG  1 
ATOM   593  C CD1 . LEU A 1 77 ? 12.758  -1.889  15.022  1.00 27.70 ? 77  LEU A CD1 1 
ATOM   594  C CD2 . LEU A 1 77 ? 14.884  -1.256  13.960  1.00 30.31 ? 77  LEU A CD2 1 
ATOM   595  N N   . LEU A 1 78 ? 15.420  -6.627  12.801  1.00 34.83 ? 78  LEU A N   1 
ATOM   596  C CA  . LEU A 1 78 ? 15.857  -8.048  12.921  1.00 37.95 ? 78  LEU A CA  1 
ATOM   597  C C   . LEU A 1 78 ? 16.805  -8.378  11.769  1.00 37.73 ? 78  LEU A C   1 
ATOM   598  O O   . LEU A 1 78 ? 16.625  -7.777  10.700  1.00 43.55 ? 78  LEU A O   1 
ATOM   599  C CB  . LEU A 1 78 ? 14.624  -8.955  12.914  1.00 37.38 ? 78  LEU A CB  1 
ATOM   600  C CG  . LEU A 1 78 ? 13.958  -9.120  14.281  1.00 42.46 ? 78  LEU A CG  1 
ATOM   601  C CD1 . LEU A 1 78 ? 13.227  -7.851  14.698  1.00 39.57 ? 78  LEU A CD1 1 
ATOM   602  C CD2 . LEU A 1 78 ? 13.012  -10.313 14.291  1.00 41.63 ? 78  LEU A CD2 1 
ATOM   603  N N   . GLY B 1 1  ? 23.155  -3.025  7.781   1.00 54.07 ? 1   GLY B N   1 
ATOM   604  C CA  . GLY B 1 1  ? 22.453  -1.706  7.769   1.00 49.13 ? 1   GLY B CA  1 
ATOM   605  C C   . GLY B 1 1  ? 21.548  -1.565  6.559   1.00 43.42 ? 1   GLY B C   1 
ATOM   606  O O   . GLY B 1 1  ? 21.717  -2.330  5.564   1.00 45.49 ? 1   GLY B O   1 
ATOM   607  N N   . HIS B 1 2  ? 20.601  -0.633  6.629   1.00 35.26 ? 2   HIS B N   1 
ATOM   608  C CA  . HIS B 1 2  ? 19.670  -0.314  5.519   1.00 32.40 ? 2   HIS B CA  1 
ATOM   609  C C   . HIS B 1 2  ? 19.563  1.195   5.335   1.00 28.48 ? 2   HIS B C   1 
ATOM   610  O O   . HIS B 1 2  ? 19.931  1.952   6.256   1.00 32.39 ? 2   HIS B O   1 
ATOM   611  C CB  . HIS B 1 2  ? 18.261  -0.896  5.759   1.00 32.43 ? 2   HIS B CB  1 
ATOM   612  C CG  . HIS B 1 2  ? 18.251  -2.325  6.165   1.00 32.22 ? 2   HIS B CG  1 
ATOM   613  N ND1 . HIS B 1 2  ? 18.304  -3.353  5.244   1.00 33.13 ? 2   HIS B ND1 1 
ATOM   614  C CD2 . HIS B 1 2  ? 18.199  -2.898  7.387   1.00 30.31 ? 2   HIS B CD2 1 
ATOM   615  C CE1 . HIS B 1 2  ? 18.308  -4.507  5.881   1.00 30.36 ? 2   HIS B CE1 1 
ATOM   616  N NE2 . HIS B 1 2  ? 18.197  -4.257  7.188   1.00 31.36 ? 2   HIS B NE2 1 
ATOM   617  N N   . SER B 1 3  ? 19.148  1.592   4.134   1.00 29.94 ? 3   SER B N   1 
ATOM   618  C CA  . SER B 1 3  ? 18.738  2.962   3.777   1.00 26.30 ? 3   SER B CA  1 
ATOM   619  C C   . SER B 1 3  ? 17.203  2.950   3.752   1.00 24.83 ? 3   SER B C   1 
ATOM   620  O O   . SER B 1 3  ? 16.627  1.873   3.450   1.00 25.12 ? 3   SER B O   1 
ATOM   621  C CB  . SER B 1 3  ? 19.298  3.405   2.455   1.00 29.69 ? 3   SER B CB  1 
ATOM   622  O OG  . SER B 1 3  ? 18.940  2.486   1.442   1.00 34.50 ? 3   SER B OG  1 
ATOM   623  N N   . VAL B 1 4  ? 16.599  4.050   4.156   1.00 22.62 ? 4   VAL B N   1 
ATOM   624  C CA  . VAL B 1 4  ? 15.117  4.238   4.084   1.00 22.24 ? 4   VAL B CA  1 
ATOM   625  C C   . VAL B 1 4  ? 14.856  5.635   3.539   1.00 23.21 ? 4   VAL B C   1 
ATOM   626  O O   . VAL B 1 4  ? 15.385  6.634   4.090   1.00 26.55 ? 4   VAL B O   1 
ATOM   627  C CB  . VAL B 1 4  ? 14.391  4.058   5.427   1.00 23.55 ? 4   VAL B CB  1 
ATOM   628  C CG1 . VAL B 1 4  ? 12.864  4.126   5.238   1.00 23.34 ? 4   VAL B CG1 1 
ATOM   629  C CG2 . VAL B 1 4  ? 14.769  2.756   6.113   1.00 23.36 ? 4   VAL B CG2 1 
ATOM   630  N N   . GLU B 1 5  ? 14.019  5.688   2.522   1.00 23.09 ? 5   GLU B N   1 
ATOM   631  C CA  . GLU B 1 5  ? 13.631  6.943   1.859   1.00 24.05 ? 5   GLU B CA  1 
ATOM   632  C C   . GLU B 1 5  ? 12.113  6.958   1.732   1.00 22.61 ? 5   GLU B C   1 
ATOM   633  O O   . GLU B 1 5  ? 11.537  5.895   1.381   1.00 23.68 ? 5   GLU B O   1 
ATOM   634  C CB  . GLU B 1 5  ? 14.315  7.013   0.497   1.00 25.81 ? 5   GLU B CB  1 
ATOM   635  C CG  . GLU B 1 5  ? 14.008  8.309   -0.209  1.00 29.82 ? 5   GLU B CG  1 
ATOM   636  C CD  . GLU B 1 5  ? 15.146  8.713   -1.113  1.00 38.00 ? 5   GLU B CD  1 
ATOM   637  O OE1 . GLU B 1 5  ? 15.285  8.070   -2.152  1.00 34.39 ? 5   GLU B OE1 1 
ATOM   638  O OE2 . GLU B 1 5  ? 15.920  9.618   -0.711  1.00 47.72 ? 5   GLU B OE2 1 
ATOM   639  N N   . ILE B 1 6  ? 11.501  8.087   2.044   1.00 21.19 ? 6   ILE B N   1 
ATOM   640  C CA  . ILE B 1 6  ? 10.072  8.311   1.702   1.00 22.83 ? 6   ILE B CA  1 
ATOM   641  C C   . ILE B 1 6  ? 9.953   9.271   0.505   1.00 23.29 ? 6   ILE B C   1 
ATOM   642  O O   . ILE B 1 6  ? 10.610  10.314  0.510   1.00 22.67 ? 6   ILE B O   1 
ATOM   643  C CB  . ILE B 1 6  ? 9.296   8.745   2.956   1.00 24.55 ? 6   ILE B CB  1 
ATOM   644  C CG1 . ILE B 1 6  ? 7.799   8.698   2.671   1.00 26.15 ? 6   ILE B CG1 1 
ATOM   645  C CG2 . ILE B 1 6  ? 9.720   10.119  3.480   1.00 26.56 ? 6   ILE B CG2 1 
ATOM   646  C CD1 . ILE B 1 6  ? 6.974   8.977   3.894   1.00 27.77 ? 6   ILE B CD1 1 
ATOM   647  N N   . ILE B 1 7  ? 9.195   8.879   -0.518  1.00 22.80 ? 7   ILE B N   1 
ATOM   648  C CA  . ILE B 1 7  ? 8.855   9.718   -1.707  1.00 22.58 ? 7   ILE B CA  1 
ATOM   649  C C   . ILE B 1 7  ? 7.488   10.362  -1.430  1.00 21.16 ? 7   ILE B C   1 
ATOM   650  O O   . ILE B 1 7  ? 6.493   9.619   -1.255  1.00 20.73 ? 7   ILE B O   1 
ATOM   651  C CB  . ILE B 1 7  ? 8.837   8.882   -2.999  1.00 23.68 ? 7   ILE B CB  1 
ATOM   652  C CG1 . ILE B 1 7  ? 10.028  7.929   -3.147  1.00 27.60 ? 7   ILE B CG1 1 
ATOM   653  C CG2 . ILE B 1 7  ? 8.647   9.767   -4.213  1.00 26.36 ? 7   ILE B CG2 1 
ATOM   654  C CD1 . ILE B 1 7  ? 11.370  8.525   -3.425  1.00 30.96 ? 7   ILE B CD1 1 
ATOM   655  N N   . VAL B 1 8  ? 7.438   11.702  -1.401  1.00 19.41 ? 8   VAL B N   1 
ATOM   656  C CA  . VAL B 1 8  ? 6.244   12.471  -1.017  1.00 21.90 ? 8   VAL B CA  1 
ATOM   657  C C   . VAL B 1 8  ? 5.885   13.434  -2.160  1.00 24.44 ? 8   VAL B C   1 
ATOM   658  O O   . VAL B 1 8  ? 6.555   13.375  -3.190  1.00 23.03 ? 8   VAL B O   1 
ATOM   659  C CB  . VAL B 1 8  ? 6.450   13.224  0.294   1.00 24.65 ? 8   VAL B CB  1 
ATOM   660  C CG1 . VAL B 1 8  ? 6.834   12.261  1.416   1.00 26.30 ? 8   VAL B CG1 1 
ATOM   661  C CG2 . VAL B 1 8  ? 7.465   14.338  0.133   1.00 27.03 ? 8   VAL B CG2 1 
ATOM   662  N N   . ARG B 1 9  ? 4.790   14.165  -1.962  1.00 23.63 ? 9   ARG B N   1 
ATOM   663  C CA  . ARG B 1 9  ? 4.430   15.347  -2.773  1.00 27.96 ? 9   ARG B CA  1 
ATOM   664  C C   . ARG B 1 9  ? 3.933   16.464  -1.859  1.00 28.90 ? 9   ARG B C   1 
ATOM   665  O O   . ARG B 1 9  ? 3.591   16.228  -0.673  1.00 28.36 ? 9   ARG B O   1 
ATOM   666  C CB  . ARG B 1 9  ? 3.399   14.946  -3.837  1.00 27.46 ? 9   ARG B CB  1 
ATOM   667  C CG  . ARG B 1 9  ? 1.965   14.817  -3.355  1.00 31.82 ? 9   ARG B CG  1 
ATOM   668  C CD  . ARG B 1 9  ? 1.081   14.402  -4.528  1.00 37.04 ? 9   ARG B CD  1 
ATOM   669  N NE  . ARG B 1 9  ? -0.228  14.123  -3.970  1.00 43.63 ? 9   ARG B NE  1 
ATOM   670  C CZ  . ARG B 1 9  ? -0.734  12.925  -3.716  1.00 48.48 ? 9   ARG B CZ  1 
ATOM   671  N NH1 . ARG B 1 9  ? -0.081  11.822  -4.037  1.00 51.18 ? 9   ARG B NH1 1 
ATOM   672  N NH2 . ARG B 1 9  ? -1.930  12.846  -3.161  1.00 57.76 ? 9   ARG B NH2 1 
ATOM   673  N N   . ASP B 1 10 ? 3.818   17.653  -2.424  1.00 31.00 ? 10  ASP B N   1 
ATOM   674  C CA  . ASP B 1 10 ? 3.280   18.824  -1.692  1.00 33.93 ? 10  ASP B CA  1 
ATOM   675  C C   . ASP B 1 10 ? 1.801   18.565  -1.369  1.00 29.91 ? 10  ASP B C   1 
ATOM   676  O O   . ASP B 1 10 ? 1.113   17.852  -2.159  1.00 29.98 ? 10  ASP B O   1 
ATOM   677  C CB  . ASP B 1 10 ? 3.485   20.111  -2.506  1.00 41.49 ? 10  ASP B CB  1 
ATOM   678  C CG  . ASP B 1 10 ? 4.941   20.376  -2.868  1.00 44.45 ? 10  ASP B CG  1 
ATOM   679  O OD1 . ASP B 1 10 ? 5.835   19.970  -2.076  1.00 49.34 ? 10  ASP B OD1 1 
ATOM   680  O OD2 . ASP B 1 10 ? 5.174   20.945  -3.957  1.00 52.35 ? 10  ASP B OD2 1 
ATOM   681  N N   . ASN B 1 11 ? 1.314   19.115  -0.263  1.00 28.87 ? 11  ASN B N   1 
ATOM   682  C CA  . ASN B 1 11 ? -0.137  19.170  0.062   1.00 33.64 ? 11  ASN B CA  1 
ATOM   683  C C   . ASN B 1 11 ? -0.672  17.757  0.200   1.00 30.32 ? 11  ASN B C   1 
ATOM   684  O O   . ASN B 1 11 ? -1.726  17.431  -0.372  1.00 31.06 ? 11  ASN B O   1 
ATOM   685  C CB  . ASN B 1 11 ? -0.928  19.920  -1.016  1.00 38.27 ? 11  ASN B CB  1 
ATOM   686  C CG  . ASN B 1 11 ? -0.445  21.341  -1.178  1.00 44.42 ? 11  ASN B CG  1 
ATOM   687  O OD1 . ASN B 1 11 ? -0.166  21.786  -2.293  1.00 52.04 ? 11  ASN B OD1 1 
ATOM   688  N ND2 . ASN B 1 11 ? -0.369  22.063  -0.070  1.00 40.91 ? 11  ASN B ND2 1 
ATOM   689  N N   A CYS B 1 12 ? 0.055   16.958  0.978   0.60 28.33 ? 12  CYS B N   1 
ATOM   690  N N   B CYS B 1 12 ? 0.093   16.893  0.858   0.40 28.74 ? 12  CYS B N   1 
ATOM   691  C CA  A CYS B 1 12 ? -0.068  15.486  1.085   0.60 25.78 ? 12  CYS B CA  1 
ATOM   692  C CA  B CYS B 1 12 ? -0.257  15.465  1.037   0.40 26.77 ? 12  CYS B CA  1 
ATOM   693  C C   A CYS B 1 12 ? -0.155  15.118  2.566   0.60 23.41 ? 12  CYS B C   1 
ATOM   694  C C   B CYS B 1 12 ? -0.188  15.131  2.522   0.40 24.45 ? 12  CYS B C   1 
ATOM   695  O O   A CYS B 1 12 ? 0.915   14.864  3.140   0.60 23.53 ? 12  CYS B O   1 
ATOM   696  O O   B CYS B 1 12 ? 0.929   14.912  3.026   0.40 24.45 ? 12  CYS B O   1 
ATOM   697  C CB  A CYS B 1 12 ? 1.165   14.855  0.442   0.60 24.05 ? 12  CYS B CB  1 
ATOM   698  C CB  B CYS B 1 12 ? 0.675   14.568  0.237   0.40 26.31 ? 12  CYS B CB  1 
ATOM   699  S SG  A CYS B 1 12 ? 1.118   13.053  0.277   0.60 26.13 ? 12  CYS B SG  1 
ATOM   700  S SG  B CYS B 1 12 ? 0.372   12.804  0.498   0.40 27.22 ? 12  CYS B SG  1 
ATOM   701  N N   . GLY B 1 13 ? -1.348  15.147  3.178   1.00 24.13 ? 13  GLY B N   1 
ATOM   702  C CA  . GLY B 1 13 ? -1.485  14.821  4.604   1.00 23.49 ? 13  GLY B CA  1 
ATOM   703  C C   . GLY B 1 13 ? -1.051  13.399  4.847   1.00 24.33 ? 13  GLY B C   1 
ATOM   704  O O   . GLY B 1 13 ? -0.414  13.113  5.890   1.00 22.64 ? 13  GLY B O   1 
ATOM   705  N N   . SER B 1 14 ? -1.368  12.497  3.915   1.00 23.88 ? 14  SER B N   1 
ATOM   706  C CA  . SER B 1 14 ? -0.945  11.087  4.039   1.00 25.85 ? 14  SER B CA  1 
ATOM   707  C C   . SER B 1 14 ? 0.588   10.991  4.108   1.00 23.42 ? 14  SER B C   1 
ATOM   708  O O   . SER B 1 14 ? 1.107   10.214  4.932   1.00 22.88 ? 14  SER B O   1 
ATOM   709  C CB  . SER B 1 14 ? -1.547  10.233  2.941   1.00 27.41 ? 14  SER B CB  1 
ATOM   710  O OG  . SER B 1 14 ? -0.932  10.520  1.705   1.00 32.68 ? 14  SER B OG  1 
ATOM   711  N N   A CYS B 1 15 ? 1.316   11.736  3.272   0.60 21.67 ? 15  CYS B N   1 
ATOM   712  N N   B CYS B 1 15 ? 1.282   11.808  3.330   0.40 23.64 ? 15  CYS B N   1 
ATOM   713  C CA  A CYS B 1 15 ? 2.801   11.787  3.305   0.60 21.58 ? 15  CYS B CA  1 
ATOM   714  C CA  B CYS B 1 15 ? 2.758   11.856  3.245   0.40 24.27 ? 15  CYS B CA  1 
ATOM   715  C C   A CYS B 1 15 ? 3.257   12.153  4.727   0.60 21.25 ? 15  CYS B C   1 
ATOM   716  C C   B CYS B 1 15 ? 3.376   12.330  4.572   0.40 22.90 ? 15  CYS B C   1 
ATOM   717  O O   A CYS B 1 15 ? 4.062   11.402  5.331   0.60 19.51 ? 15  CYS B O   1 
ATOM   718  O O   B CYS B 1 15 ? 4.465   11.833  4.929   0.40 21.04 ? 15  CYS B O   1 
ATOM   719  C CB  A CYS B 1 15 ? 3.379   12.779  2.301   0.60 20.51 ? 15  CYS B CB  1 
ATOM   720  C CB  B CYS B 1 15 ? 3.104   12.733  2.056   0.40 26.13 ? 15  CYS B CB  1 
ATOM   721  S SG  A CYS B 1 15 ? 3.056   12.350  0.562   0.60 20.55 ? 15  CYS B SG  1 
ATOM   722  S SG  B CYS B 1 15 ? 2.324   12.090  0.550   0.40 28.46 ? 15  CYS B SG  1 
ATOM   723  N N   . VAL B 1 16 ? 2.695   13.232  5.281   1.00 22.35 ? 16  VAL B N   1 
ATOM   724  C CA  . VAL B 1 16 ? 3.145   13.734  6.624   1.00 22.39 ? 16  VAL B CA  1 
ATOM   725  C C   . VAL B 1 16 ? 2.877   12.674  7.694   1.00 21.73 ? 16  VAL B C   1 
ATOM   726  O O   . VAL B 1 16 ? 3.788   12.420  8.505   1.00 22.95 ? 16  VAL B O   1 
ATOM   727  C CB  . VAL B 1 16 ? 2.437   15.065  6.948   1.00 20.79 ? 16  VAL B CB  1 
ATOM   728  C CG1 . VAL B 1 16 ? 2.851   15.638  8.309   1.00 21.09 ? 16  VAL B CG1 1 
ATOM   729  C CG2 . VAL B 1 16 ? 2.707   16.045  5.848   1.00 24.05 ? 16  VAL B CG2 1 
ATOM   730  N N   . ARG B 1 17 ? 1.651   12.142  7.754   1.00 19.54 ? 17  ARG B N   1 
ATOM   731  C CA  . ARG B 1 17 ? 1.244   11.072  8.699   1.00 21.05 ? 17  ARG B CA  1 
ATOM   732  C C   . ARG B 1 17 ? 2.155   9.833   8.558   1.00 20.20 ? 17  ARG B C   1 
ATOM   733  O O   . ARG B 1 17 ? 2.621   9.312   9.581   1.00 21.35 ? 17  ARG B O   1 
ATOM   734  C CB  . ARG B 1 17 ? -0.210  10.694  8.462   1.00 21.38 ? 17  ARG B CB  1 
ATOM   735  C CG  . ARG B 1 17 ? -1.203  11.759  8.902   1.00 25.16 ? 17  ARG B CG  1 
ATOM   736  C CD  . ARG B 1 17 ? -2.607  11.182  8.909   1.00 26.08 ? 17  ARG B CD  1 
ATOM   737  N NE  . ARG B 1 17 ? -3.096  10.823  7.574   1.00 25.43 ? 17  ARG B NE  1 
ATOM   738  C CZ  . ARG B 1 17 ? -3.629  11.662  6.695   1.00 27.93 ? 17  ARG B CZ  1 
ATOM   739  N NH1 . ARG B 1 17 ? -3.796  12.953  6.958   1.00 27.10 ? 17  ARG B NH1 1 
ATOM   740  N NH2 . ARG B 1 17 ? -4.075  11.189  5.560   1.00 26.75 ? 17  ARG B NH2 1 
ATOM   741  N N   . VAL B 1 18 ? 2.388   9.323   7.348   1.00 21.24 ? 18  VAL B N   1 
ATOM   742  C CA  . VAL B 1 18 ? 3.256   8.113   7.166   1.00 22.08 ? 18  VAL B CA  1 
ATOM   743  C C   . VAL B 1 18 ? 4.665   8.415   7.706   1.00 21.21 ? 18  VAL B C   1 
ATOM   744  O O   . VAL B 1 18 ? 5.221   7.625   8.494   1.00 20.53 ? 18  VAL B O   1 
ATOM   745  C CB  . VAL B 1 18 ? 3.258   7.681   5.688   1.00 25.39 ? 18  VAL B CB  1 
ATOM   746  C CG1 . VAL B 1 18 ? 4.387   6.742   5.367   1.00 27.53 ? 18  VAL B CG1 1 
ATOM   747  C CG2 . VAL B 1 18 ? 1.905   7.080   5.308   1.00 26.56 ? 18  VAL B CG2 1 
ATOM   748  N N   . LYS B 1 19 ? 5.213   9.587   7.396   1.00 22.34 ? 19  LYS B N   1 
ATOM   749  C CA  . LYS B 1 19 ? 6.542   9.978   7.908   1.00 23.15 ? 19  LYS B CA  1 
ATOM   750  C C   . LYS B 1 19 ? 6.563   9.909   9.438   1.00 21.39 ? 19  LYS B C   1 
ATOM   751  O O   . LYS B 1 19 ? 7.563   9.418   9.975   1.00 21.93 ? 19  LYS B O   1 
ATOM   752  C CB  . LYS B 1 19 ? 6.963   11.388  7.494   1.00 24.53 ? 19  LYS B CB  1 
ATOM   753  C CG  . LYS B 1 19 ? 8.401   11.686  7.917   1.00 29.27 ? 19  LYS B CG  1 
ATOM   754  C CD  . LYS B 1 19 ? 8.991   12.988  7.400   1.00 32.29 ? 19  LYS B CD  1 
ATOM   755  C CE  . LYS B 1 19 ? 10.234  13.418  8.153   1.00 35.58 ? 19  LYS B CE  1 
ATOM   756  N NZ  . LYS B 1 19 ? 10.623  14.818  7.841   1.00 40.20 ? 19  LYS B NZ  1 
ATOM   757  N N   . ALA B 1 20 ? 5.545   10.427  10.108  1.00 20.84 ? 20  ALA B N   1 
ATOM   758  C CA  . ALA B 1 20 ? 5.504   10.531  11.578  1.00 23.44 ? 20  ALA B CA  1 
ATOM   759  C C   . ALA B 1 20 ? 5.390   9.105   12.161  1.00 22.22 ? 20  ALA B C   1 
ATOM   760  O O   . ALA B 1 20 ? 6.016   8.843   13.198  1.00 23.29 ? 20  ALA B O   1 
ATOM   761  C CB  . ALA B 1 20 ? 4.368   11.447  11.984  1.00 24.94 ? 20  ALA B CB  1 
ATOM   762  N N   . GLN B 1 21 ? 4.673   8.203   11.489  1.00 20.71 ? 21  GLN B N   1 
ATOM   763  C CA  . GLN B 1 21 ? 4.436   6.799   11.912  1.00 23.71 ? 21  GLN B CA  1 
ATOM   764  C C   . GLN B 1 21 ? 5.746   5.999   11.822  1.00 24.92 ? 21  GLN B C   1 
ATOM   765  O O   . GLN B 1 21 ? 6.038   5.242   12.776  1.00 26.22 ? 21  GLN B O   1 
ATOM   766  C CB  . GLN B 1 21 ? 3.333   6.150   11.074  1.00 23.27 ? 21  GLN B CB  1 
ATOM   767  N N   . ILE B 1 22 ? 6.534   6.182   10.762  1.00 21.80 ? 22  ILE B N   1 
ATOM   768  C CA  . ILE B 1 22 ? 7.741   5.350   10.519  1.00 23.49 ? 22  ILE B CA  1 
ATOM   769  C C   . ILE B 1 22 ? 8.985   5.936   11.202  1.00 24.19 ? 22  ILE B C   1 
ATOM   770  O O   . ILE B 1 22 ? 9.935   5.155   11.395  1.00 21.52 ? 22  ILE B O   1 
ATOM   771  C CB  . ILE B 1 22 ? 8.018   5.071   9.032   1.00 23.55 ? 22  ILE B CB  1 
ATOM   772  C CG1 . ILE B 1 22 ? 8.485   6.311   8.268   1.00 24.26 ? 22  ILE B CG1 1 
ATOM   773  C CG2 . ILE B 1 22 ? 6.813   4.372   8.398   1.00 23.05 ? 22  ILE B CG2 1 
ATOM   774  C CD1 . ILE B 1 22 ? 9.002   5.998   6.881   1.00 25.77 ? 22  ILE B CD1 1 
ATOM   775  N N   . LEU B 1 23 ? 8.994   7.223   11.575  1.00 21.85 ? 23  LEU B N   1 
ATOM   776  C CA  . LEU B 1 23 ? 10.246  7.843   12.091  1.00 22.48 ? 23  LEU B CA  1 
ATOM   777  C C   . LEU B 1 23 ? 10.802  7.080   13.296  1.00 21.55 ? 23  LEU B C   1 
ATOM   778  O O   . LEU B 1 23 ? 12.012  6.859   13.361  1.00 22.56 ? 23  LEU B O   1 
ATOM   779  C CB  . LEU B 1 23 ? 9.982   9.313   12.429  1.00 26.31 ? 23  LEU B CB  1 
ATOM   780  C CG  . LEU B 1 23 ? 11.237  10.162  12.559  1.00 31.09 ? 23  LEU B CG  1 
ATOM   781  C CD1 . LEU B 1 23 ? 12.086  10.079  11.299  1.00 31.93 ? 23  LEU B CD1 1 
ATOM   782  C CD2 . LEU B 1 23 ? 10.866  11.614  12.858  1.00 34.75 ? 23  LEU B CD2 1 
ATOM   783  N N   . PRO B 1 24 ? 9.994   6.694   14.302  1.00 22.44 ? 24  PRO B N   1 
ATOM   784  C CA  . PRO B 1 24 ? 10.533  5.952   15.456  1.00 22.49 ? 24  PRO B CA  1 
ATOM   785  C C   . PRO B 1 24 ? 11.225  4.623   15.105  1.00 21.63 ? 24  PRO B C   1 
ATOM   786  O O   . PRO B 1 24 ? 12.202  4.238   15.738  1.00 22.01 ? 24  PRO B O   1 
ATOM   787  C CB  . PRO B 1 24 ? 9.300   5.720   16.326  1.00 24.31 ? 24  PRO B CB  1 
ATOM   788  C CG  . PRO B 1 24 ? 8.309   6.834   15.926  1.00 25.39 ? 24  PRO B CG  1 
ATOM   789  C CD  . PRO B 1 24 ? 8.562   6.994   14.447  1.00 22.62 ? 24  PRO B CD  1 
ATOM   790  N N   . ILE B 1 25 ? 10.677  3.907   14.131  1.00 19.37 ? 25  ILE B N   1 
ATOM   791  C CA  . ILE B 1 25 ? 11.223  2.617   13.651  1.00 20.98 ? 25  ILE B CA  1 
ATOM   792  C C   . ILE B 1 25 ? 12.539  2.902   12.928  1.00 20.04 ? 25  ILE B C   1 
ATOM   793  O O   . ILE B 1 25 ? 13.513  2.212   13.187  1.00 20.34 ? 25  ILE B O   1 
ATOM   794  C CB  . ILE B 1 25 ? 10.200  1.910   12.743  1.00 21.63 ? 25  ILE B CB  1 
ATOM   795  C CG1 . ILE B 1 25 ? 8.867   1.685   13.446  1.00 25.49 ? 25  ILE B CG1 1 
ATOM   796  C CG2 . ILE B 1 25 ? 10.804  0.621   12.225  1.00 22.78 ? 25  ILE B CG2 1 
ATOM   797  C CD1 . ILE B 1 25 ? 7.773   1.086   12.585  1.00 27.47 ? 25  ILE B CD1 1 
ATOM   798  N N   . VAL B 1 26 ? 12.579  3.904   12.038  1.00 20.68 ? 26  VAL B N   1 
ATOM   799  C CA  . VAL B 1 26 ? 13.817  4.187   11.256  1.00 21.64 ? 26  VAL B CA  1 
ATOM   800  C C   . VAL B 1 26 ? 14.904  4.618   12.257  1.00 20.76 ? 26  VAL B C   1 
ATOM   801  O O   . VAL B 1 26 ? 16.036  4.087   12.167  1.00 25.09 ? 26  VAL B O   1 
ATOM   802  C CB  . VAL B 1 26 ? 13.566  5.208   10.120  1.00 23.54 ? 26  VAL B CB  1 
ATOM   803  C CG1 . VAL B 1 26 ? 14.820  5.501   9.312   1.00 26.86 ? 26  VAL B CG1 1 
ATOM   804  C CG2 . VAL B 1 26 ? 12.463  4.742   9.176   1.00 25.14 ? 26  VAL B CG2 1 
ATOM   805  N N   . GLU B 1 27 ? 14.558  5.497   13.203  1.00 21.50 ? 27  GLU B N   1 
ATOM   806  C CA  . GLU B 1 27 ? 15.491  5.987   14.268  1.00 25.04 ? 27  GLU B CA  1 
ATOM   807  C C   . GLU B 1 27 ? 15.978  4.814   15.143  1.00 23.24 ? 27  GLU B C   1 
ATOM   808  O O   . GLU B 1 27 ? 17.173  4.800   15.450  1.00 25.45 ? 27  GLU B O   1 
ATOM   809  C CB  . GLU B 1 27 ? 14.819  7.045   15.139  1.00 26.85 ? 27  GLU B CB  1 
ATOM   810  C CG  . GLU B 1 27 ? 14.743  8.405   14.484  1.00 31.69 ? 27  GLU B CG  1 
ATOM   811  C CD  . GLU B 1 27 ? 14.003  9.460   15.297  1.00 35.20 ? 27  GLU B CD  1 
ATOM   812  O OE1 . GLU B 1 27 ? 13.526  9.160   16.430  1.00 45.44 ? 27  GLU B OE1 1 
ATOM   813  O OE2 . GLU B 1 27 ? 13.870  10.561  14.786  1.00 39.54 ? 27  GLU B OE2 1 
ATOM   814  N N   . ALA B 1 28 ? 15.122  3.855   15.524  1.00 23.40 ? 28  ALA B N   1 
ATOM   815  C CA  . ALA B 1 28 ? 15.484  2.643   16.319  1.00 23.83 ? 28  ALA B CA  1 
ATOM   816  C C   . ALA B 1 28 ? 16.532  1.789   15.587  1.00 25.51 ? 28  ALA B C   1 
ATOM   817  O O   . ALA B 1 28 ? 17.309  1.027   16.240  1.00 25.42 ? 28  ALA B O   1 
ATOM   818  C CB  . ALA B 1 28 ? 14.244  1.828   16.638  1.00 22.17 ? 28  ALA B CB  1 
ATOM   819  N N   . ALA B 1 29 ? 16.544  1.830   14.259  1.00 21.69 ? 29  ALA B N   1 
ATOM   820  C CA  . ALA B 1 29 ? 17.495  1.077   13.405  1.00 23.57 ? 29  ALA B CA  1 
ATOM   821  C C   . ALA B 1 29 ? 18.824  1.806   13.273  1.00 26.46 ? 29  ALA B C   1 
ATOM   822  O O   . ALA B 1 29 ? 19.696  1.251   12.637  1.00 29.73 ? 29  ALA B O   1 
ATOM   823  C CB  . ALA B 1 29 ? 16.872  0.861   12.056  1.00 22.93 ? 29  ALA B CB  1 
ATOM   824  N N   . GLY B 1 30 ? 18.932  3.040   13.752  1.00 26.74 ? 30  GLY B N   1 
ATOM   825  C CA  . GLY B 1 30 ? 20.136  3.865   13.626  1.00 29.58 ? 30  GLY B CA  1 
ATOM   826  C C   . GLY B 1 30 ? 20.280  4.428   12.225  1.00 33.05 ? 30  GLY B C   1 
ATOM   827  O O   . GLY B 1 30 ? 21.414  4.708   11.840  1.00 35.82 ? 30  GLY B O   1 
ATOM   828  N N   . ILE B 1 31 ? 19.171  4.555   11.478  1.00 27.60 ? 31  ILE B N   1 
ATOM   829  C CA  . ILE B 1 31 ? 19.142  5.045   10.073  1.00 29.28 ? 31  ILE B CA  1 
ATOM   830  C C   . ILE B 1 31 ? 18.687  6.506   10.073  1.00 26.59 ? 31  ILE B C   1 
ATOM   831  O O   . ILE B 1 31 ? 17.799  6.868   10.867  1.00 29.40 ? 31  ILE B O   1 
ATOM   832  C CB  . ILE B 1 31 ? 18.203  4.153   9.225   1.00 30.31 ? 31  ILE B CB  1 
ATOM   833  C CG1 . ILE B 1 31 ? 18.668  2.698   9.224   1.00 31.99 ? 31  ILE B CG1 1 
ATOM   834  C CG2 . ILE B 1 31 ? 18.050  4.693   7.803   1.00 34.82 ? 31  ILE B CG2 1 
ATOM   835  C CD1 . ILE B 1 31 ? 17.577  1.723   8.826   1.00 33.16 ? 31  ILE B CD1 1 
ATOM   836  N N   . LYS B 1 32 ? 19.243  7.293   9.149   1.00 31.29 ? 32  LYS B N   1 
ATOM   837  C CA  . LYS B 1 32 ? 18.721  8.622   8.742   1.00 31.18 ? 32  LYS B CA  1 
ATOM   838  C C   . LYS B 1 32 ? 17.722  8.431   7.583   1.00 30.24 ? 32  LYS B C   1 
ATOM   839  O O   . LYS B 1 32 ? 18.151  8.017   6.469   1.00 35.11 ? 32  LYS B O   1 
ATOM   840  C CB  . LYS B 1 32 ? 19.858  9.559   8.299   1.00 32.18 ? 32  LYS B CB  1 
ATOM   841  N N   . LEU B 1 33 ? 16.454  8.751   7.840   1.00 28.54 ? 33  LEU B N   1 
ATOM   842  C CA  . LEU B 1 33 ? 15.376  8.767   6.807   1.00 26.60 ? 33  LEU B CA  1 
ATOM   843  C C   . LEU B 1 33 ? 15.698  9.871   5.793   1.00 28.82 ? 33  LEU B C   1 
ATOM   844  O O   . LEU B 1 33 ? 16.005  10.986  6.242   1.00 34.55 ? 33  LEU B O   1 
ATOM   845  C CB  . LEU B 1 33 ? 14.052  9.039   7.513   1.00 26.05 ? 33  LEU B CB  1 
ATOM   846  C CG  . LEU B 1 33 ? 12.811  9.065   6.627   1.00 26.35 ? 33  LEU B CG  1 
ATOM   847  C CD1 . LEU B 1 33 ? 12.649  7.748   5.877   1.00 25.39 ? 33  LEU B CD1 1 
ATOM   848  C CD2 . LEU B 1 33 ? 11.595  9.395   7.443   1.00 27.37 ? 33  LEU B CD2 1 
ATOM   849  N N   . THR B 1 34 ? 15.748  9.549   4.507   1.00 27.99 ? 34  THR B N   1 
ATOM   850  C CA  . THR B 1 34 ? 15.825  10.563  3.410   1.00 29.08 ? 34  THR B CA  1 
ATOM   851  C C   . THR B 1 34 ? 14.434  10.785  2.809   1.00 31.70 ? 34  THR B C   1 
ATOM   852  O O   . THR B 1 34 ? 13.519  9.976   3.051   1.00 28.61 ? 34  THR B O   1 
ATOM   853  C CB  . THR B 1 34 ? 16.861  10.255  2.337   1.00 30.40 ? 34  THR B CB  1 
ATOM   854  O OG1 . THR B 1 34 ? 16.655  8.950   1.800   1.00 35.45 ? 34  THR B OG1 1 
ATOM   855  C CG2 . THR B 1 34 ? 18.280  10.379  2.867   1.00 33.75 ? 34  THR B CG2 1 
ATOM   856  N N   . GLU B 1 35 ? 14.252  11.926  2.157   1.00 29.79 ? 35  GLU B N   1 
ATOM   857  C CA  . GLU B 1 35 ? 12.910  12.358  1.678   1.00 34.15 ? 35  GLU B CA  1 
ATOM   858  C C   . GLU B 1 35 ? 13.128  12.992  0.307   1.00 34.99 ? 35  GLU B C   1 
ATOM   859  O O   . GLU B 1 35 ? 14.099  13.740  0.167   1.00 29.96 ? 35  GLU B O   1 
ATOM   860  C CB  . GLU B 1 35 ? 12.273  13.287  2.716   1.00 37.97 ? 35  GLU B CB  1 
ATOM   861  C CG  . GLU B 1 35 ? 10.792  13.547  2.488   1.00 48.27 ? 35  GLU B CG  1 
ATOM   862  C CD  . GLU B 1 35 ? 10.100  14.477  3.481   1.00 48.93 ? 35  GLU B CD  1 
ATOM   863  O OE1 . GLU B 1 35 ? 10.449  14.454  4.684   1.00 58.61 ? 35  GLU B OE1 1 
ATOM   864  O OE2 . GLU B 1 35 ? 9.204   15.224  3.051   1.00 51.49 ? 35  GLU B OE2 1 
ATOM   865  N N   . ARG B 1 36 ? 12.369  12.580  -0.703  1.00 29.51 ? 36  ARG B N   1 
ATOM   866  C CA  . ARG B 1 36 ? 12.418  13.219  -2.036  1.00 27.99 ? 36  ARG B CA  1 
ATOM   867  C C   . ARG B 1 36 ? 10.967  13.519  -2.408  1.00 29.57 ? 36  ARG B C   1 
ATOM   868  O O   . ARG B 1 36 ? 10.086  12.794  -1.929  1.00 24.88 ? 36  ARG B O   1 
ATOM   869  C CB  . ARG B 1 36 ? 13.175  12.342  -3.036  1.00 30.92 ? 36  ARG B CB  1 
ATOM   870  C CG  . ARG B 1 36 ? 14.688  12.387  -2.854  1.00 37.33 ? 36  ARG B CG  1 
ATOM   871  C CD  . ARG B 1 36 ? 15.476  11.734  -3.975  1.00 41.74 ? 36  ARG B CD  1 
ATOM   872  N NE  . ARG B 1 36 ? 15.245  10.293  -4.041  1.00 42.88 ? 36  ARG B NE  1 
ATOM   873  C CZ  . ARG B 1 36 ? 15.485  9.521   -5.102  1.00 45.34 ? 36  ARG B CZ  1 
ATOM   874  N NH1 . ARG B 1 36 ? 15.976  10.039  -6.219  1.00 41.36 ? 36  ARG B NH1 1 
ATOM   875  N NH2 . ARG B 1 36 ? 15.244  8.225   -5.037  1.00 42.06 ? 36  ARG B NH2 1 
ATOM   876  N N   . ASN B 1 37 ? 10.744  14.550  -3.219  1.00 28.53 ? 37  ASN B N   1 
ATOM   877  C CA  . ASN B 1 37 ? 9.403   15.134  -3.478  1.00 28.45 ? 37  ASN B CA  1 
ATOM   878  C C   . ASN B 1 37 ? 9.196   15.136  -4.996  1.00 27.37 ? 37  ASN B C   1 
ATOM   879  O O   . ASN B 1 37 ? 10.065  15.678  -5.700  1.00 29.94 ? 37  ASN B O   1 
ATOM   880  C CB  . ASN B 1 37 ? 9.254   16.480  -2.762  1.00 28.93 ? 37  ASN B CB  1 
ATOM   881  C CG  . ASN B 1 37 ? 7.894   17.132  -2.913  1.00 28.67 ? 37  ASN B CG  1 
ATOM   882  O OD1 . ASN B 1 37 ? 7.325   17.159  -3.998  1.00 34.14 ? 37  ASN B OD1 1 
ATOM   883  N ND2 . ASN B 1 37 ? 7.337   17.650  -1.832  1.00 36.04 ? 37  ASN B ND2 1 
ATOM   884  N N   . VAL B 1 38 ? 8.140   14.480  -5.471  1.00 27.80 ? 38  VAL B N   1 
ATOM   885  C CA  . VAL B 1 38 ? 7.872   14.270  -6.922  1.00 28.78 ? 38  VAL B CA  1 
ATOM   886  C C   . VAL B 1 38 ? 7.599   15.628  -7.583  1.00 32.18 ? 38  VAL B C   1 
ATOM   887  O O   . VAL B 1 38 ? 7.771   15.728  -8.829  1.00 32.54 ? 38  VAL B O   1 
ATOM   888  C CB  . VAL B 1 38 ? 6.728   13.269  -7.178  1.00 28.89 ? 38  VAL B CB  1 
ATOM   889  C CG1 . VAL B 1 38 ? 7.053   11.884  -6.617  1.00 29.73 ? 38  VAL B CG1 1 
ATOM   890  C CG2 . VAL B 1 38 ? 5.380   13.766  -6.672  1.00 27.76 ? 38  VAL B CG2 1 
ATOM   891  N N   . ASP B 1 39 ? 7.187   16.620  -6.791  1.00 29.75 ? 39  ASP B N   1 
ATOM   892  C CA  . ASP B 1 39 ? 6.926   18.009  -7.271  1.00 34.42 ? 39  ASP B CA  1 
ATOM   893  C C   . ASP B 1 39 ? 8.229   18.797  -7.485  1.00 37.09 ? 39  ASP B C   1 
ATOM   894  O O   . ASP B 1 39 ? 8.139   19.882  -8.077  1.00 40.07 ? 39  ASP B O   1 
ATOM   895  C CB  . ASP B 1 39 ? 5.944   18.729  -6.342  1.00 35.60 ? 39  ASP B CB  1 
ATOM   896  C CG  . ASP B 1 39 ? 4.554   18.123  -6.375  1.00 33.15 ? 39  ASP B CG  1 
ATOM   897  O OD1 . ASP B 1 39 ? 4.131   17.683  -7.457  1.00 38.65 ? 39  ASP B OD1 1 
ATOM   898  O OD2 . ASP B 1 39 ? 3.904   18.092  -5.326  1.00 35.08 ? 39  ASP B OD2 1 
ATOM   899  N N   . GLN B 1 40 ? 9.381   18.275  -7.055  1.00 32.90 ? 40  GLN B N   1 
ATOM   900  C CA  . GLN B 1 40 ? 10.734  18.847  -7.292  1.00 35.80 ? 40  GLN B CA  1 
ATOM   901  C C   . GLN B 1 40 ? 11.492  18.008  -8.320  1.00 37.59 ? 40  GLN B C   1 
ATOM   902  O O   . GLN B 1 40 ? 12.289  18.590  -9.074  1.00 39.44 ? 40  GLN B O   1 
ATOM   903  C CB  . GLN B 1 40 ? 11.569  18.851  -6.011  1.00 38.28 ? 40  GLN B CB  1 
ATOM   904  C CG  . GLN B 1 40 ? 11.007  19.723  -4.900  1.00 42.83 ? 40  GLN B CG  1 
ATOM   905  C CD  . GLN B 1 40 ? 11.733  19.470  -3.593  1.00 46.79 ? 40  GLN B CD  1 
ATOM   906  O OE1 . GLN B 1 40 ? 12.885  19.035  -3.574  1.00 55.64 ? 40  GLN B OE1 1 
ATOM   907  N NE2 . GLN B 1 40 ? 11.066  19.733  -2.479  1.00 48.90 ? 40  GLN B NE2 1 
ATOM   908  N N   . ASP B 1 41 ? 11.253  16.698  -8.367  1.00 30.43 ? 41  ASP B N   1 
ATOM   909  C CA  . ASP B 1 41 ? 12.020  15.770  -9.229  1.00 31.64 ? 41  ASP B CA  1 
ATOM   910  C C   . ASP B 1 41 ? 11.046  15.056  -10.159 1.00 29.51 ? 41  ASP B C   1 
ATOM   911  O O   . ASP B 1 41 ? 10.477  14.039  -9.734  1.00 26.35 ? 41  ASP B O   1 
ATOM   912  C CB  . ASP B 1 41 ? 12.838  14.813  -8.356  1.00 35.86 ? 41  ASP B CB  1 
ATOM   913  C CG  . ASP B 1 41 ? 13.992  15.500  -7.635  1.00 45.66 ? 41  ASP B CG  1 
ATOM   914  O OD1 . ASP B 1 41 ? 14.372  16.649  -8.060  1.00 37.08 ? 41  ASP B OD1 1 
ATOM   915  O OD2 . ASP B 1 41 ? 14.515  14.897  -6.656  1.00 46.72 ? 41  ASP B OD2 1 
ATOM   916  N N   . ALA B 1 42 ? 10.845  15.556  -11.385 1.00 25.98 ? 42  ALA B N   1 
ATOM   917  C CA  . ALA B 1 42 ? 9.795   15.038  -12.274 1.00 26.26 ? 42  ALA B CA  1 
ATOM   918  C C   . ALA B 1 42 ? 10.097  13.572  -12.565 1.00 20.76 ? 42  ALA B C   1 
ATOM   919  O O   . ALA B 1 42 ? 9.197   12.816  -12.867 1.00 21.75 ? 42  ALA B O   1 
ATOM   920  C CB  . ALA B 1 42 ? 9.663   15.879  -13.538 1.00 25.73 ? 42  ALA B CB  1 
ATOM   921  N N   . SER B 1 43 ? 11.362  13.158  -12.522 1.00 24.21 ? 43  SER B N   1 
ATOM   922  C CA  . SER B 1 43 ? 11.729  11.759  -12.809 1.00 25.21 ? 43  SER B CA  1 
ATOM   923  C C   . SER B 1 43 ? 10.982  10.842  -11.837 1.00 25.78 ? 43  SER B C   1 
ATOM   924  O O   . SER B 1 43 ? 10.534  9.734   -12.227 1.00 26.67 ? 43  SER B O   1 
ATOM   925  C CB  . SER B 1 43 ? 13.215  11.574  -12.686 1.00 29.77 ? 43  SER B CB  1 
ATOM   926  O OG  . SER B 1 43 ? 13.567  10.357  -13.289 1.00 41.86 ? 43  SER B OG  1 
ATOM   927  N N   . LEU B 1 44 ? 10.896  11.289  -10.595 1.00 26.55 ? 44  LEU B N   1 
ATOM   928  C CA  . LEU B 1 44 ? 10.162  10.564  -9.533  1.00 27.62 ? 44  LEU B CA  1 
ATOM   929  C C   . LEU B 1 44 ? 8.649   10.685  -9.744  1.00 26.47 ? 44  LEU B C   1 
ATOM   930  O O   . LEU B 1 44 ? 7.988   9.699   -9.449  1.00 24.19 ? 44  LEU B O   1 
ATOM   931  C CB  . LEU B 1 44 ? 10.589  11.103  -8.171  1.00 27.39 ? 44  LEU B CB  1 
ATOM   932  C CG  . LEU B 1 44 ? 12.033  10.799  -7.770  1.00 27.60 ? 44  LEU B CG  1 
ATOM   933  C CD1 . LEU B 1 44 ? 12.318  11.403  -6.406  1.00 28.40 ? 44  LEU B CD1 1 
ATOM   934  C CD2 . LEU B 1 44 ? 12.359  9.317   -7.742  1.00 29.74 ? 44  LEU B CD2 1 
ATOM   935  N N   . LYS B 1 45 ? 8.131   11.800  -10.295 1.00 27.44 ? 45  LYS B N   1 
ATOM   936  C CA  . LYS B 1 45 ? 6.663   11.926  -10.529 1.00 26.84 ? 45  LYS B CA  1 
ATOM   937  C C   . LYS B 1 45 ? 6.263   10.872  -11.546 1.00 26.79 ? 45  LYS B C   1 
ATOM   938  O O   . LYS B 1 45 ? 5.233   10.162  -11.403 1.00 26.46 ? 45  LYS B O   1 
ATOM   939  C CB  . LYS B 1 45 ? 6.289   13.351  -10.931 1.00 28.18 ? 45  LYS B CB  1 
ATOM   940  C CG  . LYS B 1 45 ? 4.793   13.619  -11.056 1.00 29.89 ? 45  LYS B CG  1 
ATOM   941  C CD  . LYS B 1 45 ? 4.448   15.067  -11.349 1.00 33.18 ? 45  LYS B CD  1 
ATOM   942  C CE  . LYS B 1 45 ? 4.346   15.960  -10.128 1.00 39.13 ? 45  LYS B CE  1 
ATOM   943  N NZ  . LYS B 1 45 ? 4.294   17.401  -10.486 1.00 43.87 ? 45  LYS B NZ  1 
ATOM   944  N N   . LEU B 1 46 ? 7.076   10.750  -12.581 1.00 28.28 ? 46  LEU B N   1 
ATOM   945  C CA  . LEU B 1 46 ? 6.872   9.746   -13.632 1.00 28.68 ? 46  LEU B CA  1 
ATOM   946  C C   . LEU B 1 46 ? 6.882   8.334   -13.062 1.00 26.95 ? 46  LEU B C   1 
ATOM   947  O O   . LEU B 1 46 ? 6.007   7.564   -13.441 1.00 29.21 ? 46  LEU B O   1 
ATOM   948  C CB  . LEU B 1 46 ? 7.998   9.928   -14.649 1.00 29.61 ? 46  LEU B CB  1 
ATOM   949  C CG  . LEU B 1 46 ? 7.741   9.247   -15.974 1.00 31.25 ? 46  LEU B CG  1 
ATOM   950  C CD1 . LEU B 1 46 ? 6.513   9.849   -16.647 1.00 31.13 ? 46  LEU B CD1 1 
ATOM   951  C CD2 . LEU B 1 46 ? 8.977   9.380   -16.853 1.00 32.57 ? 46  LEU B CD2 1 
ATOM   952  N N   . GLU B 1 47 ? 7.851   8.001   -12.208 1.00 27.31 ? 47  GLU B N   1 
ATOM   953  C CA  . GLU B 1 47 ? 8.064   6.621   -11.696 1.00 26.73 ? 47  GLU B CA  1 
ATOM   954  C C   . GLU B 1 47 ? 7.013   6.255   -10.633 1.00 29.24 ? 47  GLU B C   1 
ATOM   955  O O   . GLU B 1 47 ? 6.557   5.084   -10.624 1.00 35.36 ? 47  GLU B O   1 
ATOM   956  C CB  . GLU B 1 47 ? 9.465   6.491   -11.096 1.00 31.61 ? 47  GLU B CB  1 
ATOM   957  C CG  . GLU B 1 47 ? 9.824   5.087   -10.629 1.00 34.14 ? 47  GLU B CG  1 
ATOM   958  C CD  . GLU B 1 47 ? 11.267  4.868   -10.169 1.00 40.50 ? 47  GLU B CD  1 
ATOM   959  O OE1 . GLU B 1 47 ? 12.014  5.854   -10.013 1.00 41.64 ? 47  GLU B OE1 1 
ATOM   960  O OE2 . GLU B 1 47 ? 11.647  3.688   -9.952  1.00 46.53 ? 47  GLU B OE2 1 
ATOM   961  N N   . PHE B 1 48 ? 6.706   7.171   -9.719  1.00 26.97 ? 48  PHE B N   1 
ATOM   962  C CA  . PHE B 1 48 ? 5.984   6.847   -8.451  1.00 27.18 ? 48  PHE B CA  1 
ATOM   963  C C   . PHE B 1 48 ? 4.701   7.669   -8.239  1.00 30.17 ? 48  PHE B C   1 
ATOM   964  O O   . PHE B 1 48 ? 4.022   7.374   -7.209  1.00 27.64 ? 48  PHE B O   1 
ATOM   965  C CB  . PHE B 1 48 ? 6.878   7.068   -7.224  1.00 24.55 ? 48  PHE B CB  1 
ATOM   966  C CG  . PHE B 1 48 ? 8.112   6.202   -7.114  1.00 27.26 ? 48  PHE B CG  1 
ATOM   967  C CD1 . PHE B 1 48 ? 8.018   4.832   -6.954  1.00 26.30 ? 48  PHE B CD1 1 
ATOM   968  C CD2 . PHE B 1 48 ? 9.384   6.766   -7.158  1.00 32.68 ? 48  PHE B CD2 1 
ATOM   969  C CE1 . PHE B 1 48 ? 9.161   4.049   -6.867  1.00 29.10 ? 48  PHE B CE1 1 
ATOM   970  C CE2 . PHE B 1 48 ? 10.525  5.976   -7.085  1.00 30.66 ? 48  PHE B CE2 1 
ATOM   971  C CZ  . PHE B 1 48 ? 10.409  4.617   -6.943  1.00 29.66 ? 48  PHE B CZ  1 
ATOM   972  N N   . GLY B 1 49 ? 4.398   8.671   -9.082  1.00 26.57 ? 49  GLY B N   1 
ATOM   973  C CA  . GLY B 1 49 ? 3.361   9.687   -8.824  1.00 29.47 ? 49  GLY B CA  1 
ATOM   974  C C   . GLY B 1 49 ? 1.998   9.081   -8.558  1.00 28.08 ? 49  GLY B C   1 
ATOM   975  O O   . GLY B 1 49 ? 1.248   9.697   -7.792  1.00 33.92 ? 49  GLY B O   1 
ATOM   976  N N   . ASP B 1 50 ? 1.689   7.916   -9.133  1.00 28.98 ? 50  ASP B N   1 
ATOM   977  C CA  . ASP B 1 50 ? 0.347   7.277   -9.036  1.00 29.53 ? 50  ASP B CA  1 
ATOM   978  C C   . ASP B 1 50 ? 0.143   6.581   -7.677  1.00 27.30 ? 50  ASP B C   1 
ATOM   979  O O   . ASP B 1 50 ? -0.975  6.006   -7.484  1.00 26.78 ? 50  ASP B O   1 
ATOM   980  C CB  . ASP B 1 50 ? 0.125   6.250   -10.156 1.00 31.71 ? 50  ASP B CB  1 
ATOM   981  C CG  . ASP B 1 50 ? 0.804   4.904   -9.956  1.00 36.17 ? 50  ASP B CG  1 
ATOM   982  O OD1 . ASP B 1 50 ? 1.857   4.857   -9.305  1.00 35.92 ? 50  ASP B OD1 1 
ATOM   983  O OD2 . ASP B 1 50 ? 0.262   3.901   -10.446 1.00 39.00 ? 50  ASP B OD2 1 
ATOM   984  N N   . ARG B 1 51 ? 1.143   6.564   -6.784  1.00 24.19 ? 51  ARG B N   1 
ATOM   985  C CA  . ARG B 1 51 ? 1.018   5.793   -5.497  1.00 24.52 ? 51  ARG B CA  1 
ATOM   986  C C   . ARG B 1 51 ? 1.805   6.435   -4.334  1.00 23.18 ? 51  ARG B C   1 
ATOM   987  O O   . ARG B 1 51 ? 2.183   5.722   -3.408  1.00 21.67 ? 51  ARG B O   1 
ATOM   988  C CB  . ARG B 1 51 ? 1.397   4.336   -5.747  1.00 27.23 ? 51  ARG B CB  1 
ATOM   989  C CG  . ARG B 1 51 ? 2.821   4.092   -6.241  1.00 26.02 ? 51  ARG B CG  1 
ATOM   990  C CD  . ARG B 1 51 ? 2.930   2.714   -6.874  1.00 27.88 ? 51  ARG B CD  1 
ATOM   991  N NE  . ARG B 1 51 ? 4.298   2.383   -7.246  1.00 25.65 ? 51  ARG B NE  1 
ATOM   992  C CZ  . ARG B 1 51 ? 4.892   2.734   -8.379  1.00 30.94 ? 51  ARG B CZ  1 
ATOM   993  N NH1 . ARG B 1 51 ? 4.239   3.448   -9.296  1.00 29.24 ? 51  ARG B NH1 1 
ATOM   994  N NH2 . ARG B 1 51 ? 6.138   2.323   -8.602  1.00 31.85 ? 51  ARG B NH2 1 
ATOM   995  N N   . VAL B 1 52 ? 1.997   7.751   -4.348  1.00 22.59 ? 52  VAL B N   1 
ATOM   996  C CA  . VAL B 1 52 ? 2.728   8.464   -3.255  1.00 22.96 ? 52  VAL B CA  1 
ATOM   997  C C   . VAL B 1 52 ? 1.787   8.499   -2.052  1.00 22.00 ? 52  VAL B C   1 
ATOM   998  O O   . VAL B 1 52 ? 0.575   8.584   -2.230  1.00 22.96 ? 52  VAL B O   1 
ATOM   999  C CB  . VAL B 1 52 ? 3.120   9.869   -3.751  1.00 27.05 ? 52  VAL B CB  1 
ATOM   1000 C CG1 . VAL B 1 52 ? 3.266   10.872  -2.646  1.00 28.94 ? 52  VAL B CG1 1 
ATOM   1001 C CG2 . VAL B 1 52 ? 4.373   9.841   -4.624  1.00 28.86 ? 52  VAL B CG2 1 
ATOM   1002 N N   . PRO B 1 53 ? 2.282   8.412   -0.795  1.00 21.81 ? 53  PRO B N   1 
ATOM   1003 C CA  . PRO B 1 53 ? 3.703   8.204   -0.510  1.00 20.20 ? 53  PRO B CA  1 
ATOM   1004 C C   . PRO B 1 53 ? 4.209   6.756   -0.730  1.00 19.94 ? 53  PRO B C   1 
ATOM   1005 O O   . PRO B 1 53 ? 3.441   5.821   -0.562  1.00 20.83 ? 53  PRO B O   1 
ATOM   1006 C CB  . PRO B 1 53 ? 3.777   8.516   0.972   1.00 21.22 ? 53  PRO B CB  1 
ATOM   1007 C CG  . PRO B 1 53 ? 2.428   8.024   1.492   1.00 23.01 ? 53  PRO B CG  1 
ATOM   1008 C CD  . PRO B 1 53 ? 1.466   8.492   0.425   1.00 22.91 ? 53  PRO B CD  1 
ATOM   1009 N N   . VAL B 1 54 ? 5.478   6.635   -1.135  1.00 19.00 ? 54  VAL B N   1 
ATOM   1010 C CA  . VAL B 1 54 ? 6.197   5.362   -1.359  1.00 18.87 ? 54  VAL B CA  1 
ATOM   1011 C C   . VAL B 1 54 ? 7.334   5.277   -0.356  1.00 18.94 ? 54  VAL B C   1 
ATOM   1012 O O   . VAL B 1 54 ? 7.977   6.314   -0.068  1.00 20.11 ? 54  VAL B O   1 
ATOM   1013 C CB  . VAL B 1 54 ? 6.681   5.234   -2.808  1.00 20.40 ? 54  VAL B CB  1 
ATOM   1014 C CG1 . VAL B 1 54 ? 7.568   4.033   -2.976  1.00 22.29 ? 54  VAL B CG1 1 
ATOM   1015 C CG2 . VAL B 1 54 ? 5.468   5.160   -3.760  1.00 23.20 ? 54  VAL B CG2 1 
ATOM   1016 N N   . ILE B 1 55 ? 7.554   4.102   0.209   1.00 18.97 ? 55  ILE B N   1 
ATOM   1017 C CA  . ILE B 1 55 ? 8.730   3.884   1.093   1.00 21.26 ? 55  ILE B CA  1 
ATOM   1018 C C   . ILE B 1 55 ? 9.745   3.044   0.309   1.00 20.54 ? 55  ILE B C   1 
ATOM   1019 O O   . ILE B 1 55 ? 9.361   1.976   -0.159  1.00 21.32 ? 55  ILE B O   1 
ATOM   1020 C CB  . ILE B 1 55 ? 8.353   3.230   2.429   1.00 22.29 ? 55  ILE B CB  1 
ATOM   1021 C CG1 . ILE B 1 55 ? 7.448   4.154   3.253   1.00 24.89 ? 55  ILE B CG1 1 
ATOM   1022 C CG2 . ILE B 1 55 ? 9.627   2.846   3.163   1.00 23.64 ? 55  ILE B CG2 1 
ATOM   1023 C CD1 . ILE B 1 55 ? 6.753   3.505   4.372   1.00 24.56 ? 55  ILE B CD1 1 
ATOM   1024 N N   . LEU B 1 56 ? 10.995  3.500   0.227   1.00 22.58 ? 56  LEU B N   1 
ATOM   1025 C CA  . LEU B 1 56 ? 12.109  2.743   -0.390  1.00 23.97 ? 56  LEU B CA  1 
ATOM   1026 C C   . LEU B 1 56 ? 13.002  2.210   0.730   1.00 22.35 ? 56  LEU B C   1 
ATOM   1027 O O   . LEU B 1 56 ? 13.378  2.991   1.546   1.00 25.59 ? 56  LEU B O   1 
ATOM   1028 C CB  . LEU B 1 56 ? 12.921  3.657   -1.310  1.00 26.61 ? 56  LEU B CB  1 
ATOM   1029 C CG  . LEU B 1 56 ? 12.170  4.359   -2.442  1.00 27.17 ? 56  LEU B CG  1 
ATOM   1030 C CD1 . LEU B 1 56 ? 13.141  5.066   -3.355  1.00 31.20 ? 56  LEU B CD1 1 
ATOM   1031 C CD2 . LEU B 1 56 ? 11.357  3.384   -3.240  1.00 26.98 ? 56  LEU B CD2 1 
ATOM   1032 N N   . VAL B 1 57 ? 13.285  0.914   0.739   1.00 22.59 ? 57  VAL B N   1 
ATOM   1033 C CA  . VAL B 1 57 ? 14.253  0.287   1.668   1.00 23.72 ? 57  VAL B CA  1 
ATOM   1034 C C   . VAL B 1 57 ? 15.374  -0.284  0.803   1.00 26.99 ? 57  VAL B C   1 
ATOM   1035 O O   . VAL B 1 57 ? 15.074  -1.058  -0.148  1.00 25.87 ? 57  VAL B O   1 
ATOM   1036 C CB  . VAL B 1 57 ? 13.604  -0.776  2.554   1.00 25.40 ? 57  VAL B CB  1 
ATOM   1037 C CG1 . VAL B 1 57 ? 14.647  -1.492  3.393   1.00 28.51 ? 57  VAL B CG1 1 
ATOM   1038 C CG2 . VAL B 1 57 ? 12.548  -0.126  3.438   1.00 23.50 ? 57  VAL B CG2 1 
ATOM   1039 N N   . ASP B 1 58 ? 16.603  0.112   1.106   1.00 31.27 ? 58  ASP B N   1 
ATOM   1040 C CA  . ASP B 1 58 ? 17.767  -0.252  0.252   1.00 33.31 ? 58  ASP B CA  1 
ATOM   1041 C C   . ASP B 1 58 ? 17.440  0.104   -1.207  1.00 33.88 ? 58  ASP B C   1 
ATOM   1042 O O   . ASP B 1 58 ? 17.702  -0.729  -2.086  1.00 37.46 ? 58  ASP B O   1 
ATOM   1043 C CB  . ASP B 1 58 ? 18.098  -1.727  0.494   1.00 32.78 ? 58  ASP B CB  1 
ATOM   1044 C CG  . ASP B 1 58 ? 18.494  -2.013  1.932   1.00 35.54 ? 58  ASP B CG  1 
ATOM   1045 O OD1 . ASP B 1 58 ? 19.028  -1.095  2.588   1.00 38.56 ? 58  ASP B OD1 1 
ATOM   1046 O OD2 . ASP B 1 58 ? 18.255  -3.154  2.403   1.00 41.96 ? 58  ASP B OD2 1 
ATOM   1047 N N   . ASP B 1 59 ? 16.859  1.289   -1.441  1.00 35.59 ? 59  ASP B N   1 
ATOM   1048 C CA  . ASP B 1 59 ? 16.509  1.870   -2.773  1.00 40.37 ? 59  ASP B CA  1 
ATOM   1049 C C   . ASP B 1 59 ? 15.557  0.973   -3.587  1.00 40.99 ? 59  ASP B C   1 
ATOM   1050 O O   . ASP B 1 59 ? 15.527  1.122   -4.840  1.00 40.21 ? 59  ASP B O   1 
ATOM   1051 C CB  . ASP B 1 59 ? 17.775  2.156   -3.585  1.00 46.03 ? 59  ASP B CB  1 
ATOM   1052 C CG  . ASP B 1 59 ? 17.530  3.148   -4.711  1.00 47.44 ? 59  ASP B CG  1 
ATOM   1053 O OD1 . ASP B 1 59 ? 16.934  4.209   -4.423  1.00 49.44 ? 59  ASP B OD1 1 
ATOM   1054 O OD2 . ASP B 1 59 ? 17.909  2.834   -5.877  1.00 50.94 ? 59  ASP B OD2 1 
ATOM   1055 N N   . GLU B 1 60 ? 14.828  0.061   -2.935  1.00 36.55 ? 60  GLU B N   1 
ATOM   1056 C CA  . GLU B 1 60 ? 13.743  -0.753  -3.548  1.00 34.12 ? 60  GLU B CA  1 
ATOM   1057 C C   . GLU B 1 60 ? 12.413  -0.427  -2.858  1.00 30.96 ? 60  GLU B C   1 
ATOM   1058 O O   . GLU B 1 60 ? 12.355  -0.546  -1.636  1.00 28.37 ? 60  GLU B O   1 
ATOM   1059 C CB  . GLU B 1 60 ? 13.994  -2.252  -3.377  1.00 39.26 ? 60  GLU B CB  1 
ATOM   1060 C CG  . GLU B 1 60 ? 15.291  -2.738  -3.999  1.00 47.61 ? 60  GLU B CG  1 
ATOM   1061 C CD  . GLU B 1 60 ? 15.258  -2.896  -5.510  1.00 55.28 ? 60  GLU B CD  1 
ATOM   1062 O OE1 . GLU B 1 60 ? 14.539  -2.116  -6.172  1.00 55.14 ? 60  GLU B OE1 1 
ATOM   1063 O OE2 . GLU B 1 60 ? 15.934  -3.820  -6.022  1.00 61.47 ? 60  GLU B OE2 1 
ATOM   1064 N N   . GLU B 1 61 ? 11.379  -0.108  -3.643  1.00 32.68 ? 61  GLU B N   1 
ATOM   1065 C CA  . GLU B 1 61 ? 9.976   0.057   -3.170  1.00 29.38 ? 61  GLU B CA  1 
ATOM   1066 C C   . GLU B 1 61 ? 9.608   -1.113  -2.239  1.00 27.59 ? 61  GLU B C   1 
ATOM   1067 O O   . GLU B 1 61 ? 9.671   -2.297  -2.639  1.00 29.96 ? 61  GLU B O   1 
ATOM   1068 C CB  . GLU B 1 61 ? 9.065   0.216   -4.386  1.00 31.16 ? 61  GLU B CB  1 
ATOM   1069 C CG  . GLU B 1 61 ? 7.628   0.499   -4.034  1.00 28.90 ? 61  GLU B CG  1 
ATOM   1070 C CD  . GLU B 1 61 ? 6.779   0.869   -5.241  1.00 28.04 ? 61  GLU B CD  1 
ATOM   1071 O OE1 . GLU B 1 61 ? 7.342   0.942   -6.380  1.00 32.85 ? 61  GLU B OE1 1 
ATOM   1072 O OE2 . GLU B 1 61 ? 5.558   1.079   -5.053  1.00 32.17 ? 61  GLU B OE2 1 
ATOM   1073 N N   . PHE B 1 62 ? 9.253   -0.796  -1.005  1.00 24.03 ? 62  PHE B N   1 
ATOM   1074 C CA  . PHE B 1 62 ? 9.031   -1.778  0.074   1.00 27.00 ? 62  PHE B CA  1 
ATOM   1075 C C   . PHE B 1 62 ? 7.528   -1.874  0.388   1.00 25.07 ? 62  PHE B C   1 
ATOM   1076 O O   . PHE B 1 62 ? 6.827   -0.868  0.522   1.00 23.45 ? 62  PHE B O   1 
ATOM   1077 C CB  . PHE B 1 62 ? 9.913   -1.440  1.268   1.00 30.16 ? 62  PHE B CB  1 
ATOM   1078 C CG  . PHE B 1 62 ? 9.811   -2.473  2.355   1.00 30.25 ? 62  PHE B CG  1 
ATOM   1079 C CD1 . PHE B 1 62 ? 10.302  -3.752  2.145   1.00 35.98 ? 62  PHE B CD1 1 
ATOM   1080 C CD2 . PHE B 1 62 ? 9.153   -2.205  3.534   1.00 31.47 ? 62  PHE B CD2 1 
ATOM   1081 C CE1 . PHE B 1 62 ? 10.185  -4.723  3.122   1.00 36.16 ? 62  PHE B CE1 1 
ATOM   1082 C CE2 . PHE B 1 62 ? 9.049   -3.175  4.515   1.00 33.95 ? 62  PHE B CE2 1 
ATOM   1083 C CZ  . PHE B 1 62 ? 9.535   -4.437  4.293   1.00 36.68 ? 62  PHE B CZ  1 
ATOM   1084 N N   . ALA B 1 63 ? 7.016   -3.093  0.389   1.00 25.61 ? 63  ALA B N   1 
ATOM   1085 C CA  . ALA B 1 63 ? 5.569   -3.351  0.627   1.00 26.59 ? 63  ALA B CA  1 
ATOM   1086 C C   . ALA B 1 63 ? 5.320   -3.424  2.139   1.00 24.78 ? 63  ALA B C   1 
ATOM   1087 O O   . ALA B 1 63 ? 5.494   -4.484  2.718   1.00 27.40 ? 63  ALA B O   1 
ATOM   1088 C CB  . ALA B 1 63 ? 5.126   -4.602  -0.075  1.00 29.41 ? 63  ALA B CB  1 
ATOM   1089 N N   . CYS B 1 64 ? 5.003   -2.304  2.790   1.00 22.23 ? 64  CYS B N   1 
ATOM   1090 C CA  . CYS B 1 64 ? 4.692   -2.284  4.242   1.00 25.22 ? 64  CYS B CA  1 
ATOM   1091 C C   . CYS B 1 64 ? 3.344   -1.579  4.435   1.00 28.77 ? 64  CYS B C   1 
ATOM   1092 O O   . CYS B 1 64 ? 3.253   -0.601  5.247   1.00 27.35 ? 64  CYS B O   1 
ATOM   1093 C CB  . CYS B 1 64 ? 5.806   -1.626  5.047   1.00 27.22 ? 64  CYS B CB  1 
ATOM   1094 S SG  . CYS B 1 64 ? 6.242   0.017   4.426   1.00 29.80 ? 64  CYS B SG  1 
ATOM   1095 N N   . TRP B 1 65 ? 2.353   -1.999  3.651   1.00 26.10 ? 65  TRP B N   1 
ATOM   1096 C CA  . TRP B 1 65 ? 1.018   -1.346  3.649   1.00 25.37 ? 65  TRP B CA  1 
ATOM   1097 C C   . TRP B 1 65 ? -0.024  -2.394  3.990   1.00 22.89 ? 65  TRP B C   1 
ATOM   1098 O O   . TRP B 1 65 ? 0.036   -3.505  3.441   1.00 24.17 ? 65  TRP B O   1 
ATOM   1099 C CB  . TRP B 1 65 ? 0.706   -0.655  2.314   1.00 22.75 ? 65  TRP B CB  1 
ATOM   1100 C CG  . TRP B 1 65 ? 1.773   0.326   1.972   1.00 23.27 ? 65  TRP B CG  1 
ATOM   1101 C CD1 . TRP B 1 65 ? 2.909   0.098   1.242   1.00 26.36 ? 65  TRP B CD1 1 
ATOM   1102 C CD2 . TRP B 1 65 ? 1.872   1.664   2.465   1.00 22.31 ? 65  TRP B CD2 1 
ATOM   1103 N NE1 . TRP B 1 65 ? 3.683   1.221   1.224   1.00 27.62 ? 65  TRP B NE1 1 
ATOM   1104 C CE2 . TRP B 1 65 ? 3.081   2.198   1.965   1.00 23.59 ? 65  TRP B CE2 1 
ATOM   1105 C CE3 . TRP B 1 65 ? 1.054   2.451   3.271   1.00 23.65 ? 65  TRP B CE3 1 
ATOM   1106 C CZ2 . TRP B 1 65 ? 3.457   3.524   2.194   1.00 24.67 ? 65  TRP B CZ2 1 
ATOM   1107 C CZ3 . TRP B 1 65 ? 1.418   3.763   3.486   1.00 26.29 ? 65  TRP B CZ3 1 
ATOM   1108 C CH2 . TRP B 1 65 ? 2.622   4.271   2.988   1.00 25.42 ? 65  TRP B CH2 1 
ATOM   1109 N N   . GLU B 1 66 ? -0.955  -2.020  4.836   1.00 21.06 ? 66  GLU B N   1 
ATOM   1110 C CA  . GLU B 1 66 ? -2.140  -2.848  5.172   1.00 23.36 ? 66  GLU B CA  1 
ATOM   1111 C C   . GLU B 1 66 ? -3.408  -2.012  4.977   1.00 22.00 ? 66  GLU B C   1 
ATOM   1112 O O   . GLU B 1 66 ? -3.379  -0.781  5.095   1.00 23.57 ? 66  GLU B O   1 
ATOM   1113 C CB  . GLU B 1 66 ? -2.061  -3.408  6.584   1.00 27.83 ? 66  GLU B CB  1 
ATOM   1114 C CG  . GLU B 1 66 ? -1.719  -2.363  7.599   1.00 33.27 ? 66  GLU B CG  1 
ATOM   1115 C CD  . GLU B 1 66 ? -1.739  -2.898  9.011   1.00 38.58 ? 66  GLU B CD  1 
ATOM   1116 O OE1 . GLU B 1 66 ? -1.668  -4.130  9.176   1.00 39.92 ? 66  GLU B OE1 1 
ATOM   1117 O OE2 . GLU B 1 66 ? -1.897  -2.071  9.900   1.00 41.22 ? 66  GLU B OE2 1 
ATOM   1118 N N   . VAL B 1 67 ? -4.480  -2.689  4.586   1.00 22.08 ? 67  VAL B N   1 
ATOM   1119 C CA  . VAL B 1 67 ? -5.851  -2.110  4.553   1.00 21.76 ? 67  VAL B CA  1 
ATOM   1120 C C   . VAL B 1 67 ? -6.294  -1.809  5.990   1.00 21.17 ? 67  VAL B C   1 
ATOM   1121 O O   . VAL B 1 67 ? -6.071  -2.657  6.880   1.00 21.58 ? 67  VAL B O   1 
ATOM   1122 C CB  . VAL B 1 67 ? -6.790  -3.070  3.821   1.00 22.44 ? 67  VAL B CB  1 
ATOM   1123 C CG1 . VAL B 1 67 ? -8.224  -2.624  3.900   1.00 24.72 ? 67  VAL B CG1 1 
ATOM   1124 C CG2 . VAL B 1 67 ? -6.361  -3.200  2.364   1.00 24.57 ? 67  VAL B CG2 1 
ATOM   1125 N N   . ASP B 1 68 ? -6.926  -0.653  6.182   1.00 21.13 ? 68  ASP B N   1 
ATOM   1126 C CA  . ASP B 1 68 ? -7.611  -0.327  7.460   1.00 22.63 ? 68  ASP B CA  1 
ATOM   1127 C C   . ASP B 1 68 ? -8.865  -1.191  7.521   1.00 21.41 ? 68  ASP B C   1 
ATOM   1128 O O   . ASP B 1 68 ? -9.808  -0.861  6.812   1.00 20.59 ? 68  ASP B O   1 
ATOM   1129 C CB  . ASP B 1 68 ? -7.878  1.173   7.565   1.00 26.77 ? 68  ASP B CB  1 
ATOM   1130 C CG  . ASP B 1 68 ? -8.536  1.559   8.892   1.00 29.08 ? 68  ASP B CG  1 
ATOM   1131 O OD1 . ASP B 1 68 ? -9.096  0.668   9.572   1.00 28.53 ? 68  ASP B OD1 1 
ATOM   1132 O OD2 . ASP B 1 68 ? -8.436  2.722   9.244   1.00 34.38 ? 68  ASP B OD2 1 
ATOM   1133 N N   . ASN B 1 69 ? -8.882  -2.269  8.321   1.00 21.35 ? 69  ASN B N   1 
ATOM   1134 C CA  . ASN B 1 69 ? -9.996  -3.254  8.312   1.00 22.60 ? 69  ASN B CA  1 
ATOM   1135 C C   . ASN B 1 69 ? -11.242 -2.587  8.881   1.00 20.36 ? 69  ASN B C   1 
ATOM   1136 O O   . ASN B 1 69 ? -12.326 -3.004  8.495   1.00 20.90 ? 69  ASN B O   1 
ATOM   1137 C CB  . ASN B 1 69 ? -9.677  -4.561  9.032   1.00 24.54 ? 69  ASN B CB  1 
ATOM   1138 C CG  . ASN B 1 69 ? -8.973  -5.569  8.151   1.00 24.85 ? 69  ASN B CG  1 
ATOM   1139 O OD1 . ASN B 1 69 ? -8.802  -5.359  6.945   1.00 22.09 ? 69  ASN B OD1 1 
ATOM   1140 N ND2 . ASN B 1 69 ? -8.514  -6.658  8.757   1.00 25.34 ? 69  ASN B ND2 1 
ATOM   1141 N N   . ASP B 1 70 ? -11.098 -1.603  9.756   1.00 21.71 ? 70  ASP B N   1 
ATOM   1142 C CA  . ASP B 1 70 ? -12.313 -0.922  10.311  1.00 24.50 ? 70  ASP B CA  1 
ATOM   1143 C C   . ASP B 1 70 ? -12.939 -0.043  9.215   1.00 24.01 ? 70  ASP B C   1 
ATOM   1144 O O   . ASP B 1 70 ? -14.172 -0.091  9.087   1.00 24.37 ? 70  ASP B O   1 
ATOM   1145 C CB  . ASP B 1 70 ? -11.996 -0.102  11.556  1.00 28.65 ? 70  ASP B CB  1 
ATOM   1146 C CG  . ASP B 1 70 ? -11.816 -0.948  12.822  1.00 36.64 ? 70  ASP B CG  1 
ATOM   1147 O OD1 . ASP B 1 70 ? -12.591 -1.941  13.026  1.00 34.53 ? 70  ASP B OD1 1 
ATOM   1148 O OD2 . ASP B 1 70 ? -10.930 -0.581  13.625  1.00 42.69 ? 70  ASP B OD2 1 
ATOM   1149 N N   . GLU B 1 71 ? -12.142 0.706   8.429   1.00 21.51 ? 71  GLU B N   1 
ATOM   1150 C CA  . GLU B 1 71 ? -12.649 1.505   7.272   1.00 23.09 ? 71  GLU B CA  1 
ATOM   1151 C C   . GLU B 1 71 ? -13.243 0.552   6.234   1.00 20.88 ? 71  GLU B C   1 
ATOM   1152 O O   . GLU B 1 71 ? -14.363 0.843   5.679   1.00 19.63 ? 71  GLU B O   1 
ATOM   1153 C CB  . GLU B 1 71 ? -11.553 2.410   6.701   1.00 25.54 ? 71  GLU B CB  1 
ATOM   1154 C CG  . GLU B 1 71 ? -11.202 3.585   7.573   1.00 32.30 ? 71  GLU B CG  1 
ATOM   1155 C CD  . GLU B 1 71 ? -12.210 4.724   7.581   1.00 36.49 ? 71  GLU B CD  1 
ATOM   1156 O OE1 . GLU B 1 71 ? -13.309 4.555   7.022   1.00 37.46 ? 71  GLU B OE1 1 
ATOM   1157 O OE2 . GLU B 1 71 ? -11.889 5.780   8.155   1.00 48.61 ? 71  GLU B OE2 1 
ATOM   1158 N N   . LEU B 1 72 ? -12.611 -0.592  5.963   1.00 19.46 ? 72  LEU B N   1 
ATOM   1159 C CA  . LEU B 1 72 ? -13.228 -1.589  5.039   1.00 18.02 ? 72  LEU B CA  1 
ATOM   1160 C C   . LEU B 1 72 ? -14.558 -2.105  5.598   1.00 20.33 ? 72  LEU B C   1 
ATOM   1161 O O   . LEU B 1 72 ? -15.527 -2.130  4.836   1.00 20.86 ? 72  LEU B O   1 
ATOM   1162 C CB  . LEU B 1 72 ? -12.249 -2.717  4.730   1.00 17.57 ? 72  LEU B CB  1 
ATOM   1163 C CG  . LEU B 1 72 ? -12.785 -3.853  3.868   1.00 19.34 ? 72  LEU B CG  1 
ATOM   1164 C CD1 . LEU B 1 72 ? -13.099 -3.339  2.471   1.00 21.77 ? 72  LEU B CD1 1 
ATOM   1165 C CD2 . LEU B 1 72 ? -11.784 -5.013  3.818   1.00 20.46 ? 72  LEU B CD2 1 
ATOM   1166 N N   . ALA B 1 73 ? -14.627 -2.515  6.880   1.00 20.27 ? 73  ALA B N   1 
ATOM   1167 C CA  . ALA B 1 73 ? -15.884 -2.986  7.496   1.00 22.62 ? 73  ALA B CA  1 
ATOM   1168 C C   . ALA B 1 73 ? -16.964 -1.894  7.381   1.00 22.45 ? 73  ALA B C   1 
ATOM   1169 O O   . ALA B 1 73 ? -18.127 -2.269  7.067   1.00 25.02 ? 73  ALA B O   1 
ATOM   1170 C CB  . ALA B 1 73 ? -15.644 -3.349  8.954   1.00 23.45 ? 73  ALA B CB  1 
ATOM   1171 N N   . ASN B 1 74 ? -16.598 -0.631  7.629   1.00 22.06 ? 74  ASN B N   1 
ATOM   1172 C CA  . ASN B 1 74 ? -17.534 0.538   7.618   1.00 27.11 ? 74  ASN B CA  1 
ATOM   1173 C C   . ASN B 1 74 ? -18.143 0.645   6.219   1.00 26.31 ? 74  ASN B C   1 
ATOM   1174 O O   . ASN B 1 74 ? -19.369 0.732   6.097   1.00 27.42 ? 74  ASN B O   1 
ATOM   1175 C CB  . ASN B 1 74 ? -16.863 1.877   7.887   1.00 29.85 ? 74  ASN B CB  1 
ATOM   1176 C CG  . ASN B 1 74 ? -17.305 2.526   9.177   1.00 39.87 ? 74  ASN B CG  1 
ATOM   1177 O OD1 . ASN B 1 74 ? -18.485 2.456   9.521   1.00 37.24 ? 74  ASN B OD1 1 
ATOM   1178 N ND2 . ASN B 1 74 ? -16.353 3.134   9.878   1.00 38.02 ? 74  ASN B ND2 1 
ATOM   1179 N N   . ALA B 1 75 ? -17.311 0.518   5.179   1.00 24.95 ? 75  ALA B N   1 
ATOM   1180 C CA  . ALA B 1 75 ? -17.812 0.538   3.778   1.00 23.12 ? 75  ALA B CA  1 
ATOM   1181 C C   . ALA B 1 75 ? -18.800 -0.592  3.522   1.00 24.03 ? 75  ALA B C   1 
ATOM   1182 O O   . ALA B 1 75 ? -19.813 -0.352  2.795   1.00 24.91 ? 75  ALA B O   1 
ATOM   1183 C CB  . ALA B 1 75 ? -16.670 0.512   2.783   1.00 22.04 ? 75  ALA B CB  1 
ATOM   1184 N N   . LEU B 1 76 ? -18.549 -1.791  4.040   1.00 21.15 ? 76  LEU B N   1 
ATOM   1185 C CA  . LEU B 1 76 ? -19.373 -2.985  3.782   1.00 23.46 ? 76  LEU B CA  1 
ATOM   1186 C C   . LEU B 1 76 ? -20.660 -2.953  4.601   1.00 27.95 ? 76  LEU B C   1 
ATOM   1187 O O   . LEU B 1 76 ? -21.629 -3.567  4.149   1.00 31.85 ? 76  LEU B O   1 
ATOM   1188 C CB  . LEU B 1 76 ? -18.571 -4.247  4.072   1.00 25.10 ? 76  LEU B CB  1 
ATOM   1189 C CG  . LEU B 1 76 ? -17.332 -4.366  3.191   1.00 25.77 ? 76  LEU B CG  1 
ATOM   1190 C CD1 . LEU B 1 76 ? -16.649 -5.700  3.453   1.00 27.53 ? 76  LEU B CD1 1 
ATOM   1191 C CD2 . LEU B 1 76 ? -17.696 -4.221  1.721   1.00 29.11 ? 76  LEU B CD2 1 
ATOM   1192 N N   . LEU B 1 77 ? -20.710 -2.253  5.721   1.00 30.21 ? 77  LEU B N   1 
ATOM   1193 C CA  . LEU B 1 77 ? -21.981 -2.335  6.494   1.00 35.41 ? 77  LEU B CA  1 
ATOM   1194 C C   . LEU B 1 77 ? -22.934 -1.226  6.036   1.00 31.47 ? 77  LEU B C   1 
ATOM   1195 O O   . LEU B 1 77 ? -24.111 -1.324  6.382   1.00 36.92 ? 77  LEU B O   1 
ATOM   1196 C CB  . LEU B 1 77 ? -21.729 -2.362  8.003   1.00 37.74 ? 77  LEU B CB  1 
ATOM   1197 C CG  . LEU B 1 77 ? -20.871 -1.271  8.609   1.00 40.55 ? 77  LEU B CG  1 
ATOM   1198 C CD1 . LEU B 1 77 ? -21.689 -0.031  8.927   1.00 45.63 ? 77  LEU B CD1 1 
ATOM   1199 C CD2 . LEU B 1 77 ? -20.193 -1.807  9.868   1.00 42.18 ? 77  LEU B CD2 1 
ATOM   1200 N N   . LEU B 1 78 ? -22.469 -0.266  5.238   1.00 29.09 ? 78  LEU B N   1 
ATOM   1201 C CA  . LEU B 1 78 ? -23.326 0.758   4.567   1.00 33.64 ? 78  LEU B CA  1 
ATOM   1202 C C   . LEU B 1 78 ? -24.163 0.123   3.459   1.00 34.81 ? 78  LEU B C   1 
ATOM   1203 O O   . LEU B 1 78 ? -23.665 -0.748  2.733   1.00 35.37 ? 78  LEU B O   1 
ATOM   1204 C CB  . LEU B 1 78 ? -22.477 1.891   3.989   1.00 32.35 ? 78  LEU B CB  1 
ATOM   1205 C CG  . LEU B 1 78 ? -21.751 2.755   5.006   1.00 39.18 ? 78  LEU B CG  1 
ATOM   1206 C CD1 . LEU B 1 78 ? -20.975 3.854   4.305   1.00 45.17 ? 78  LEU B CD1 1 
ATOM   1207 C CD2 . LEU B 1 78 ? -22.716 3.338   6.035   1.00 40.24 ? 78  LEU B CD2 1 
ATOM   1208 N N   . GLU B 1 79 ? -25.401 0.591   3.309   1.00 33.39 ? 79  GLU B N   1 
ATOM   1209 C CA  . GLU B 1 79 ? -26.280 0.261   2.156   1.00 38.30 ? 79  GLU B CA  1 
ATOM   1210 C C   . GLU B 1 79 ? -25.698 0.834   0.857   1.00 39.25 ? 79  GLU B C   1 
ATOM   1211 O O   . GLU B 1 79 ? -25.063 1.874   1.053   1.00 44.43 ? 79  GLU B O   1 
ATOM   1212 C CB  . GLU B 1 79 ? -27.656 0.847   2.439   1.00 40.43 ? 79  GLU B CB  1 
ATOM   1213 C CG  . GLU B 1 79 ? -28.268 0.272   3.687   1.00 40.56 ? 79  GLU B CG  1 
ATOM   1214 C CD  . GLU B 1 79 ? -28.557 -1.213  3.561   1.00 49.13 ? 79  GLU B CD  1 
ATOM   1215 O OE1 . GLU B 1 79 ? -28.823 -1.661  2.405   1.00 48.30 ? 79  GLU B OE1 1 
ATOM   1216 O OE2 . GLU B 1 79 ? -28.518 -1.915  4.609   1.00 48.66 ? 79  GLU B OE2 1 
HETATM 1217 O O   . HOH C 2 .  ? 6.298   -14.070 -11.414 1.00 37.24 ? 101 HOH A O   1 
HETATM 1218 O O   . HOH C 2 .  ? 3.301   -8.107  -13.233 1.00 44.40 ? 102 HOH A O   1 
HETATM 1219 O O   . HOH C 2 .  ? 2.884   -4.709  -3.242  1.00 37.53 ? 103 HOH A O   1 
HETATM 1220 O O   . HOH C 2 .  ? -8.304  3.331   -12.397 1.00 36.44 ? 104 HOH A O   1 
HETATM 1221 O O   . HOH C 2 .  ? 17.954  -6.019  9.346   1.00 41.07 ? 105 HOH A O   1 
HETATM 1222 O O   . HOH C 2 .  ? -5.159  -16.729 -11.328 1.00 44.93 ? 106 HOH A O   1 
HETATM 1223 O O   . HOH C 2 .  ? -9.079  3.430   -9.629  1.00 33.24 ? 107 HOH A O   1 
HETATM 1224 O O   . HOH C 2 .  ? -14.421 -15.379 -0.072  1.00 58.95 ? 108 HOH A O   1 
HETATM 1225 O O   . HOH C 2 .  ? 2.481   -16.266 -7.585  1.00 46.05 ? 109 HOH A O   1 
HETATM 1226 O O   . HOH C 2 .  ? -4.841  1.310   -4.211  1.00 28.66 ? 110 HOH A O   1 
HETATM 1227 O O   . HOH C 2 .  ? -3.799  -15.012 1.159   1.00 32.58 ? 111 HOH A O   1 
HETATM 1228 O O   . HOH C 2 .  ? 2.771   -13.325 2.029   1.00 38.26 ? 112 HOH A O   1 
HETATM 1229 O O   . HOH C 2 .  ? -10.371 -14.913 -3.946  1.00 47.21 ? 113 HOH A O   1 
HETATM 1230 O O   . HOH C 2 .  ? -7.324  -14.930 6.481   1.00 36.46 ? 114 HOH A O   1 
HETATM 1231 O O   . HOH C 2 .  ? 0.334   -6.061  4.746   1.00 39.74 ? 115 HOH A O   1 
HETATM 1232 O O   . HOH C 2 .  ? -4.098  -15.110 -9.334  1.00 36.17 ? 116 HOH A O   1 
HETATM 1233 O O   . HOH C 2 .  ? 5.583   -0.955  -8.050  1.00 34.54 ? 117 HOH A O   1 
HETATM 1234 O O   . HOH C 2 .  ? -4.309  -5.565  4.520   1.00 19.80 ? 118 HOH A O   1 
HETATM 1235 O O   . HOH C 2 .  ? -7.428  -9.884  9.672   1.00 39.82 ? 119 HOH A O   1 
HETATM 1236 O O   . HOH C 2 .  ? 3.467   -4.259  -9.037  1.00 41.03 ? 120 HOH A O   1 
HETATM 1237 O O   . HOH C 2 .  ? -15.697 -4.833  -6.399  1.00 28.09 ? 121 HOH A O   1 
HETATM 1238 O O   . HOH C 2 .  ? 4.305   -10.613 -11.251 1.00 39.58 ? 122 HOH A O   1 
HETATM 1239 O O   . HOH C 2 .  ? 7.946   -6.250  14.118  1.00 29.72 ? 123 HOH A O   1 
HETATM 1240 O O   . HOH C 2 .  ? -6.741  -0.189  -3.011  1.00 21.86 ? 124 HOH A O   1 
HETATM 1241 O O   . HOH C 2 .  ? 8.735   -11.310 -6.526  1.00 42.60 ? 125 HOH A O   1 
HETATM 1242 O O   . HOH C 2 .  ? 3.067   -3.139  -6.730  1.00 32.61 ? 126 HOH A O   1 
HETATM 1243 O O   . HOH C 2 .  ? -6.214  -17.110 -2.179  1.00 40.86 ? 127 HOH A O   1 
HETATM 1244 O O   . HOH C 2 .  ? 7.309   -4.525  16.102  1.00 29.50 ? 128 HOH A O   1 
HETATM 1245 O O   . HOH C 2 .  ? -7.383  -12.198 -14.025 1.00 37.28 ? 129 HOH A O   1 
HETATM 1246 O O   . HOH C 2 .  ? -11.982 4.452   -0.250  1.00 35.61 ? 130 HOH A O   1 
HETATM 1247 O O   . HOH C 2 .  ? -20.464 -12.510 -2.523  1.00 34.76 ? 131 HOH A O   1 
HETATM 1248 O O   . HOH C 2 .  ? -17.375 -9.827  -4.142  1.00 30.93 ? 132 HOH A O   1 
HETATM 1249 O O   . HOH C 2 .  ? 4.180   -13.324 -14.607 1.00 38.70 ? 133 HOH A O   1 
HETATM 1250 O O   . HOH C 2 .  ? -9.386  6.313   -4.781  1.00 36.54 ? 134 HOH A O   1 
HETATM 1251 O O   . HOH C 2 .  ? 5.303   -8.186  -2.848  1.00 35.35 ? 135 HOH A O   1 
HETATM 1252 O O   . HOH C 2 .  ? -21.584 -15.098 -0.366  1.00 41.41 ? 136 HOH A O   1 
HETATM 1253 O O   . HOH C 2 .  ? -11.803 5.517   -5.720  1.00 56.06 ? 137 HOH A O   1 
HETATM 1254 O O   . HOH C 2 .  ? -12.030 -14.912 -8.071  1.00 42.74 ? 138 HOH A O   1 
HETATM 1255 O O   . HOH C 2 .  ? -0.347  -13.422 -5.659  1.00 32.76 ? 139 HOH A O   1 
HETATM 1256 O O   . HOH C 2 .  ? -1.513  6.160   3.611   1.00 42.46 ? 140 HOH A O   1 
HETATM 1257 O O   . HOH C 2 .  ? -6.361  -15.218 2.041   1.00 32.03 ? 141 HOH A O   1 
HETATM 1258 O O   . HOH C 2 .  ? -3.526  4.937   9.113   1.00 47.73 ? 142 HOH A O   1 
HETATM 1259 O O   . HOH C 2 .  ? 6.250   -1.471  -10.427 1.00 51.12 ? 143 HOH A O   1 
HETATM 1260 O O   . HOH C 2 .  ? -2.191  -16.627 3.097   1.00 39.75 ? 144 HOH A O   1 
HETATM 1261 O O   . HOH C 2 .  ? 1.664   -3.009  -0.930  1.00 36.95 ? 145 HOH A O   1 
HETATM 1262 O O   . HOH C 2 .  ? -6.300  -16.404 4.598   1.00 43.32 ? 146 HOH A O   1 
HETATM 1263 O O   . HOH C 2 .  ? -3.787  -16.037 -1.628  1.00 34.69 ? 147 HOH A O   1 
HETATM 1264 O O   . HOH C 2 .  ? -3.885  -17.509 4.681   1.00 46.60 ? 148 HOH A O   1 
HETATM 1265 O O   . HOH D 2 .  ? 4.693   1.387   -2.873  1.00 31.09 ? 101 HOH B O   1 
HETATM 1266 O O   . HOH D 2 .  ? 18.131  6.943   2.025   1.00 32.65 ? 102 HOH B O   1 
HETATM 1267 O O   . HOH D 2 .  ? 16.898  -5.143  1.670   1.00 53.73 ? 103 HOH B O   1 
HETATM 1268 O O   . HOH D 2 .  ? 7.099   -6.427  2.707   1.00 42.55 ? 104 HOH B O   1 
HETATM 1269 O O   . HOH D 2 .  ? 15.016  9.301   -11.495 1.00 36.75 ? 105 HOH B O   1 
HETATM 1270 O O   . HOH D 2 .  ? -10.129 3.434   11.085  1.00 56.35 ? 106 HOH B O   1 
HETATM 1271 O O   . HOH D 2 .  ? 10.267  -3.388  -4.939  1.00 47.69 ? 107 HOH B O   1 
HETATM 1272 O O   . HOH D 2 .  ? 6.347   21.119  -9.528  1.00 40.95 ? 108 HOH B O   1 
HETATM 1273 O O   . HOH D 2 .  ? 6.750   10.412  15.176  1.00 37.17 ? 109 HOH B O   1 
HETATM 1274 O O   . HOH D 2 .  ? -5.993  -5.286  6.659   1.00 28.30 ? 110 HOH B O   1 
HETATM 1275 O O   . HOH D 2 .  ? 18.567  6.193   4.564   1.00 29.22 ? 111 HOH B O   1 
HETATM 1276 O O   . HOH D 2 .  ? 2.023   -4.278  1.834   1.00 30.94 ? 112 HOH B O   1 
HETATM 1277 O O   . HOH D 2 .  ? 8.709   20.647  -3.351  1.00 46.81 ? 113 HOH B O   1 
HETATM 1278 O O   . HOH D 2 .  ? 7.394   17.154  -11.081 1.00 29.15 ? 114 HOH B O   1 
HETATM 1279 O O   . HOH D 2 .  ? -14.463 3.445   4.851   1.00 30.45 ? 115 HOH B O   1 
HETATM 1280 O O   . HOH D 2 .  ? -19.757 1.730   1.081   1.00 28.76 ? 116 HOH B O   1 
HETATM 1281 O O   . HOH D 2 .  ? -3.439  16.354  1.910   1.00 39.40 ? 117 HOH B O   1 
HETATM 1282 O O   . HOH D 2 .  ? 2.933   9.907   -12.854 1.00 48.85 ? 118 HOH B O   1 
HETATM 1283 O O   . HOH D 2 .  ? 13.050  15.962  -3.670  1.00 31.01 ? 119 HOH B O   1 
HETATM 1284 O O   . HOH D 2 .  ? 12.759  5.136   18.317  1.00 25.77 ? 120 HOH B O   1 
HETATM 1285 O O   . HOH D 2 .  ? 5.635   14.179  9.628   1.00 25.88 ? 121 HOH B O   1 
HETATM 1286 O O   . HOH D 2 .  ? -2.560  8.275   6.514   1.00 38.52 ? 122 HOH B O   1 
HETATM 1287 O O   . HOH D 2 .  ? 16.154  3.418   0.290   1.00 25.51 ? 123 HOH B O   1 
HETATM 1288 O O   . HOH D 2 .  ? 3.920   16.304  2.149   1.00 34.63 ? 124 HOH B O   1 
HETATM 1289 O O   . HOH D 2 .  ? 5.998   1.791   -0.372  1.00 18.86 ? 125 HOH B O   1 
HETATM 1290 O O   . HOH D 2 .  ? 8.524   -5.286  -0.653  1.00 37.87 ? 126 HOH B O   1 
HETATM 1291 O O   . HOH D 2 .  ? 9.706   0.057   -7.728  1.00 40.13 ? 127 HOH B O   1 
HETATM 1292 O O   . HOH D 2 .  ? 11.966  18.147  -11.933 1.00 38.01 ? 128 HOH B O   1 
HETATM 1293 O O   . HOH D 2 .  ? -6.720  -2.942  10.095  1.00 32.35 ? 129 HOH B O   1 
HETATM 1294 O O   . HOH D 2 .  ? 3.176   6.670   -11.258 1.00 40.03 ? 130 HOH B O   1 
HETATM 1295 O O   . HOH D 2 .  ? 13.468  -3.485  -0.082  1.00 40.61 ? 131 HOH B O   1 
HETATM 1296 O O   . HOH D 2 .  ? 2.369   20.614  2.002   1.00 37.70 ? 132 HOH B O   1 
HETATM 1297 O O   . HOH D 2 .  ? 15.597  8.793   10.835  1.00 41.25 ? 133 HOH B O   1 
HETATM 1298 O O   . HOH D 2 .  ? 1.910   18.130  2.948   1.00 35.82 ? 134 HOH B O   1 
HETATM 1299 O O   . HOH D 2 .  ? 15.107  4.469   -6.732  1.00 45.96 ? 135 HOH B O   1 
HETATM 1300 O O   . HOH D 2 .  ? 18.738  8.524   13.128  1.00 36.61 ? 136 HOH B O   1 
HETATM 1301 O O   . HOH D 2 .  ? -1.348  10.938  -8.496  1.00 46.29 ? 137 HOH B O   1 
HETATM 1302 O O   . HOH D 2 .  ? 7.483   2.149   -11.268 1.00 44.31 ? 138 HOH B O   1 
HETATM 1303 O O   . HOH D 2 .  ? -2.556  4.586   -5.375  1.00 40.70 ? 139 HOH B O   1 
HETATM 1304 O O   . HOH D 2 .  ? 16.420  13.891  2.794   1.00 32.26 ? 140 HOH B O   1 
HETATM 1305 O O   . HOH D 2 .  ? 11.795  -0.069  -6.622  1.00 44.54 ? 141 HOH B O   1 
HETATM 1306 O O   . HOH D 2 .  ? -2.944  12.919  1.383   1.00 36.03 ? 142 HOH B O   1 
HETATM 1307 O O   . HOH D 2 .  ? -9.344  -7.086  11.644  1.00 37.06 ? 143 HOH B O   1 
HETATM 1308 O O   . HOH D 2 .  ? -4.924  13.479  3.688   1.00 50.66 ? 144 HOH B O   1 
HETATM 1309 O O   . HOH D 2 .  ? 13.506  2.564   -6.801  1.00 42.93 ? 145 HOH B O   1 
HETATM 1310 O O   . HOH D 2 .  ? 20.083  -0.382  9.950   1.00 40.06 ? 146 HOH B O   1 
HETATM 1311 O O   . HOH D 2 .  ? 11.652  -4.397  -1.278  1.00 40.28 ? 147 HOH B O   1 
HETATM 1312 O O   . HOH D 2 .  ? 21.463  5.879   7.149   1.00 33.88 ? 148 HOH B O   1 
HETATM 1313 O O   . HOH D 2 .  ? -4.712  -5.701  8.851   1.00 37.02 ? 149 HOH B O   1 
HETATM 1314 O O   . HOH D 2 .  ? -15.810 7.173   6.485   1.00 55.16 ? 150 HOH B O   1 
HETATM 1315 O O   . HOH D 2 .  ? 2.207   13.205  -8.231  1.00 40.34 ? 151 HOH B O   1 
HETATM 1316 O O   . HOH D 2 .  ? 3.990   -1.333  -1.889  1.00 33.20 ? 152 HOH B O   1 
HETATM 1317 O O   . HOH D 2 .  ? -19.604 5.931   8.148   1.00 53.21 ? 153 HOH B O   1 
HETATM 1318 O O   . HOH D 2 .  ? 21.179  6.047   4.832   1.00 34.17 ? 154 HOH B O   1 
HETATM 1319 O O   . HOH D 2 .  ? 6.246   -3.059  -5.930  1.00 42.13 ? 155 HOH B O   1 
HETATM 1320 O O   . HOH D 2 .  ? -17.895 4.096   2.143   1.00 49.49 ? 156 HOH B O   1 
HETATM 1321 O O   . HOH D 2 .  ? -15.938 4.607   0.731   1.00 42.71 ? 157 HOH B O   1 
# 
